data_5ESV
#
_entry.id   5ESV
#
_cell.length_a   162.693
_cell.length_b   98.211
_cell.length_c   170.629
_cell.angle_alpha   90.00
_cell.angle_beta   112.82
_cell.angle_gamma   90.00
#
_symmetry.space_group_name_H-M   'C 1 2 1'
#
loop_
_entity.id
_entity.type
_entity.pdbx_description
1 polymer 'CH03 Heavy Chain'
2 polymer 'CH03 Light Chain'
3 polymer '2-C-methyl-D-erythritol 2,4-cyclodiphosphate synthase,Envelope glycoprotein gp160'
4 branched 2-acetamido-2-deoxy-beta-D-glucopyranose-(1-4)-2-acetamido-2-deoxy-beta-D-glucopyranose
5 branched alpha-D-mannopyranose-(1-3)-[alpha-D-mannopyranose-(1-6)]beta-D-mannopyranose-(1-4)-2-acetamido-2-deoxy-beta-D-glucopyranose-(1-4)-2-acetamido-2-deoxy-beta-D-glucopyranose
6 branched alpha-D-mannopyranose-(1-3)-[alpha-D-mannopyranose-(1-6)]alpha-D-mannopyranose-(1-6)-[alpha-D-mannopyranose-(1-3)]beta-D-mannopyranose-(1-4)-2-acetamido-2-deoxy-beta-D-glucopyranose-(1-4)-2-acetamido-2-deoxy-beta-D-glucopyranose
7 branched beta-D-mannopyranose-(1-4)-2-acetamido-2-deoxy-beta-D-glucopyranose-(1-4)-2-acetamido-2-deoxy-beta-D-glucopyranose
8 branched alpha-D-mannopyranose-(1-3)-alpha-D-mannopyranose-(1-6)-[alpha-D-mannopyranose-(1-3)]beta-D-mannopyranose-(1-4)-2-acetamido-2-deoxy-beta-D-glucopyranose-(1-4)-2-acetamido-2-deoxy-beta-D-glucopyranose
9 non-polymer 'ZINC ION'
10 non-polymer 2-acetamido-2-deoxy-beta-D-glucopyranose
11 water water
#
loop_
_entity_poly.entity_id
_entity_poly.type
_entity_poly.pdbx_seq_one_letter_code
_entity_poly.pdbx_strand_id
1 'polypeptide(L)'
;EVQLVESGGGVVRPGGSLRLSCAASGFIFENYGLTWVRQVPGKGLHWVSGMNWNGGDTRYADSVRGRFSMSRDNSNNIAY
LQMKNLRVDDTALYYCARGTDYTIDDQGIFYKGSGTFWYFDLWGRGTLVTVSSASTKGPSVFPLAPSSKSTSGGTAALGC
LVKDYFPEPVTVSWNSGALTSGVHTFPAVLQSSGLYSLSSVVTVPSSSLGTQTYICNVNHKPSNTKVDKRVEPKSCDKGL
EVLF
;
A,C,H
2 'polypeptide(L)'
;EIVLTQSPATLSLSPGERATLSCRASQSVHPKYFAWYQQKPGQSPRLLIYSGSTRAAGIADRFSGGGSGIHFTLTITRVE
PEDFAVYFCQQYGGSPYTFGQGTKVELRRTVAAPSVFIFPPSDEQLKSGTASVVCLLNNFYPREAKVQWKVDNALQSGNS
QESVTEQDSKDSTYSLSSTLTLSKADYEKHKVYACEVTHQGLSSPVTKSFNRGEC
;
B,D,L
3 'polypeptide(L)'
;SLIRIGHGFDVHAFGCVTLNCSDAKVNINATYNGTREEIKNCSFNATTELRDKKKKEYALFYRLDIVPLNKEGNNNSEYR
LINCNGGSGGDVALHALTDAILGAAALGDIGKLFPKNADSRGLLREAFRQVQEKGYKIGNVDITIIAQAPKMRPHIDAMR
AKIAEDLQCDIEQVNVKATTTEKLGFTGRQEGIACEAVALLIRQGLEVLFQ
;
E,F,G
#
# COMPACT_ATOMS: atom_id res chain seq x y z
N GLU A 1 -1.46 -1.28 -0.96
CA GLU A 1 -2.06 -1.82 -2.21
C GLU A 1 -3.08 -0.84 -2.80
N VAL A 2 -2.67 -0.15 -3.86
CA VAL A 2 -3.55 0.80 -4.54
C VAL A 2 -4.45 0.01 -5.49
N GLN A 3 -5.76 0.13 -5.30
CA GLN A 3 -6.70 -0.76 -5.96
C GLN A 3 -8.01 -0.05 -6.22
N LEU A 4 -8.67 -0.43 -7.31
CA LEU A 4 -10.03 0.00 -7.60
C LEU A 4 -10.86 -1.23 -7.94
N VAL A 5 -12.11 -1.24 -7.48
CA VAL A 5 -12.98 -2.40 -7.62
C VAL A 5 -14.37 -1.91 -8.00
N GLU A 6 -14.81 -2.23 -9.21
CA GLU A 6 -16.14 -1.88 -9.66
C GLU A 6 -17.13 -2.98 -9.27
N SER A 7 -18.37 -2.57 -9.02
CA SER A 7 -19.44 -3.51 -8.75
C SER A 7 -20.76 -2.93 -9.24
N GLY A 8 -21.80 -3.77 -9.19
CA GLY A 8 -23.14 -3.35 -9.56
C GLY A 8 -23.53 -3.66 -10.99
N GLY A 9 -22.64 -4.24 -11.78
CA GLY A 9 -22.97 -4.59 -13.14
C GLY A 9 -24.04 -5.67 -13.19
N GLY A 10 -24.20 -6.24 -14.37
CA GLY A 10 -25.12 -7.33 -14.58
C GLY A 10 -25.97 -7.10 -15.80
N VAL A 11 -27.11 -7.79 -15.85
CA VAL A 11 -28.01 -7.73 -16.99
C VAL A 11 -29.17 -6.81 -16.66
N VAL A 12 -29.59 -6.03 -17.66
CA VAL A 12 -30.72 -5.10 -17.51
C VAL A 12 -31.41 -5.00 -18.85
N ARG A 13 -32.71 -4.79 -18.81
CA ARG A 13 -33.51 -4.73 -20.02
C ARG A 13 -33.52 -3.33 -20.60
N PRO A 14 -33.70 -3.18 -21.92
CA PRO A 14 -33.72 -1.83 -22.51
C PRO A 14 -34.70 -0.92 -21.81
N GLY A 15 -34.32 0.36 -21.74
CA GLY A 15 -35.06 1.33 -20.94
C GLY A 15 -34.89 1.17 -19.45
N GLY A 16 -34.07 0.23 -19.01
CA GLY A 16 -33.89 -0.04 -17.59
C GLY A 16 -33.00 0.98 -16.93
N SER A 17 -32.49 0.60 -15.75
CA SER A 17 -31.57 1.43 -15.00
C SER A 17 -30.58 0.51 -14.31
N LEU A 18 -29.48 1.11 -13.86
CA LEU A 18 -28.44 0.35 -13.18
C LEU A 18 -27.49 1.35 -12.54
N ARG A 19 -26.83 0.91 -11.47
CA ARG A 19 -25.99 1.80 -10.67
C ARG A 19 -24.71 1.08 -10.34
N LEU A 20 -23.60 1.62 -10.82
CA LEU A 20 -22.28 1.02 -10.64
C LEU A 20 -21.56 1.73 -9.49
N SER A 21 -20.82 0.95 -8.73
CA SER A 21 -20.04 1.45 -7.60
C SER A 21 -18.57 1.20 -7.86
N CYS A 22 -17.74 2.11 -7.36
CA CYS A 22 -16.29 1.99 -7.45
C CYS A 22 -15.71 2.12 -6.05
N ALA A 23 -14.82 1.21 -5.69
CA ALA A 23 -14.33 1.10 -4.32
C ALA A 23 -12.81 1.16 -4.33
N ALA A 24 -12.27 2.15 -3.62
CA ALA A 24 -10.84 2.47 -3.68
C ALA A 24 -10.15 2.11 -2.37
N SER A 25 -8.82 1.97 -2.45
CA SER A 25 -8.01 1.50 -1.33
C SER A 25 -6.54 1.82 -1.55
N GLY A 26 -5.87 2.38 -0.55
CA GLY A 26 -4.43 2.56 -0.59
C GLY A 26 -3.94 3.94 -0.99
N PHE A 27 -4.82 4.93 -1.04
CA PHE A 27 -4.40 6.29 -1.38
C PHE A 27 -5.45 7.26 -0.86
N ILE A 28 -5.05 8.52 -0.76
CA ILE A 28 -5.97 9.55 -0.27
C ILE A 28 -7.01 9.80 -1.36
N PHE A 29 -8.21 9.28 -1.13
CA PHE A 29 -9.22 9.22 -2.19
C PHE A 29 -9.71 10.61 -2.58
N GLU A 30 -9.79 11.54 -1.61
CA GLU A 30 -10.34 12.85 -1.91
C GLU A 30 -9.34 13.77 -2.58
N ASN A 31 -8.06 13.41 -2.64
CA ASN A 31 -7.08 14.21 -3.35
C ASN A 31 -7.08 13.94 -4.85
N TYR A 32 -7.77 12.91 -5.31
CA TYR A 32 -7.71 12.48 -6.70
C TYR A 32 -9.06 12.68 -7.39
N GLY A 33 -9.02 12.90 -8.72
CA GLY A 33 -10.20 12.83 -9.52
C GLY A 33 -10.50 11.41 -9.99
N LEU A 34 -11.65 11.24 -10.65
CA LEU A 34 -12.08 9.92 -11.09
C LEU A 34 -12.78 9.99 -12.43
N THR A 35 -12.71 8.89 -13.17
CA THR A 35 -13.36 8.78 -14.46
C THR A 35 -13.92 7.38 -14.64
N TRP A 36 -15.05 7.31 -15.33
CA TRP A 36 -15.57 6.05 -15.84
C TRP A 36 -15.22 5.95 -17.32
N VAL A 37 -14.75 4.77 -17.74
CA VAL A 37 -14.44 4.49 -19.13
C VAL A 37 -15.06 3.14 -19.48
N ARG A 38 -15.68 3.06 -20.64
CA ARG A 38 -16.33 1.83 -21.07
C ARG A 38 -15.71 1.33 -22.37
N GLN A 39 -15.75 0.01 -22.54
CA GLN A 39 -15.06 -0.64 -23.65
C GLN A 39 -15.82 -1.91 -24.00
N VAL A 40 -16.18 -2.06 -25.25
CA VAL A 40 -16.67 -3.37 -25.71
C VAL A 40 -15.50 -4.32 -25.79
N PRO A 41 -15.62 -5.57 -25.32
CA PRO A 41 -14.44 -6.43 -25.18
C PRO A 41 -13.49 -6.45 -26.37
N GLY A 42 -14.00 -6.71 -27.57
CA GLY A 42 -13.12 -6.79 -28.73
C GLY A 42 -12.63 -5.44 -29.22
N LYS A 43 -13.38 -4.38 -28.97
CA LYS A 43 -13.14 -3.08 -29.57
C LYS A 43 -12.30 -2.20 -28.63
N GLY A 44 -12.41 -0.88 -28.77
CA GLY A 44 -11.56 0.06 -28.07
C GLY A 44 -12.25 0.80 -26.94
N LEU A 45 -11.49 1.71 -26.35
CA LEU A 45 -11.93 2.45 -25.16
C LEU A 45 -12.79 3.64 -25.55
N HIS A 46 -13.76 3.94 -24.69
CA HIS A 46 -14.65 5.08 -24.87
C HIS A 46 -14.86 5.79 -23.55
N TRP A 47 -14.46 7.05 -23.49
CA TRP A 47 -14.62 7.83 -22.26
C TRP A 47 -16.10 8.02 -21.95
N VAL A 48 -16.49 7.80 -20.69
CA VAL A 48 -17.88 7.88 -20.25
C VAL A 48 -18.15 9.16 -19.47
N SER A 49 -17.51 9.31 -18.31
CA SER A 49 -17.73 10.49 -17.47
C SER A 49 -16.53 10.65 -16.54
N GLY A 50 -16.38 11.86 -16.02
CA GLY A 50 -15.29 12.15 -15.10
C GLY A 50 -15.66 13.26 -14.14
N MET A 51 -15.04 13.24 -12.97
CA MET A 51 -15.30 14.25 -11.94
C MET A 51 -14.03 14.48 -11.14
N ASN A 52 -13.90 15.70 -10.62
CA ASN A 52 -12.68 16.13 -9.95
C ASN A 52 -12.73 15.74 -8.47
N TRP A 53 -11.93 16.40 -7.63
CA TRP A 53 -11.73 15.96 -6.25
C TRP A 53 -13.00 16.07 -5.41
N ASN A 54 -13.79 17.11 -5.62
CA ASN A 54 -14.96 17.38 -4.80
C ASN A 54 -16.28 17.25 -5.56
N GLY A 55 -16.25 16.85 -6.83
CA GLY A 55 -17.45 16.81 -7.63
C GLY A 55 -17.90 18.14 -8.19
N GLY A 56 -17.23 19.24 -7.83
CA GLY A 56 -17.54 20.54 -8.41
C GLY A 56 -17.29 20.63 -9.89
N ASP A 57 -16.58 19.67 -10.47
CA ASP A 57 -16.31 19.62 -11.90
C ASP A 57 -16.65 18.21 -12.37
N THR A 58 -17.80 18.04 -13.02
CA THR A 58 -18.26 16.75 -13.52
C THR A 58 -18.73 16.90 -14.96
N ARG A 59 -18.21 16.07 -15.86
CA ARG A 59 -18.51 16.16 -17.28
C ARG A 59 -18.75 14.76 -17.82
N TYR A 60 -19.54 14.68 -18.89
CA TYR A 60 -19.99 13.42 -19.43
C TYR A 60 -19.74 13.36 -20.94
N ALA A 61 -19.72 12.15 -21.47
CA ALA A 61 -19.60 11.94 -22.90
C ALA A 61 -20.89 12.35 -23.61
N ASP A 62 -20.74 12.77 -24.87
CA ASP A 62 -21.90 13.26 -25.62
C ASP A 62 -23.02 12.24 -25.66
N SER A 63 -22.69 10.94 -25.65
CA SER A 63 -23.70 9.92 -25.81
C SER A 63 -24.52 9.70 -24.54
N VAL A 64 -23.92 9.91 -23.37
CA VAL A 64 -24.59 9.61 -22.11
C VAL A 64 -25.07 10.86 -21.38
N ARG A 65 -24.79 12.04 -21.91
CA ARG A 65 -25.15 13.26 -21.21
C ARG A 65 -26.67 13.40 -21.18
N GLY A 66 -27.22 13.49 -19.98
CA GLY A 66 -28.66 13.50 -19.78
C GLY A 66 -29.20 12.19 -19.23
N ARG A 67 -28.43 11.13 -19.31
CA ARG A 67 -28.82 9.83 -18.76
C ARG A 67 -27.96 9.43 -17.57
N PHE A 68 -26.64 9.55 -17.68
CA PHE A 68 -25.78 9.10 -16.61
C PHE A 68 -25.57 10.23 -15.58
N SER A 69 -25.26 9.82 -14.36
CA SER A 69 -25.11 10.77 -13.26
C SER A 69 -24.00 10.28 -12.33
N MET A 70 -22.88 10.97 -12.34
CA MET A 70 -21.72 10.57 -11.55
C MET A 70 -21.78 11.19 -10.16
N SER A 71 -21.17 10.50 -9.20
CA SER A 71 -21.14 10.99 -7.83
C SER A 71 -20.11 10.19 -7.04
N ARG A 72 -19.74 10.72 -5.87
CA ARG A 72 -18.72 10.10 -5.04
C ARG A 72 -19.00 10.42 -3.59
N ASP A 73 -18.37 9.64 -2.71
CA ASP A 73 -18.46 9.86 -1.27
C ASP A 73 -17.06 9.72 -0.69
N ASN A 74 -16.44 10.86 -0.33
CA ASN A 74 -15.05 10.85 0.10
C ASN A 74 -14.88 10.26 1.49
N SER A 75 -15.95 10.18 2.28
CA SER A 75 -15.84 9.62 3.62
C SER A 75 -15.63 8.10 3.58
N ASN A 76 -16.10 7.43 2.52
CA ASN A 76 -15.95 5.98 2.40
C ASN A 76 -15.11 5.55 1.21
N ASN A 77 -14.68 6.47 0.35
CA ASN A 77 -13.80 6.16 -0.77
C ASN A 77 -14.54 5.37 -1.84
N ILE A 78 -15.77 5.80 -2.15
CA ILE A 78 -16.62 5.12 -3.12
C ILE A 78 -17.10 6.13 -4.15
N ALA A 79 -17.05 5.74 -5.43
CA ALA A 79 -17.61 6.51 -6.51
C ALA A 79 -18.72 5.71 -7.17
N TYR A 80 -19.72 6.40 -7.69
CA TYR A 80 -20.90 5.77 -8.27
C TYR A 80 -21.16 6.36 -9.65
N LEU A 81 -21.89 5.59 -10.45
CA LEU A 81 -22.37 6.02 -11.75
C LEU A 81 -23.81 5.53 -11.88
N GLN A 82 -24.75 6.46 -12.01
CA GLN A 82 -26.16 6.13 -12.20
C GLN A 82 -26.45 6.12 -13.69
N MET A 83 -27.04 5.03 -14.16
CA MET A 83 -27.33 4.84 -15.58
C MET A 83 -28.83 4.66 -15.74
N LYS A 84 -29.46 5.52 -16.53
CA LYS A 84 -30.90 5.52 -16.69
C LYS A 84 -31.25 5.50 -18.17
N ASN A 85 -32.23 4.67 -18.53
CA ASN A 85 -32.69 4.54 -19.91
C ASN A 85 -31.59 3.96 -20.81
N LEU A 86 -31.13 2.76 -20.44
CA LEU A 86 -30.03 2.15 -21.17
C LEU A 86 -30.47 1.62 -22.52
N ARG A 87 -29.62 1.80 -23.52
CA ARG A 87 -29.81 1.21 -24.84
C ARG A 87 -28.95 -0.04 -24.97
N VAL A 88 -29.27 -0.86 -25.96
CA VAL A 88 -28.40 -1.99 -26.31
C VAL A 88 -27.00 -1.49 -26.61
N ASP A 89 -26.91 -0.28 -27.18
CA ASP A 89 -25.60 0.31 -27.49
C ASP A 89 -24.74 0.47 -26.24
N ASP A 90 -25.36 0.65 -25.08
CA ASP A 90 -24.59 0.80 -23.85
C ASP A 90 -23.97 -0.50 -23.38
N THR A 91 -24.22 -1.61 -24.05
CA THR A 91 -23.61 -2.88 -23.65
C THR A 91 -22.10 -2.79 -23.77
N ALA A 92 -21.40 -2.94 -22.66
CA ALA A 92 -19.94 -2.88 -22.67
C ALA A 92 -19.42 -3.25 -21.30
N LEU A 93 -18.09 -3.17 -21.15
CA LEU A 93 -17.40 -3.45 -19.91
C LEU A 93 -16.95 -2.11 -19.31
N TYR A 94 -17.44 -1.80 -18.12
CA TYR A 94 -17.26 -0.48 -17.53
C TYR A 94 -16.09 -0.46 -16.56
N TYR A 95 -15.16 0.46 -16.80
CA TYR A 95 -13.97 0.64 -15.96
C TYR A 95 -14.18 1.80 -15.01
N CYS A 96 -13.54 1.71 -13.85
CA CYS A 96 -13.35 2.83 -12.95
C CYS A 96 -11.87 3.15 -12.93
N ALA A 97 -11.51 4.42 -13.09
CA ALA A 97 -10.12 4.80 -13.20
C ALA A 97 -9.85 6.07 -12.41
N ARG A 98 -8.62 6.18 -11.92
CA ARG A 98 -8.18 7.29 -11.07
C ARG A 98 -7.54 8.38 -11.90
N GLY A 99 -7.87 9.63 -11.60
CA GLY A 99 -7.29 10.76 -12.30
C GLY A 99 -5.95 11.20 -11.74
N THR A 100 -5.80 12.49 -11.48
CA THR A 100 -4.58 13.08 -10.93
C THR A 100 -4.83 13.57 -9.51
N ASP A 101 -3.75 13.86 -8.80
CA ASP A 101 -3.82 14.46 -7.47
C ASP A 101 -3.51 15.95 -7.49
N TYR A 102 -3.60 16.58 -8.66
CA TYR A 102 -3.35 18.01 -8.80
C TYR A 102 -4.26 18.55 -9.88
N THR A 103 -4.13 19.85 -10.17
CA THR A 103 -4.89 20.45 -11.24
C THR A 103 -4.28 21.80 -11.60
N ILE A 104 -4.59 22.25 -12.82
CA ILE A 104 -4.10 23.53 -13.33
C ILE A 104 -5.23 24.27 -14.01
N ASP A 105 -5.19 25.59 -13.94
CA ASP A 105 -6.27 26.44 -14.45
C ASP A 105 -5.74 27.28 -15.60
N ASP A 106 -6.65 28.07 -16.19
CA ASP A 106 -6.34 28.81 -17.42
C ASP A 106 -5.27 29.88 -17.23
N GLN A 107 -4.73 30.01 -16.02
CA GLN A 107 -3.73 31.03 -15.73
C GLN A 107 -2.37 30.45 -15.37
N GLY A 108 -2.25 29.14 -15.19
CA GLY A 108 -0.98 28.51 -14.91
C GLY A 108 -0.75 28.11 -13.47
N ILE A 109 -1.78 28.16 -12.63
CA ILE A 109 -1.63 27.93 -11.20
C ILE A 109 -1.73 26.43 -10.93
N PHE A 110 -0.81 25.90 -10.14
CA PHE A 110 -0.74 24.47 -9.84
C PHE A 110 -1.32 24.23 -8.45
N TYR A 111 -2.54 23.72 -8.40
CA TYR A 111 -3.20 23.42 -7.14
C TYR A 111 -2.96 21.96 -6.77
N LYS A 112 -2.27 21.74 -5.66
CA LYS A 112 -2.01 20.40 -5.17
C LYS A 112 -3.18 19.90 -4.34
N GLY A 113 -3.53 18.63 -4.50
CA GLY A 113 -4.60 18.03 -3.74
C GLY A 113 -5.99 18.39 -4.19
N SER A 114 -6.13 18.95 -5.39
CA SER A 114 -7.43 19.28 -5.98
C SER A 114 -7.61 18.53 -7.30
N GLY A 115 -7.20 17.26 -7.30
CA GLY A 115 -7.12 16.43 -8.48
C GLY A 115 -8.27 16.53 -9.48
N THR A 116 -8.01 16.09 -10.72
CA THR A 116 -8.98 16.19 -11.80
C THR A 116 -8.85 14.93 -12.66
N PHE A 117 -9.62 14.88 -13.74
CA PHE A 117 -9.80 13.65 -14.52
C PHE A 117 -9.20 13.83 -15.92
N TRP A 118 -7.88 13.98 -15.99
CA TRP A 118 -7.20 14.18 -17.27
C TRP A 118 -6.67 12.87 -17.84
N TYR A 119 -5.73 12.24 -17.14
CA TYR A 119 -5.17 10.96 -17.51
C TYR A 119 -5.30 10.02 -16.31
N PHE A 120 -5.05 8.73 -16.54
CA PHE A 120 -5.51 7.71 -15.61
C PHE A 120 -4.43 6.66 -15.41
N ASP A 121 -3.85 6.63 -14.20
CA ASP A 121 -2.76 5.72 -13.91
C ASP A 121 -3.20 4.43 -13.22
N LEU A 122 -4.36 4.43 -12.55
CA LEU A 122 -4.85 3.26 -11.83
C LEU A 122 -6.21 2.87 -12.41
N TRP A 123 -6.33 1.63 -12.87
CA TRP A 123 -7.54 1.13 -13.48
C TRP A 123 -8.12 -0.04 -12.69
N GLY A 124 -9.44 -0.11 -12.63
CA GLY A 124 -10.11 -1.29 -12.13
C GLY A 124 -10.12 -2.40 -13.16
N ARG A 125 -10.53 -3.59 -12.71
CA ARG A 125 -10.59 -4.73 -13.63
C ARG A 125 -11.83 -4.70 -14.50
N GLY A 126 -12.88 -4.00 -14.08
CA GLY A 126 -14.03 -3.79 -14.93
C GLY A 126 -15.18 -4.73 -14.63
N THR A 127 -16.40 -4.19 -14.65
CA THR A 127 -17.62 -4.95 -14.46
C THR A 127 -18.46 -4.87 -15.73
N LEU A 128 -18.98 -6.01 -16.16
CA LEU A 128 -19.71 -6.08 -17.43
C LEU A 128 -21.16 -5.68 -17.23
N VAL A 129 -21.66 -4.89 -18.18
CA VAL A 129 -23.06 -4.47 -18.22
C VAL A 129 -23.65 -4.92 -19.54
N THR A 130 -24.66 -5.76 -19.47
CA THR A 130 -25.30 -6.37 -20.64
C THR A 130 -26.73 -5.85 -20.73
N VAL A 131 -27.05 -5.21 -21.85
CA VAL A 131 -28.37 -4.61 -22.06
C VAL A 131 -29.05 -5.42 -23.17
N SER A 132 -29.88 -6.39 -22.77
CA SER A 132 -30.56 -7.27 -23.69
C SER A 132 -31.94 -7.60 -23.15
N SER A 133 -32.87 -7.87 -24.06
CA SER A 133 -34.17 -8.43 -23.68
C SER A 133 -34.12 -9.93 -23.48
N ALA A 134 -32.96 -10.54 -23.67
CA ALA A 134 -32.83 -11.99 -23.61
C ALA A 134 -33.01 -12.49 -22.18
N SER A 135 -33.52 -13.71 -22.06
CA SER A 135 -33.68 -14.38 -20.78
C SER A 135 -32.54 -15.38 -20.61
N THR A 136 -32.03 -15.47 -19.37
CA THR A 136 -30.93 -16.37 -19.09
C THR A 136 -31.23 -17.77 -19.61
N LYS A 137 -30.27 -18.34 -20.34
CA LYS A 137 -30.45 -19.66 -20.93
C LYS A 137 -29.08 -20.33 -21.05
N GLY A 138 -29.04 -21.63 -20.73
CA GLY A 138 -27.84 -22.41 -20.87
C GLY A 138 -27.68 -22.86 -22.32
N PRO A 139 -26.46 -23.26 -22.68
CA PRO A 139 -26.19 -23.60 -24.09
C PRO A 139 -26.59 -25.01 -24.45
N SER A 140 -26.94 -25.19 -25.71
CA SER A 140 -26.97 -26.51 -26.33
C SER A 140 -25.62 -26.73 -27.02
N VAL A 141 -24.87 -27.72 -26.55
CA VAL A 141 -23.56 -28.03 -27.12
C VAL A 141 -23.71 -29.12 -28.18
N PHE A 142 -23.00 -28.96 -29.28
CA PHE A 142 -23.03 -29.96 -30.34
C PHE A 142 -21.61 -30.37 -30.70
N PRO A 143 -21.41 -31.61 -31.12
CA PRO A 143 -20.07 -32.04 -31.51
C PRO A 143 -19.71 -31.60 -32.92
N LEU A 144 -18.43 -31.32 -33.12
CA LEU A 144 -17.85 -31.05 -34.43
C LEU A 144 -16.94 -32.22 -34.75
N ALA A 145 -17.48 -33.21 -35.50
CA ALA A 145 -16.80 -34.49 -35.67
C ALA A 145 -15.82 -34.44 -36.84
N PRO A 146 -14.66 -35.06 -36.72
CA PRO A 146 -13.69 -35.05 -37.83
C PRO A 146 -14.12 -35.95 -38.97
N SER A 147 -13.49 -35.74 -40.13
CA SER A 147 -13.85 -36.42 -41.37
C SER A 147 -15.30 -36.12 -41.77
N THR A 151 -11.47 -34.39 -42.27
CA THR A 151 -11.76 -34.36 -43.70
C THR A 151 -10.49 -34.32 -44.53
N SER A 152 -9.42 -33.76 -43.97
CA SER A 152 -8.16 -33.60 -44.69
C SER A 152 -7.01 -33.62 -43.69
N GLY A 153 -5.78 -33.60 -44.23
CA GLY A 153 -4.59 -33.44 -43.42
C GLY A 153 -4.01 -34.75 -42.93
N GLY A 154 -2.89 -34.62 -42.22
CA GLY A 154 -2.30 -35.71 -41.48
C GLY A 154 -2.77 -35.67 -40.03
N THR A 155 -3.15 -34.49 -39.58
CA THR A 155 -3.83 -34.28 -38.30
C THR A 155 -5.31 -34.10 -38.55
N ALA A 156 -6.09 -34.18 -37.46
CA ALA A 156 -7.55 -34.12 -37.54
C ALA A 156 -8.07 -32.92 -36.76
N ALA A 157 -9.04 -32.22 -37.34
CA ALA A 157 -9.71 -31.12 -36.68
C ALA A 157 -10.94 -31.62 -35.95
N LEU A 158 -11.19 -31.05 -34.78
CA LEU A 158 -12.16 -31.58 -33.83
C LEU A 158 -12.66 -30.43 -32.98
N GLY A 159 -13.93 -30.49 -32.57
CA GLY A 159 -14.43 -29.39 -31.76
C GLY A 159 -15.82 -29.61 -31.22
N CYS A 160 -16.28 -28.61 -30.47
CA CYS A 160 -17.63 -28.50 -29.95
C CYS A 160 -18.23 -27.18 -30.39
N LEU A 161 -19.55 -27.12 -30.41
CA LEU A 161 -20.29 -25.90 -30.78
C LEU A 161 -21.20 -25.52 -29.62
N VAL A 162 -20.82 -24.46 -28.89
CA VAL A 162 -21.60 -24.00 -27.74
C VAL A 162 -22.56 -22.94 -28.24
N LYS A 163 -23.78 -23.36 -28.55
CA LYS A 163 -24.76 -22.52 -29.21
C LYS A 163 -25.90 -22.16 -28.26
N ASP A 164 -26.44 -20.96 -28.46
CA ASP A 164 -27.67 -20.51 -27.80
C ASP A 164 -27.53 -20.48 -26.27
N TYR A 165 -26.82 -19.46 -25.80
CA TYR A 165 -26.72 -19.21 -24.37
C TYR A 165 -26.76 -17.72 -24.10
N PHE A 166 -27.09 -17.38 -22.86
CA PHE A 166 -27.13 -15.99 -22.41
C PHE A 166 -27.25 -15.94 -20.89
N PRO A 167 -26.59 -14.97 -20.25
CA PRO A 167 -25.62 -14.02 -20.79
C PRO A 167 -24.22 -14.60 -20.84
N GLU A 168 -23.23 -13.80 -21.18
CA GLU A 168 -21.85 -14.25 -21.15
C GLU A 168 -21.38 -14.40 -19.71
N PRO A 169 -20.33 -15.18 -19.48
CA PRO A 169 -19.58 -15.98 -20.44
C PRO A 169 -19.83 -17.48 -20.29
N VAL A 170 -19.32 -18.27 -21.23
CA VAL A 170 -19.18 -19.71 -21.06
C VAL A 170 -17.70 -20.03 -21.07
N THR A 171 -17.31 -21.03 -20.29
CA THR A 171 -15.95 -21.52 -20.23
C THR A 171 -15.93 -22.97 -20.66
N VAL A 172 -14.99 -23.33 -21.52
CA VAL A 172 -14.90 -24.68 -22.06
C VAL A 172 -13.47 -25.19 -21.94
N SER A 173 -13.34 -26.47 -21.59
CA SER A 173 -12.05 -27.16 -21.54
C SER A 173 -12.19 -28.50 -22.23
N TRP A 174 -11.07 -29.16 -22.44
CA TRP A 174 -11.03 -30.46 -23.12
C TRP A 174 -10.42 -31.50 -22.20
N ASN A 175 -11.05 -32.67 -22.14
CA ASN A 175 -10.57 -33.80 -21.34
C ASN A 175 -10.24 -33.35 -19.91
N SER A 176 -11.21 -32.67 -19.29
CA SER A 176 -11.09 -32.25 -17.90
C SER A 176 -9.85 -31.38 -17.68
N GLY A 177 -9.43 -30.66 -18.71
CA GLY A 177 -8.29 -29.77 -18.63
C GLY A 177 -6.95 -30.41 -18.93
N ALA A 178 -6.93 -31.71 -19.26
CA ALA A 178 -5.67 -32.39 -19.56
C ALA A 178 -5.15 -32.03 -20.95
N LEU A 179 -6.04 -31.94 -21.93
CA LEU A 179 -5.67 -31.60 -23.30
C LEU A 179 -5.64 -30.08 -23.45
N THR A 180 -4.44 -29.52 -23.59
CA THR A 180 -4.26 -28.08 -23.72
C THR A 180 -3.57 -27.66 -25.01
N SER A 181 -2.79 -28.54 -25.63
CA SER A 181 -2.02 -28.17 -26.81
C SER A 181 -2.91 -28.25 -28.05
N GLY A 182 -2.81 -27.21 -28.89
CA GLY A 182 -3.56 -27.16 -30.13
C GLY A 182 -5.00 -26.72 -29.98
N VAL A 183 -5.37 -26.16 -28.84
CA VAL A 183 -6.75 -25.75 -28.57
C VAL A 183 -6.94 -24.30 -29.00
N HIS A 184 -8.11 -24.02 -29.57
CA HIS A 184 -8.50 -22.67 -29.96
C HIS A 184 -9.97 -22.48 -29.61
N THR A 185 -10.25 -21.56 -28.70
CA THR A 185 -11.63 -21.21 -28.35
C THR A 185 -11.93 -19.83 -28.89
N PHE A 186 -12.97 -19.73 -29.64
CA PHE A 186 -13.20 -18.49 -30.36
C PHE A 186 -14.05 -17.53 -29.53
N PRO A 187 -13.80 -16.23 -29.66
CA PRO A 187 -14.69 -15.25 -29.03
C PRO A 187 -16.13 -15.44 -29.48
N ALA A 188 -17.06 -15.30 -28.53
CA ALA A 188 -18.46 -15.49 -28.84
C ALA A 188 -18.96 -14.36 -29.75
N VAL A 189 -20.13 -14.57 -30.33
CA VAL A 189 -20.76 -13.59 -31.21
C VAL A 189 -22.25 -13.54 -30.92
N LEU A 190 -22.81 -12.34 -30.93
CA LEU A 190 -24.21 -12.11 -30.60
C LEU A 190 -25.05 -12.42 -31.83
N GLN A 191 -25.86 -13.47 -31.75
CA GLN A 191 -26.71 -13.87 -32.87
C GLN A 191 -27.94 -12.97 -32.96
N SER A 192 -28.59 -13.02 -34.12
CA SER A 192 -29.78 -12.20 -34.34
C SER A 192 -30.86 -12.48 -33.31
N SER A 193 -30.93 -13.72 -32.83
CA SER A 193 -31.95 -14.12 -31.85
C SER A 193 -31.72 -13.53 -30.48
N GLY A 194 -30.65 -12.76 -30.28
CA GLY A 194 -30.33 -12.22 -28.98
C GLY A 194 -29.43 -13.09 -28.13
N LEU A 195 -29.15 -14.32 -28.55
CA LEU A 195 -28.33 -15.25 -27.79
C LEU A 195 -26.92 -15.32 -28.34
N TYR A 196 -25.98 -15.67 -27.48
CA TYR A 196 -24.58 -15.81 -27.84
C TYR A 196 -24.28 -17.26 -28.25
N SER A 197 -23.32 -17.41 -29.15
CA SER A 197 -22.82 -18.73 -29.51
C SER A 197 -21.34 -18.64 -29.81
N LEU A 198 -20.61 -19.71 -29.49
CA LEU A 198 -19.21 -19.83 -29.85
C LEU A 198 -18.90 -21.30 -30.13
N SER A 199 -17.64 -21.56 -30.45
CA SER A 199 -17.19 -22.91 -30.74
C SER A 199 -15.72 -23.02 -30.33
N SER A 200 -15.35 -24.19 -29.82
CA SER A 200 -13.97 -24.47 -29.46
C SER A 200 -13.52 -25.69 -30.26
N VAL A 201 -12.34 -25.57 -30.88
CA VAL A 201 -11.79 -26.62 -31.72
C VAL A 201 -10.43 -27.02 -31.18
N VAL A 202 -9.91 -28.13 -31.71
CA VAL A 202 -8.60 -28.62 -31.33
C VAL A 202 -8.07 -29.49 -32.47
N THR A 203 -6.75 -29.48 -32.64
CA THR A 203 -6.07 -30.33 -33.61
C THR A 203 -5.39 -31.48 -32.88
N VAL A 204 -5.66 -32.69 -33.33
CA VAL A 204 -5.09 -33.89 -32.73
C VAL A 204 -4.50 -34.74 -33.83
N PRO A 205 -3.62 -35.68 -33.49
CA PRO A 205 -3.08 -36.59 -34.50
C PRO A 205 -4.19 -37.46 -35.09
N SER A 206 -4.16 -37.61 -36.41
CA SER A 206 -5.16 -38.44 -37.08
C SER A 206 -5.17 -39.85 -36.51
N SER A 207 -4.01 -40.37 -36.11
CA SER A 207 -3.94 -41.70 -35.50
C SER A 207 -4.74 -41.78 -34.22
N SER A 208 -4.92 -40.65 -33.53
CA SER A 208 -5.47 -40.65 -32.17
C SER A 208 -6.98 -40.83 -32.13
N LEU A 209 -7.67 -40.76 -33.26
CA LEU A 209 -9.14 -40.75 -33.23
C LEU A 209 -9.71 -42.09 -32.78
N GLY A 210 -9.09 -43.19 -33.18
CA GLY A 210 -9.63 -44.51 -32.90
C GLY A 210 -9.42 -44.94 -31.46
N THR A 211 -8.23 -44.66 -30.93
CA THR A 211 -7.88 -45.12 -29.60
C THR A 211 -8.39 -44.18 -28.51
N GLN A 212 -7.93 -42.93 -28.53
CA GLN A 212 -8.18 -42.03 -27.41
C GLN A 212 -9.55 -41.37 -27.54
N THR A 213 -10.07 -40.95 -26.38
CA THR A 213 -11.40 -40.36 -26.27
C THR A 213 -11.26 -38.86 -26.00
N TYR A 214 -12.04 -38.05 -26.71
CA TYR A 214 -12.01 -36.61 -26.59
C TYR A 214 -13.38 -36.10 -26.13
N ILE A 215 -13.38 -35.27 -25.09
CA ILE A 215 -14.60 -34.72 -24.50
C ILE A 215 -14.36 -33.25 -24.17
N CYS A 216 -15.29 -32.39 -24.58
CA CYS A 216 -15.27 -30.98 -24.21
C CYS A 216 -16.18 -30.75 -23.01
N ASN A 217 -15.77 -29.83 -22.14
CA ASN A 217 -16.47 -29.54 -20.89
C ASN A 217 -16.90 -28.09 -20.91
N VAL A 218 -18.20 -27.85 -21.04
CA VAL A 218 -18.76 -26.51 -21.18
C VAL A 218 -19.51 -26.16 -19.90
N ASN A 219 -19.10 -25.08 -19.24
CA ASN A 219 -19.76 -24.57 -18.05
C ASN A 219 -20.26 -23.16 -18.31
N HIS A 220 -21.43 -22.84 -17.76
CA HIS A 220 -22.09 -21.54 -17.94
C HIS A 220 -22.64 -21.13 -16.58
N LYS A 221 -21.83 -20.43 -15.80
CA LYS A 221 -22.22 -20.07 -14.44
C LYS A 221 -23.59 -19.40 -14.35
N PRO A 222 -23.91 -18.38 -15.17
CA PRO A 222 -25.22 -17.72 -15.05
C PRO A 222 -26.39 -18.66 -14.86
N SER A 223 -26.42 -19.77 -15.60
CA SER A 223 -27.46 -20.78 -15.46
C SER A 223 -26.99 -21.99 -14.67
N ASN A 224 -25.83 -21.91 -14.02
CA ASN A 224 -25.25 -23.03 -13.29
C ASN A 224 -25.25 -24.32 -14.12
N THR A 225 -25.07 -24.16 -15.43
CA THR A 225 -25.03 -25.29 -16.35
C THR A 225 -23.61 -25.80 -16.50
N LYS A 226 -23.46 -27.12 -16.47
CA LYS A 226 -22.17 -27.76 -16.69
C LYS A 226 -22.42 -29.06 -17.45
N VAL A 227 -22.01 -29.09 -18.71
CA VAL A 227 -22.22 -30.23 -19.59
C VAL A 227 -20.86 -30.73 -20.07
N ASP A 228 -20.78 -32.04 -20.30
CA ASP A 228 -19.58 -32.69 -20.81
C ASP A 228 -20.01 -33.53 -22.00
N LYS A 229 -19.64 -33.11 -23.21
CA LYS A 229 -20.10 -33.74 -24.44
C LYS A 229 -18.97 -34.52 -25.09
N ARG A 230 -19.23 -35.80 -25.37
CA ARG A 230 -18.27 -36.63 -26.08
C ARG A 230 -18.22 -36.23 -27.55
N VAL A 231 -17.01 -36.22 -28.11
CA VAL A 231 -16.81 -35.93 -29.52
C VAL A 231 -16.05 -37.09 -30.14
N GLU A 232 -16.68 -37.72 -31.14
CA GLU A 232 -16.09 -38.87 -31.83
C GLU A 232 -16.44 -38.77 -33.31
N PRO A 233 -15.80 -39.57 -34.18
CA PRO A 233 -16.12 -39.53 -35.62
C PRO A 233 -17.49 -40.10 -35.95
N GLU B 1 -16.48 16.44 -30.16
CA GLU B 1 -15.88 17.58 -30.90
C GLU B 1 -14.46 17.26 -31.39
N ILE B 2 -13.58 16.89 -30.47
CA ILE B 2 -12.19 16.58 -30.81
C ILE B 2 -12.08 15.08 -31.09
N VAL B 3 -11.76 14.73 -32.32
CA VAL B 3 -11.73 13.35 -32.78
C VAL B 3 -10.27 12.93 -32.97
N LEU B 4 -9.87 11.86 -32.28
CA LEU B 4 -8.52 11.31 -32.41
C LEU B 4 -8.56 10.17 -33.42
N THR B 5 -7.74 10.27 -34.46
CA THR B 5 -7.64 9.25 -35.50
C THR B 5 -6.23 8.67 -35.45
N GLN B 6 -6.12 7.40 -35.05
CA GLN B 6 -4.82 6.75 -34.99
C GLN B 6 -4.50 6.04 -36.29
N SER B 7 -3.21 5.83 -36.52
CA SER B 7 -2.75 5.09 -37.68
C SER B 7 -1.35 4.53 -37.40
N PRO B 8 -1.04 3.35 -37.95
CA PRO B 8 -1.93 2.50 -38.74
C PRO B 8 -2.87 1.71 -37.86
N ALA B 9 -3.87 1.04 -38.45
CA ALA B 9 -4.70 0.14 -37.67
C ALA B 9 -3.85 -0.96 -37.04
N THR B 10 -3.03 -1.62 -37.85
CA THR B 10 -2.14 -2.68 -37.41
C THR B 10 -0.72 -2.35 -37.84
N LEU B 11 0.24 -2.67 -36.99
CA LEU B 11 1.65 -2.43 -37.26
C LEU B 11 2.41 -3.72 -36.98
N SER B 12 2.78 -4.43 -38.04
CA SER B 12 3.48 -5.70 -37.91
C SER B 12 4.97 -5.45 -37.75
N LEU B 13 5.55 -5.96 -36.66
CA LEU B 13 6.95 -5.70 -36.34
C LEU B 13 7.62 -6.97 -35.85
N SER B 14 8.95 -6.97 -35.92
CA SER B 14 9.79 -7.98 -35.33
C SER B 14 10.58 -7.40 -34.16
N PRO B 15 10.84 -8.17 -33.11
CA PRO B 15 11.58 -7.63 -31.96
C PRO B 15 12.86 -6.93 -32.40
N GLY B 16 13.08 -5.72 -31.87
CA GLY B 16 14.24 -4.91 -32.18
C GLY B 16 13.91 -3.71 -33.06
N GLU B 17 12.86 -3.81 -33.86
CA GLU B 17 12.53 -2.76 -34.82
C GLU B 17 11.87 -1.57 -34.12
N ARG B 18 11.83 -0.44 -34.82
CA ARG B 18 11.25 0.79 -34.29
C ARG B 18 9.76 0.83 -34.57
N ALA B 19 9.02 1.45 -33.66
CA ALA B 19 7.57 1.57 -33.76
C ALA B 19 7.19 3.04 -33.63
N THR B 20 6.61 3.60 -34.71
CA THR B 20 6.17 4.99 -34.74
C THR B 20 4.67 5.01 -34.97
N LEU B 21 3.91 5.39 -33.95
CA LEU B 21 2.46 5.45 -34.01
C LEU B 21 2.01 6.90 -33.98
N SER B 22 1.09 7.26 -34.88
CA SER B 22 0.58 8.63 -34.97
C SER B 22 -0.86 8.71 -34.49
N CYS B 23 -1.26 9.94 -34.16
CA CYS B 23 -2.61 10.25 -33.69
C CYS B 23 -2.94 11.64 -34.23
N ARG B 24 -3.83 11.71 -35.22
CA ARG B 24 -4.20 12.98 -35.85
C ARG B 24 -5.49 13.49 -35.23
N ALA B 25 -5.45 14.69 -34.68
CA ALA B 25 -6.61 15.32 -34.06
C ALA B 25 -7.38 16.17 -35.06
N SER B 26 -8.69 16.24 -34.87
CA SER B 26 -9.51 17.09 -35.73
C SER B 26 -9.23 18.56 -35.48
N GLN B 27 -8.86 18.92 -34.25
CA GLN B 27 -8.55 20.29 -33.88
C GLN B 27 -7.20 20.32 -33.17
N SER B 28 -6.53 21.47 -33.29
CA SER B 28 -5.33 21.72 -32.50
C SER B 28 -5.53 21.30 -31.05
N VAL B 29 -4.48 20.73 -30.46
CA VAL B 29 -4.51 20.28 -29.07
C VAL B 29 -3.21 20.75 -28.41
N HIS B 30 -3.33 21.34 -27.23
CA HIS B 30 -2.16 21.81 -26.51
C HIS B 30 -1.14 20.70 -26.38
N PRO B 31 0.12 20.92 -26.71
CA PRO B 31 1.08 19.81 -26.78
C PRO B 31 1.25 19.05 -25.47
N LYS B 32 0.89 19.64 -24.33
CA LYS B 32 1.07 19.00 -23.03
C LYS B 32 -0.23 18.42 -22.47
N TYR B 33 -1.29 18.36 -23.28
CA TYR B 33 -2.55 17.79 -22.84
C TYR B 33 -2.86 16.52 -23.62
N PHE B 34 -1.93 15.57 -23.59
CA PHE B 34 -2.03 14.35 -24.39
C PHE B 34 -1.50 13.19 -23.58
N ALA B 35 -1.94 11.98 -23.95
CA ALA B 35 -1.64 10.80 -23.15
C ALA B 35 -1.70 9.56 -24.04
N TRP B 36 -0.91 8.55 -23.67
CA TRP B 36 -0.88 7.29 -24.39
C TRP B 36 -1.07 6.14 -23.41
N TYR B 37 -1.74 5.08 -23.87
CA TYR B 37 -2.02 3.91 -23.05
C TYR B 37 -1.64 2.64 -23.79
N GLN B 38 -1.15 1.67 -23.04
CA GLN B 38 -0.94 0.30 -23.52
C GLN B 38 -2.01 -0.59 -22.91
N GLN B 39 -2.54 -1.52 -23.71
CA GLN B 39 -3.52 -2.48 -23.21
C GLN B 39 -3.24 -3.86 -23.76
N LYS B 40 -3.35 -4.87 -22.90
CA LYS B 40 -3.13 -6.27 -23.25
C LYS B 40 -4.45 -7.02 -23.29
N PRO B 41 -4.58 -8.06 -24.12
CA PRO B 41 -5.86 -8.79 -24.17
C PRO B 41 -6.17 -9.46 -22.84
N GLY B 42 -7.30 -9.05 -22.25
CA GLY B 42 -7.71 -9.58 -20.96
C GLY B 42 -7.25 -8.79 -19.77
N GLN B 43 -6.66 -7.61 -19.98
CA GLN B 43 -6.16 -6.78 -18.89
C GLN B 43 -6.71 -5.36 -19.05
N SER B 44 -6.53 -4.56 -18.02
CA SER B 44 -7.00 -3.19 -18.06
C SER B 44 -5.91 -2.27 -18.59
N PRO B 45 -6.28 -1.14 -19.20
CA PRO B 45 -5.29 -0.26 -19.81
C PRO B 45 -4.21 0.19 -18.83
N ARG B 46 -3.00 0.35 -19.35
CA ARG B 46 -1.85 0.82 -18.58
C ARG B 46 -1.41 2.18 -19.11
N LEU B 47 -1.08 3.09 -18.19
CA LEU B 47 -0.65 4.43 -18.58
C LEU B 47 0.83 4.39 -18.98
N LEU B 48 1.14 5.01 -20.13
CA LEU B 48 2.51 5.12 -20.63
C LEU B 48 3.01 6.55 -20.60
N ILE B 49 2.26 7.46 -21.21
CA ILE B 49 2.69 8.83 -21.43
C ILE B 49 1.56 9.74 -20.96
N TYR B 50 1.88 10.69 -20.09
CA TYR B 50 0.97 11.75 -19.75
C TYR B 50 1.64 13.10 -20.02
N SER B 51 0.82 14.15 -20.02
CA SER B 51 1.33 15.51 -20.20
C SER B 51 2.14 15.64 -21.49
N GLY B 52 1.78 14.85 -22.49
CA GLY B 52 2.40 14.98 -23.81
C GLY B 52 3.65 14.17 -24.07
N SER B 53 4.62 14.22 -23.16
CA SER B 53 5.91 13.62 -23.40
C SER B 53 6.53 12.99 -22.15
N THR B 54 5.86 13.05 -21.01
CA THR B 54 6.43 12.57 -19.75
C THR B 54 6.10 11.09 -19.56
N ARG B 55 7.14 10.28 -19.41
CA ARG B 55 6.94 8.87 -19.07
C ARG B 55 6.37 8.74 -17.67
N ALA B 56 5.48 7.77 -17.49
CA ALA B 56 4.90 7.49 -16.19
C ALA B 56 5.81 6.52 -15.44
N ALA B 57 5.36 6.06 -14.26
CA ALA B 57 6.19 5.20 -13.43
C ALA B 57 6.31 3.81 -14.06
N GLY B 58 7.54 3.29 -14.07
CA GLY B 58 7.79 1.95 -14.56
C GLY B 58 7.98 1.83 -16.06
N ILE B 59 7.79 2.90 -16.80
CA ILE B 59 7.81 2.86 -18.26
C ILE B 59 9.25 3.02 -18.72
N ALA B 60 9.77 1.99 -19.38
CA ALA B 60 11.15 2.00 -19.84
C ALA B 60 11.39 3.17 -20.80
N ASP B 61 12.66 3.45 -21.05
CA ASP B 61 13.03 4.54 -21.95
C ASP B 61 12.76 4.21 -23.40
N ARG B 62 12.44 2.95 -23.73
CA ARG B 62 12.00 2.63 -25.09
C ARG B 62 10.83 3.53 -25.49
N PHE B 63 9.94 3.79 -24.54
CA PHE B 63 8.72 4.56 -24.83
C PHE B 63 9.03 6.05 -24.78
N SER B 64 8.70 6.74 -25.86
CA SER B 64 8.85 8.18 -25.95
C SER B 64 7.62 8.75 -26.65
N GLY B 65 7.15 9.89 -26.15
CA GLY B 65 5.98 10.52 -26.71
C GLY B 65 6.26 11.97 -27.05
N GLY B 66 5.42 12.51 -27.92
CA GLY B 66 5.57 13.89 -28.34
C GLY B 66 4.43 14.30 -29.24
N GLY B 67 4.50 15.54 -29.71
CA GLY B 67 3.51 16.06 -30.62
C GLY B 67 3.09 17.47 -30.31
N SER B 68 2.43 18.11 -31.27
CA SER B 68 1.93 19.46 -31.10
C SER B 68 0.88 19.71 -32.16
N GLY B 69 0.02 20.69 -31.92
CA GLY B 69 -1.02 20.99 -32.87
C GLY B 69 -1.96 19.83 -33.07
N ILE B 70 -1.90 19.19 -34.24
CA ILE B 70 -2.81 18.10 -34.56
C ILE B 70 -2.12 16.77 -34.80
N HIS B 71 -0.78 16.73 -34.79
CA HIS B 71 -0.04 15.50 -35.01
C HIS B 71 0.72 15.14 -33.75
N PHE B 72 0.45 13.96 -33.22
CA PHE B 72 1.12 13.42 -32.04
C PHE B 72 1.60 12.03 -32.37
N THR B 73 2.72 11.63 -31.75
CA THR B 73 3.33 10.36 -32.05
C THR B 73 3.81 9.68 -30.78
N LEU B 74 3.74 8.34 -30.78
CA LEU B 74 4.36 7.49 -29.78
C LEU B 74 5.47 6.70 -30.45
N THR B 75 6.64 6.65 -29.82
CA THR B 75 7.82 6.05 -30.41
C THR B 75 8.38 5.00 -29.45
N ILE B 76 8.49 3.76 -29.94
CA ILE B 76 9.16 2.69 -29.21
C ILE B 76 10.44 2.39 -29.98
N THR B 77 11.58 2.66 -29.34
CA THR B 77 12.87 2.66 -30.04
C THR B 77 13.20 1.27 -30.59
N ARG B 78 13.07 0.24 -29.76
CA ARG B 78 13.36 -1.13 -30.18
C ARG B 78 12.35 -2.03 -29.47
N VAL B 79 11.36 -2.50 -30.23
CA VAL B 79 10.28 -3.27 -29.65
C VAL B 79 10.82 -4.56 -29.05
N GLU B 80 10.32 -4.89 -27.85
CA GLU B 80 10.59 -6.17 -27.22
C GLU B 80 9.31 -7.00 -27.16
N PRO B 81 9.42 -8.31 -26.91
CA PRO B 81 8.20 -9.13 -26.87
C PRO B 81 7.14 -8.63 -25.92
N GLU B 82 7.52 -7.99 -24.82
CA GLU B 82 6.53 -7.50 -23.85
C GLU B 82 5.65 -6.41 -24.44
N ASP B 83 6.14 -5.69 -25.47
CA ASP B 83 5.49 -4.49 -25.95
C ASP B 83 4.36 -4.76 -26.96
N PHE B 84 4.20 -5.98 -27.42
CA PHE B 84 3.15 -6.27 -28.39
C PHE B 84 1.79 -6.18 -27.70
N ALA B 85 0.97 -5.27 -28.18
CA ALA B 85 -0.27 -4.90 -27.50
C ALA B 85 -1.02 -3.89 -28.35
N VAL B 86 -2.03 -3.24 -27.77
CA VAL B 86 -2.75 -2.17 -28.43
C VAL B 86 -2.44 -0.88 -27.69
N TYR B 87 -2.33 0.21 -28.44
CA TYR B 87 -1.94 1.50 -27.89
C TYR B 87 -3.00 2.53 -28.23
N PHE B 88 -3.46 3.24 -27.21
CA PHE B 88 -4.48 4.27 -27.38
C PHE B 88 -3.86 5.64 -27.12
N CYS B 89 -4.22 6.60 -27.97
CA CYS B 89 -3.94 8.00 -27.73
C CYS B 89 -5.17 8.66 -27.13
N GLN B 90 -4.95 9.49 -26.12
CA GLN B 90 -6.03 10.15 -25.42
C GLN B 90 -5.67 11.62 -25.26
N GLN B 91 -6.58 12.50 -25.67
CA GLN B 91 -6.39 13.93 -25.49
C GLN B 91 -7.22 14.40 -24.32
N TYR B 92 -6.73 15.43 -23.63
CA TYR B 92 -7.51 16.04 -22.56
C TYR B 92 -7.30 17.54 -22.54
N GLY B 93 -7.15 18.15 -23.71
CA GLY B 93 -7.19 19.58 -23.85
C GLY B 93 -8.58 20.16 -24.04
N GLY B 94 -9.59 19.32 -24.27
CA GLY B 94 -10.93 19.81 -24.51
C GLY B 94 -12.02 18.82 -24.17
N SER B 95 -13.11 19.30 -23.58
CA SER B 95 -14.26 18.46 -23.28
C SER B 95 -15.12 18.20 -24.51
N PRO B 96 -15.65 16.98 -24.65
CA PRO B 96 -15.38 15.81 -23.81
C PRO B 96 -14.07 15.13 -24.18
N TYR B 97 -13.37 14.59 -23.18
CA TYR B 97 -12.12 13.88 -23.45
C TYR B 97 -12.40 12.60 -24.23
N THR B 98 -11.43 12.21 -25.06
CA THR B 98 -11.69 11.17 -26.05
C THR B 98 -10.42 10.39 -26.32
N PHE B 99 -10.62 9.14 -26.73
CA PHE B 99 -9.55 8.23 -27.10
C PHE B 99 -9.49 8.06 -28.62
N GLY B 100 -8.37 7.53 -29.08
CA GLY B 100 -8.29 7.06 -30.45
C GLY B 100 -8.85 5.66 -30.58
N GLN B 101 -9.12 5.25 -31.84
CA GLN B 101 -9.63 3.91 -32.04
C GLN B 101 -8.61 2.84 -31.69
N GLY B 102 -7.33 3.20 -31.59
CA GLY B 102 -6.31 2.28 -31.16
C GLY B 102 -5.47 1.76 -32.31
N THR B 103 -4.25 1.34 -31.98
CA THR B 103 -3.31 0.77 -32.94
C THR B 103 -2.77 -0.52 -32.33
N LYS B 104 -2.89 -1.61 -33.08
CA LYS B 104 -2.41 -2.91 -32.64
C LYS B 104 -1.00 -3.12 -33.19
N VAL B 105 -0.04 -3.33 -32.30
CA VAL B 105 1.32 -3.67 -32.68
C VAL B 105 1.47 -5.17 -32.49
N GLU B 106 1.51 -5.90 -33.61
CA GLU B 106 1.59 -7.35 -33.60
C GLU B 106 2.96 -7.82 -34.05
N LEU B 107 3.31 -9.03 -33.64
CA LEU B 107 4.57 -9.64 -34.04
C LEU B 107 4.46 -10.12 -35.48
N ARG B 108 5.42 -9.71 -36.31
CA ARG B 108 5.44 -10.12 -37.71
C ARG B 108 6.16 -11.46 -37.84
N ARG B 109 5.59 -12.34 -38.65
CA ARG B 109 6.18 -13.63 -38.95
C ARG B 109 6.04 -13.88 -40.45
N THR B 110 6.61 -15.00 -40.90
CA THR B 110 6.47 -15.37 -42.30
C THR B 110 5.02 -15.69 -42.61
N VAL B 111 4.67 -15.59 -43.89
CA VAL B 111 3.30 -15.87 -44.31
C VAL B 111 2.99 -17.34 -44.03
N ALA B 112 1.73 -17.62 -43.74
CA ALA B 112 1.28 -18.97 -43.45
C ALA B 112 -0.14 -19.15 -43.96
N ALA B 113 -0.34 -20.14 -44.80
CA ALA B 113 -1.68 -20.36 -45.32
C ALA B 113 -2.55 -21.06 -44.29
N PRO B 114 -3.85 -20.79 -44.27
CA PRO B 114 -4.73 -21.49 -43.34
C PRO B 114 -4.91 -22.95 -43.72
N SER B 115 -4.98 -23.80 -42.71
CA SER B 115 -5.41 -25.19 -42.90
C SER B 115 -6.92 -25.22 -42.74
N VAL B 116 -7.63 -25.49 -43.82
CA VAL B 116 -9.08 -25.33 -43.84
C VAL B 116 -9.74 -26.64 -43.46
N PHE B 117 -10.88 -26.52 -42.80
CA PHE B 117 -11.69 -27.66 -42.38
C PHE B 117 -13.15 -27.25 -42.42
N ILE B 118 -14.03 -28.21 -42.72
CA ILE B 118 -15.46 -27.97 -42.69
C ILE B 118 -16.12 -29.07 -41.87
N PHE B 119 -17.14 -28.69 -41.11
CA PHE B 119 -17.81 -29.59 -40.17
C PHE B 119 -19.30 -29.56 -40.50
N PRO B 120 -19.92 -30.70 -40.83
CA PRO B 120 -21.34 -30.69 -41.13
C PRO B 120 -22.16 -30.69 -39.85
N PRO B 121 -23.42 -30.25 -39.90
CA PRO B 121 -24.22 -30.22 -38.68
C PRO B 121 -24.30 -31.59 -38.03
N SER B 122 -24.13 -31.62 -36.71
CA SER B 122 -24.34 -32.84 -35.96
C SER B 122 -25.79 -33.30 -36.11
N ASP B 123 -25.99 -34.62 -36.05
CA ASP B 123 -27.34 -35.14 -36.07
C ASP B 123 -28.10 -34.81 -34.78
N GLU B 124 -27.38 -34.55 -33.69
CA GLU B 124 -28.04 -34.06 -32.48
C GLU B 124 -28.71 -32.72 -32.73
N GLN B 125 -28.02 -31.82 -33.43
CA GLN B 125 -28.54 -30.48 -33.66
C GLN B 125 -29.66 -30.46 -34.70
N LEU B 126 -29.70 -31.44 -35.61
CA LEU B 126 -30.65 -31.38 -36.72
C LEU B 126 -32.09 -31.55 -36.25
N LYS B 127 -32.34 -32.36 -35.23
CA LYS B 127 -33.69 -32.50 -34.72
C LYS B 127 -34.25 -31.15 -34.25
N SER B 128 -33.44 -30.37 -33.55
CA SER B 128 -33.91 -29.11 -32.96
C SER B 128 -34.52 -28.18 -33.98
N GLY B 129 -34.25 -28.39 -35.27
CA GLY B 129 -34.81 -27.56 -36.32
C GLY B 129 -33.87 -26.55 -36.93
N THR B 130 -32.63 -26.49 -36.46
CA THR B 130 -31.64 -25.57 -36.99
C THR B 130 -30.40 -26.38 -37.39
N ALA B 131 -29.62 -25.82 -38.31
CA ALA B 131 -28.44 -26.49 -38.87
C ALA B 131 -27.29 -25.51 -38.92
N SER B 132 -26.17 -25.87 -38.31
CA SER B 132 -25.00 -25.01 -38.25
C SER B 132 -23.82 -25.72 -38.91
N VAL B 133 -23.31 -25.12 -39.98
CA VAL B 133 -22.10 -25.59 -40.65
C VAL B 133 -20.95 -24.70 -40.22
N VAL B 134 -19.85 -25.31 -39.79
CA VAL B 134 -18.69 -24.57 -39.29
C VAL B 134 -17.53 -24.80 -40.24
N CYS B 135 -17.00 -23.70 -40.79
CA CYS B 135 -15.76 -23.72 -41.56
C CYS B 135 -14.67 -23.09 -40.71
N LEU B 136 -13.53 -23.79 -40.61
CA LEU B 136 -12.47 -23.43 -39.67
C LEU B 136 -11.17 -23.18 -40.43
N LEU B 137 -10.78 -21.91 -40.54
CA LEU B 137 -9.47 -21.54 -41.05
C LEU B 137 -8.49 -21.55 -39.89
N ASN B 138 -7.43 -22.35 -39.99
CA ASN B 138 -6.59 -22.66 -38.84
C ASN B 138 -5.13 -22.29 -39.09
N ASN B 139 -4.56 -21.53 -38.15
CA ASN B 139 -3.11 -21.30 -38.06
C ASN B 139 -2.56 -20.53 -39.26
N PHE B 140 -3.11 -19.36 -39.52
CA PHE B 140 -2.70 -18.56 -40.66
C PHE B 140 -2.14 -17.21 -40.24
N TYR B 141 -1.51 -16.54 -41.21
CA TYR B 141 -0.98 -15.19 -41.05
C TYR B 141 -0.67 -14.65 -42.45
N PRO B 142 -0.91 -13.35 -42.70
CA PRO B 142 -1.50 -12.36 -41.79
C PRO B 142 -2.99 -12.60 -41.55
N ARG B 143 -3.57 -11.80 -40.67
CA ARG B 143 -4.94 -12.04 -40.23
C ARG B 143 -5.94 -11.86 -41.37
N GLU B 144 -5.65 -10.98 -42.33
CA GLU B 144 -6.60 -10.68 -43.39
C GLU B 144 -6.95 -11.95 -44.16
N ALA B 145 -8.23 -12.33 -44.10
CA ALA B 145 -8.73 -13.51 -44.79
C ALA B 145 -10.18 -13.30 -45.18
N LYS B 146 -10.58 -13.91 -46.28
CA LYS B 146 -11.97 -13.90 -46.73
C LYS B 146 -12.55 -15.30 -46.65
N VAL B 147 -13.85 -15.38 -46.43
CA VAL B 147 -14.57 -16.65 -46.33
C VAL B 147 -15.97 -16.45 -46.88
N GLN B 148 -16.36 -17.27 -47.84
CA GLN B 148 -17.65 -17.13 -48.50
C GLN B 148 -18.30 -18.49 -48.67
N TRP B 149 -19.55 -18.60 -48.23
CA TRP B 149 -20.28 -19.85 -48.29
C TRP B 149 -20.96 -20.01 -49.65
N LYS B 150 -21.18 -21.27 -50.02
CA LYS B 150 -21.88 -21.61 -51.25
C LYS B 150 -22.72 -22.85 -50.98
N VAL B 151 -23.98 -22.82 -51.40
CA VAL B 151 -24.88 -23.97 -51.28
C VAL B 151 -25.43 -24.25 -52.68
N ASP B 152 -25.06 -25.39 -53.25
CA ASP B 152 -25.40 -25.72 -54.63
C ASP B 152 -24.88 -24.63 -55.57
N ASN B 153 -23.60 -24.31 -55.41
CA ASN B 153 -22.91 -23.30 -56.21
C ASN B 153 -23.58 -21.92 -56.16
N ALA B 154 -24.36 -21.66 -55.11
CA ALA B 154 -25.06 -20.39 -54.93
C ALA B 154 -24.42 -19.65 -53.75
N LEU B 155 -23.94 -18.44 -54.01
CA LEU B 155 -23.33 -17.65 -52.96
C LEU B 155 -24.33 -17.35 -51.85
N GLN B 156 -23.81 -17.07 -50.67
CA GLN B 156 -24.60 -16.71 -49.51
C GLN B 156 -24.21 -15.32 -49.02
N SER B 157 -25.22 -14.54 -48.64
CA SER B 157 -25.00 -13.26 -47.98
C SER B 157 -25.99 -13.14 -46.83
N GLY B 158 -25.47 -12.82 -45.64
CA GLY B 158 -26.33 -12.56 -44.49
C GLY B 158 -26.84 -13.80 -43.78
N ASN B 159 -26.05 -14.88 -43.73
CA ASN B 159 -26.38 -16.03 -42.90
C ASN B 159 -25.13 -16.68 -42.32
N SER B 160 -24.01 -15.98 -42.29
CA SER B 160 -22.74 -16.50 -41.78
C SER B 160 -22.12 -15.50 -40.82
N GLN B 161 -21.47 -16.00 -39.78
CA GLN B 161 -20.84 -15.18 -38.75
C GLN B 161 -19.44 -15.68 -38.47
N GLU B 162 -18.47 -14.77 -38.48
CA GLU B 162 -17.07 -15.10 -38.27
C GLU B 162 -16.62 -14.73 -36.86
N SER B 163 -15.71 -15.54 -36.31
CA SER B 163 -14.97 -15.22 -35.11
C SER B 163 -13.48 -15.43 -35.37
N VAL B 164 -12.65 -14.55 -34.81
CA VAL B 164 -11.21 -14.63 -35.01
C VAL B 164 -10.53 -14.58 -33.65
N THR B 165 -9.54 -15.46 -33.45
CA THR B 165 -8.78 -15.52 -32.21
C THR B 165 -7.71 -14.44 -32.20
N GLU B 166 -7.18 -14.19 -31.00
CA GLU B 166 -6.00 -13.36 -30.86
C GLU B 166 -4.78 -14.13 -31.35
N GLN B 167 -3.79 -13.39 -31.85
CA GLN B 167 -2.54 -13.98 -32.32
C GLN B 167 -1.98 -14.95 -31.29
N ASP B 168 -1.73 -16.18 -31.73
CA ASP B 168 -1.22 -17.20 -30.82
C ASP B 168 0.16 -16.81 -30.30
N SER B 169 0.48 -17.31 -29.11
CA SER B 169 1.73 -16.92 -28.45
C SER B 169 2.92 -17.78 -28.84
N LYS B 170 2.70 -18.98 -29.34
CA LYS B 170 3.81 -19.88 -29.67
C LYS B 170 4.25 -19.73 -31.13
N ASP B 171 3.33 -19.93 -32.07
CA ASP B 171 3.66 -19.82 -33.49
C ASP B 171 3.29 -18.46 -34.09
N SER B 172 2.47 -17.67 -33.41
CA SER B 172 2.18 -16.28 -33.78
C SER B 172 1.17 -16.16 -34.91
N THR B 173 0.29 -17.14 -35.03
CA THR B 173 -0.72 -17.17 -36.08
C THR B 173 -2.09 -16.84 -35.50
N TYR B 174 -3.07 -16.71 -36.39
CA TYR B 174 -4.46 -16.53 -36.02
C TYR B 174 -5.26 -17.76 -36.43
N SER B 175 -6.51 -17.81 -35.97
CA SER B 175 -7.46 -18.82 -36.40
C SER B 175 -8.84 -18.19 -36.46
N LEU B 176 -9.58 -18.50 -37.52
CA LEU B 176 -10.90 -17.94 -37.75
C LEU B 176 -11.92 -19.07 -37.90
N SER B 177 -13.18 -18.75 -37.64
CA SER B 177 -14.25 -19.73 -37.81
C SER B 177 -15.52 -18.99 -38.22
N SER B 178 -15.99 -19.25 -39.44
CA SER B 178 -17.29 -18.81 -39.89
C SER B 178 -18.30 -19.94 -39.70
N THR B 179 -19.55 -19.57 -39.40
CA THR B 179 -20.58 -20.54 -39.06
C THR B 179 -21.84 -20.21 -39.84
N LEU B 180 -22.14 -21.01 -40.85
CA LEU B 180 -23.36 -20.87 -41.62
C LEU B 180 -24.52 -21.53 -40.89
N THR B 181 -25.51 -20.72 -40.47
CA THR B 181 -26.68 -21.22 -39.76
C THR B 181 -27.88 -21.18 -40.69
N LEU B 182 -28.56 -22.33 -40.81
CA LEU B 182 -29.70 -22.49 -41.69
C LEU B 182 -30.84 -23.15 -40.92
N SER B 183 -32.01 -23.17 -41.54
CA SER B 183 -33.12 -23.96 -41.00
C SER B 183 -32.92 -25.43 -41.36
N LYS B 184 -33.53 -26.31 -40.56
CA LYS B 184 -33.52 -27.73 -40.90
C LYS B 184 -34.18 -27.95 -42.26
N ALA B 185 -35.32 -27.31 -42.49
CA ALA B 185 -35.99 -27.37 -43.78
C ALA B 185 -35.02 -27.02 -44.90
N ASP B 186 -34.57 -25.76 -44.93
CA ASP B 186 -33.69 -25.30 -45.98
C ASP B 186 -32.42 -26.14 -46.12
N TYR B 187 -32.04 -26.88 -45.07
CA TYR B 187 -30.82 -27.69 -45.15
C TYR B 187 -31.07 -29.00 -45.87
N GLU B 188 -32.22 -29.64 -45.61
CA GLU B 188 -32.58 -30.87 -46.30
C GLU B 188 -32.88 -30.65 -47.78
N LYS B 189 -33.05 -29.40 -48.22
CA LYS B 189 -33.45 -29.13 -49.59
C LYS B 189 -32.25 -29.08 -50.54
N HIS B 190 -31.10 -28.64 -50.07
CA HIS B 190 -29.90 -28.58 -50.90
C HIS B 190 -29.01 -29.79 -50.60
N LYS B 191 -27.87 -29.84 -51.28
CA LYS B 191 -27.01 -31.02 -51.24
C LYS B 191 -25.53 -30.69 -51.04
N VAL B 192 -25.02 -29.67 -51.72
CA VAL B 192 -23.60 -29.32 -51.69
C VAL B 192 -23.41 -28.13 -50.75
N TYR B 193 -22.41 -28.23 -49.86
CA TYR B 193 -22.08 -27.17 -48.93
C TYR B 193 -20.59 -26.90 -49.02
N ALA B 194 -20.23 -25.68 -49.41
CA ALA B 194 -18.84 -25.34 -49.74
C ALA B 194 -18.42 -24.09 -49.00
N CYS B 195 -17.12 -24.01 -48.73
CA CYS B 195 -16.51 -22.90 -48.00
C CYS B 195 -15.26 -22.49 -48.77
N GLU B 196 -15.33 -21.38 -49.49
CA GLU B 196 -14.20 -20.87 -50.26
C GLU B 196 -13.43 -19.85 -49.43
N VAL B 197 -12.13 -20.08 -49.29
CA VAL B 197 -11.25 -19.23 -48.48
C VAL B 197 -10.23 -18.58 -49.40
N THR B 198 -10.13 -17.25 -49.32
CA THR B 198 -9.09 -16.51 -49.99
C THR B 198 -8.09 -16.02 -48.95
N HIS B 199 -6.81 -16.08 -49.29
CA HIS B 199 -5.79 -15.66 -48.35
C HIS B 199 -4.50 -15.33 -49.09
N GLN B 200 -3.75 -14.39 -48.51
CA GLN B 200 -2.49 -13.96 -49.11
C GLN B 200 -1.56 -15.14 -49.34
N GLY B 201 -1.44 -16.01 -48.35
CA GLY B 201 -0.59 -17.17 -48.48
C GLY B 201 -1.12 -18.30 -49.32
N LEU B 202 -2.32 -18.16 -49.89
CA LEU B 202 -2.86 -19.13 -50.83
C LEU B 202 -2.62 -18.63 -52.25
N SER B 203 -2.04 -19.49 -53.08
CA SER B 203 -1.94 -19.19 -54.50
C SER B 203 -3.32 -18.98 -55.12
N SER B 204 -4.27 -19.84 -54.76
CA SER B 204 -5.62 -19.77 -55.31
C SER B 204 -6.62 -20.06 -54.20
N PRO B 205 -7.85 -19.52 -54.31
CA PRO B 205 -8.88 -19.81 -53.30
C PRO B 205 -9.07 -21.29 -53.03
N VAL B 206 -8.72 -21.71 -51.82
CA VAL B 206 -9.00 -23.07 -51.37
C VAL B 206 -10.48 -23.22 -51.07
N THR B 207 -11.04 -24.38 -51.40
CA THR B 207 -12.43 -24.71 -51.09
C THR B 207 -12.49 -26.08 -50.46
N LYS B 208 -13.18 -26.18 -49.32
CA LYS B 208 -13.56 -27.45 -48.72
C LYS B 208 -15.07 -27.53 -48.70
N SER B 209 -15.61 -28.71 -49.02
CA SER B 209 -17.05 -28.86 -49.20
C SER B 209 -17.44 -30.28 -48.86
N PHE B 210 -18.74 -30.57 -48.96
CA PHE B 210 -19.25 -31.89 -48.63
C PHE B 210 -20.66 -32.03 -49.16
N ASN B 211 -21.12 -33.28 -49.25
CA ASN B 211 -22.49 -33.60 -49.63
C ASN B 211 -23.17 -34.28 -48.46
N ARG B 212 -24.35 -33.80 -48.07
CA ARG B 212 -25.06 -34.36 -46.93
C ARG B 212 -25.40 -35.83 -47.20
N GLY B 213 -24.86 -36.71 -46.38
CA GLY B 213 -24.98 -38.15 -46.58
C GLY B 213 -23.63 -38.82 -46.70
N GLU C 1 3.26 1.86 -1.06
CA GLU C 1 4.32 0.85 -1.35
C GLU C 1 5.59 1.51 -1.88
N VAL C 2 6.56 1.73 -0.99
CA VAL C 2 7.86 2.23 -1.42
C VAL C 2 8.52 1.19 -2.31
N GLN C 3 9.34 1.65 -3.25
CA GLN C 3 9.99 0.74 -4.19
C GLN C 3 11.23 1.38 -4.76
N LEU C 4 12.23 0.53 -5.02
CA LEU C 4 13.42 0.89 -5.79
C LEU C 4 13.47 0.00 -7.03
N VAL C 5 13.99 0.56 -8.13
CA VAL C 5 14.07 -0.16 -9.40
C VAL C 5 15.40 0.18 -10.07
N GLU C 6 16.19 -0.84 -10.36
CA GLU C 6 17.37 -0.68 -11.18
C GLU C 6 17.03 -0.89 -12.66
N SER C 7 17.88 -0.34 -13.52
CA SER C 7 17.72 -0.53 -14.96
C SER C 7 19.02 -0.14 -15.64
N GLY C 8 19.19 -0.63 -16.86
CA GLY C 8 20.38 -0.38 -17.65
C GLY C 8 21.36 -1.52 -17.73
N GLY C 9 21.10 -2.63 -17.04
CA GLY C 9 22.00 -3.76 -17.09
C GLY C 9 21.85 -4.57 -18.36
N GLY C 10 22.96 -5.17 -18.78
CA GLY C 10 22.99 -5.94 -20.02
C GLY C 10 24.35 -6.55 -20.26
N VAL C 11 24.87 -6.40 -21.48
CA VAL C 11 26.12 -7.02 -21.88
C VAL C 11 27.18 -5.94 -22.07
N VAL C 12 28.43 -6.32 -21.80
CA VAL C 12 29.57 -5.43 -22.00
C VAL C 12 30.83 -6.29 -22.01
N ARG C 13 31.80 -5.93 -22.91
CA ARG C 13 32.99 -6.76 -23.04
C ARG C 13 34.14 -6.22 -22.18
N PRO C 14 35.07 -7.08 -21.76
CA PRO C 14 36.10 -6.64 -20.82
C PRO C 14 36.74 -5.32 -21.23
N GLY C 15 37.04 -4.49 -20.22
CA GLY C 15 37.55 -3.16 -20.47
C GLY C 15 36.55 -2.19 -21.03
N GLY C 16 35.28 -2.58 -21.10
CA GLY C 16 34.25 -1.72 -21.66
C GLY C 16 33.76 -0.69 -20.67
N SER C 17 32.53 -0.23 -20.89
CA SER C 17 31.89 0.77 -20.05
C SER C 17 30.41 0.46 -19.93
N LEU C 18 29.84 0.85 -18.79
CA LEU C 18 28.42 0.67 -18.56
C LEU C 18 28.00 1.57 -17.40
N ARG C 19 26.74 2.01 -17.44
CA ARG C 19 26.21 2.96 -16.44
C ARG C 19 24.85 2.45 -15.97
N LEU C 20 24.75 2.18 -14.68
CA LEU C 20 23.52 1.69 -14.06
C LEU C 20 22.74 2.87 -13.47
N SER C 21 21.45 2.64 -13.25
CA SER C 21 20.55 3.68 -12.76
C SER C 21 19.54 3.08 -11.79
N CYS C 22 19.37 3.73 -10.64
CA CYS C 22 18.42 3.33 -9.62
C CYS C 22 17.37 4.42 -9.47
N ALA C 23 16.10 4.04 -9.52
CA ALA C 23 14.99 4.99 -9.48
C ALA C 23 14.14 4.70 -8.24
N ALA C 24 13.93 5.74 -7.43
CA ALA C 24 13.23 5.59 -6.15
C ALA C 24 11.80 6.09 -6.25
N SER C 25 10.98 5.67 -5.28
CA SER C 25 9.58 6.05 -5.22
C SER C 25 9.06 5.89 -3.81
N GLY C 26 8.08 6.72 -3.46
CA GLY C 26 7.29 6.51 -2.26
C GLY C 26 7.89 7.05 -0.97
N PHE C 27 8.99 7.79 -1.04
CA PHE C 27 9.59 8.32 0.18
C PHE C 27 10.43 9.55 -0.15
N ILE C 28 10.75 10.30 0.90
CA ILE C 28 11.60 11.48 0.76
C ILE C 28 12.99 11.04 0.37
N PHE C 29 13.28 11.05 -0.92
CA PHE C 29 14.58 10.56 -1.41
C PHE C 29 15.72 11.36 -0.81
N GLU C 30 15.53 12.67 -0.64
CA GLU C 30 16.62 13.55 -0.21
C GLU C 30 17.08 13.26 1.21
N ASN C 31 16.29 12.52 1.99
CA ASN C 31 16.64 12.26 3.38
C ASN C 31 17.50 11.03 3.57
N TYR C 32 17.49 10.10 2.62
CA TYR C 32 18.06 8.78 2.83
C TYR C 32 19.41 8.64 2.12
N GLY C 33 20.28 7.82 2.70
CA GLY C 33 21.50 7.41 2.04
C GLY C 33 21.21 6.34 1.00
N LEU C 34 22.29 5.79 0.45
CA LEU C 34 22.15 4.84 -0.65
C LEU C 34 23.38 3.96 -0.73
N THR C 35 23.21 2.76 -1.29
CA THR C 35 24.30 1.82 -1.46
C THR C 35 24.06 0.98 -2.69
N TRP C 36 25.14 0.45 -3.25
CA TRP C 36 25.08 -0.59 -4.27
C TRP C 36 25.71 -1.87 -3.72
N VAL C 37 25.18 -3.00 -4.16
CA VAL C 37 25.68 -4.31 -3.77
C VAL C 37 25.67 -5.21 -5.00
N ARG C 38 26.71 -6.01 -5.16
CA ARG C 38 26.78 -7.00 -6.21
C ARG C 38 26.62 -8.39 -5.61
N GLN C 39 26.12 -9.32 -6.41
CA GLN C 39 25.93 -10.68 -5.96
C GLN C 39 25.88 -11.61 -7.17
N VAL C 40 26.74 -12.63 -7.15
CA VAL C 40 26.67 -13.71 -8.12
C VAL C 40 25.53 -14.62 -7.68
N PRO C 41 24.70 -15.13 -8.58
CA PRO C 41 23.67 -16.09 -8.17
C PRO C 41 24.28 -17.31 -7.49
N GLY C 42 23.65 -17.72 -6.39
CA GLY C 42 24.11 -18.86 -5.62
C GLY C 42 25.18 -18.53 -4.59
N LYS C 43 26.04 -17.56 -4.88
CA LYS C 43 27.10 -17.15 -3.97
C LYS C 43 26.64 -15.91 -3.17
N GLY C 44 27.55 -15.31 -2.41
CA GLY C 44 27.18 -14.34 -1.41
C GLY C 44 27.18 -12.89 -1.91
N LEU C 45 26.79 -12.00 -1.00
CA LEU C 45 26.70 -10.57 -1.30
C LEU C 45 28.06 -9.91 -1.11
N HIS C 46 28.26 -8.81 -1.85
CA HIS C 46 29.51 -8.05 -1.76
C HIS C 46 29.19 -6.56 -1.91
N TRP C 47 29.63 -5.77 -0.94
CA TRP C 47 29.39 -4.34 -0.95
C TRP C 47 30.20 -3.68 -2.05
N VAL C 48 29.56 -2.79 -2.81
CA VAL C 48 30.22 -2.08 -3.90
C VAL C 48 30.53 -0.66 -3.48
N SER C 49 29.50 0.12 -3.14
CA SER C 49 29.68 1.53 -2.81
C SER C 49 28.55 1.99 -1.89
N GLY C 50 28.72 3.18 -1.33
CA GLY C 50 27.70 3.79 -0.50
C GLY C 50 27.92 5.28 -0.38
N MET C 51 26.83 6.04 -0.30
CA MET C 51 26.90 7.49 -0.22
C MET C 51 25.83 8.00 0.73
N ASN C 52 25.98 9.26 1.16
CA ASN C 52 25.07 9.89 2.09
C ASN C 52 24.06 10.76 1.31
N TRP C 53 23.28 11.55 2.04
CA TRP C 53 22.07 12.14 1.46
C TRP C 53 22.39 13.09 0.30
N ASN C 54 23.53 13.79 0.35
CA ASN C 54 23.87 14.77 -0.67
C ASN C 54 25.06 14.37 -1.53
N GLY C 55 25.76 13.29 -1.19
CA GLY C 55 26.90 12.81 -1.96
C GLY C 55 28.24 13.28 -1.46
N GLY C 56 28.28 14.00 -0.34
CA GLY C 56 29.53 14.50 0.20
C GLY C 56 30.31 13.50 1.03
N ASP C 57 29.86 12.25 1.08
CA ASP C 57 30.56 11.19 1.82
C ASP C 57 30.36 9.90 1.00
N THR C 58 31.10 9.81 -0.10
CA THR C 58 31.02 8.66 -0.99
C THR C 58 32.27 7.81 -0.80
N ARG C 59 32.06 6.51 -0.63
CA ARG C 59 33.15 5.57 -0.44
C ARG C 59 32.88 4.34 -1.30
N TYR C 60 33.91 3.54 -1.49
CA TYR C 60 33.84 2.38 -2.38
C TYR C 60 34.61 1.23 -1.74
N ALA C 61 34.42 0.04 -2.30
CA ALA C 61 35.12 -1.14 -1.84
C ALA C 61 36.54 -1.17 -2.39
N ASP C 62 37.39 -1.97 -1.76
CA ASP C 62 38.79 -2.05 -2.18
C ASP C 62 38.92 -2.50 -3.62
N SER C 63 37.99 -3.32 -4.11
CA SER C 63 38.06 -3.80 -5.48
C SER C 63 37.48 -2.82 -6.49
N VAL C 64 36.89 -1.72 -6.04
CA VAL C 64 36.09 -0.89 -6.93
C VAL C 64 36.59 0.55 -6.95
N ARG C 65 37.24 1.00 -5.88
CA ARG C 65 37.72 2.37 -5.80
C ARG C 65 38.48 2.74 -7.06
N GLY C 66 38.35 4.01 -7.46
CA GLY C 66 39.06 4.52 -8.62
C GLY C 66 38.66 3.88 -9.93
N ARG C 67 37.69 2.97 -9.87
CA ARG C 67 37.21 2.26 -11.06
C ARG C 67 35.73 2.54 -11.33
N PHE C 68 34.88 2.40 -10.31
CA PHE C 68 33.50 2.86 -10.40
C PHE C 68 33.37 4.21 -9.71
N SER C 69 32.30 4.91 -10.05
CA SER C 69 31.99 6.21 -9.46
C SER C 69 30.49 6.30 -9.27
N MET C 70 30.07 6.92 -8.17
CA MET C 70 28.67 6.94 -7.78
C MET C 70 28.23 8.36 -7.46
N SER C 71 27.05 8.72 -7.94
CA SER C 71 26.49 10.06 -7.79
C SER C 71 24.98 9.92 -7.64
N ARG C 72 24.31 11.07 -7.53
CA ARG C 72 22.86 11.07 -7.38
C ARG C 72 22.30 12.42 -7.81
N ASP C 73 21.06 12.40 -8.30
CA ASP C 73 20.32 13.60 -8.69
C ASP C 73 19.01 13.62 -7.91
N ASN C 74 19.02 14.31 -6.76
CA ASN C 74 17.85 14.34 -5.90
C ASN C 74 16.63 14.98 -6.55
N SER C 75 16.84 15.84 -7.57
CA SER C 75 15.73 16.58 -8.15
C SER C 75 14.69 15.63 -8.75
N ASN C 76 15.14 14.55 -9.39
CA ASN C 76 14.26 13.63 -10.11
C ASN C 76 14.22 12.25 -9.47
N ASN C 77 14.65 12.14 -8.21
CA ASN C 77 14.65 10.85 -7.51
C ASN C 77 15.33 9.78 -8.35
N ILE C 78 16.66 9.82 -8.42
CA ILE C 78 17.39 8.86 -9.24
C ILE C 78 18.86 8.89 -8.81
N ALA C 79 19.49 7.72 -8.82
CA ALA C 79 20.91 7.57 -8.56
C ALA C 79 21.53 6.69 -9.64
N TYR C 80 22.79 6.94 -9.95
CA TYR C 80 23.50 6.24 -10.99
C TYR C 80 24.75 5.57 -10.43
N LEU C 81 25.34 4.69 -11.24
CA LEU C 81 26.61 4.03 -10.90
C LEU C 81 27.45 3.98 -12.16
N GLN C 82 28.54 4.75 -12.19
CA GLN C 82 29.41 4.85 -13.35
C GLN C 82 30.50 3.78 -13.24
N MET C 83 30.55 2.88 -14.22
CA MET C 83 31.48 1.76 -14.22
C MET C 83 32.41 1.86 -15.42
N LYS C 84 33.71 1.67 -15.19
CA LYS C 84 34.70 1.69 -16.25
C LYS C 84 35.76 0.64 -15.97
N ASN C 85 36.41 0.15 -17.04
CA ASN C 85 37.51 -0.80 -16.94
C ASN C 85 37.01 -2.15 -16.40
N LEU C 86 35.92 -2.63 -16.97
CA LEU C 86 35.23 -3.79 -16.42
C LEU C 86 36.06 -5.05 -16.64
N ARG C 87 36.51 -5.66 -15.55
CA ARG C 87 37.09 -6.98 -15.63
C ARG C 87 35.99 -8.03 -15.83
N VAL C 88 36.40 -9.25 -16.18
CA VAL C 88 35.44 -10.34 -16.30
C VAL C 88 34.92 -10.73 -14.93
N ASP C 89 35.70 -10.49 -13.87
CA ASP C 89 35.28 -10.87 -12.52
C ASP C 89 34.04 -10.10 -12.09
N ASP C 90 33.89 -8.86 -12.55
CA ASP C 90 32.79 -8.01 -12.13
C ASP C 90 31.42 -8.54 -12.57
N THR C 91 31.37 -9.64 -13.31
CA THR C 91 30.08 -10.23 -13.67
C THR C 91 29.31 -10.58 -12.40
N ALA C 92 28.07 -10.08 -12.31
CA ALA C 92 27.22 -10.36 -11.17
C ALA C 92 25.87 -9.67 -11.33
N LEU C 93 24.99 -9.84 -10.35
CA LEU C 93 23.74 -9.10 -10.28
C LEU C 93 23.94 -7.92 -9.33
N TYR C 94 23.56 -6.73 -9.78
CA TYR C 94 23.86 -5.49 -9.05
C TYR C 94 22.57 -4.94 -8.44
N TYR C 95 22.49 -5.02 -7.11
CA TYR C 95 21.36 -4.49 -6.37
C TYR C 95 21.52 -3.00 -6.11
N CYS C 96 20.41 -2.36 -5.73
CA CYS C 96 20.39 -1.00 -5.22
C CYS C 96 19.56 -1.01 -3.94
N ALA C 97 20.17 -0.59 -2.84
CA ALA C 97 19.53 -0.68 -1.53
C ALA C 97 19.58 0.68 -0.83
N ARG C 98 18.54 0.95 -0.03
CA ARG C 98 18.38 2.23 0.62
C ARG C 98 18.99 2.19 2.03
N GLY C 99 19.62 3.29 2.41
CA GLY C 99 20.27 3.37 3.71
C GLY C 99 19.35 3.81 4.84
N THR C 100 19.80 4.79 5.62
CA THR C 100 19.05 5.32 6.74
C THR C 100 18.64 6.76 6.46
N ASP C 101 17.77 7.29 7.32
CA ASP C 101 17.37 8.70 7.25
C ASP C 101 17.97 9.51 8.38
N TYR C 102 19.14 9.09 8.87
CA TYR C 102 19.79 9.77 9.99
C TYR C 102 21.27 9.47 9.92
N THR C 103 22.03 10.12 10.81
CA THR C 103 23.47 9.85 10.90
C THR C 103 24.00 10.40 12.22
N ILE C 104 25.13 9.83 12.64
CA ILE C 104 25.75 10.13 13.92
C ILE C 104 27.25 10.35 13.68
N ASP C 105 27.84 11.31 14.41
CA ASP C 105 29.26 11.58 14.31
C ASP C 105 29.98 11.03 15.53
N ASP C 106 31.28 11.32 15.64
CA ASP C 106 32.13 10.76 16.69
C ASP C 106 31.88 11.36 18.06
N GLN C 107 30.95 12.30 18.19
CA GLN C 107 30.57 12.85 19.49
C GLN C 107 29.27 12.24 20.03
N GLY C 108 28.51 11.55 19.19
CA GLY C 108 27.28 10.92 19.59
C GLY C 108 26.03 11.74 19.37
N ILE C 109 26.03 12.64 18.38
CA ILE C 109 24.91 13.53 18.13
C ILE C 109 24.17 13.05 16.90
N PHE C 110 22.85 13.25 16.91
CA PHE C 110 21.93 12.62 15.96
C PHE C 110 21.45 13.69 14.97
N TYR C 111 21.59 13.39 13.68
CA TYR C 111 21.19 14.31 12.60
C TYR C 111 20.07 13.65 11.81
N LYS C 112 18.84 14.13 12.00
CA LYS C 112 17.69 13.60 11.27
C LYS C 112 17.55 14.32 9.93
N GLY C 113 17.26 13.55 8.89
CA GLY C 113 17.23 14.06 7.53
C GLY C 113 18.56 14.01 6.81
N SER C 114 19.62 13.59 7.49
CA SER C 114 20.95 13.50 6.91
C SER C 114 21.35 12.03 6.81
N GLY C 115 20.64 11.30 5.95
CA GLY C 115 20.80 9.87 5.89
C GLY C 115 22.20 9.45 5.46
N THR C 116 22.51 8.19 5.73
CA THR C 116 23.80 7.62 5.37
C THR C 116 23.58 6.19 4.87
N PHE C 117 24.67 5.44 4.75
CA PHE C 117 24.64 4.12 4.12
C PHE C 117 25.19 3.05 5.06
N TRP C 118 24.62 2.95 6.26
CA TRP C 118 25.00 1.91 7.21
C TRP C 118 24.28 0.60 6.88
N TYR C 119 23.15 0.37 7.53
CA TYR C 119 22.30 -0.77 7.23
C TYR C 119 21.23 -0.37 6.22
N PHE C 120 20.64 -1.38 5.57
CA PHE C 120 19.78 -1.15 4.41
C PHE C 120 18.48 -1.90 4.57
N ASP C 121 17.35 -1.18 4.44
CA ASP C 121 16.02 -1.74 4.66
C ASP C 121 15.23 -1.96 3.36
N LEU C 122 15.43 -1.13 2.34
CA LEU C 122 14.68 -1.23 1.09
C LEU C 122 15.62 -1.67 -0.02
N TRP C 123 15.36 -2.84 -0.58
CA TRP C 123 16.22 -3.43 -1.61
C TRP C 123 15.48 -3.47 -2.94
N GLY C 124 16.25 -3.33 -4.02
CA GLY C 124 15.69 -3.31 -5.36
C GLY C 124 15.52 -4.70 -5.94
N ARG C 125 14.92 -4.73 -7.14
CA ARG C 125 14.74 -5.99 -7.85
C ARG C 125 16.08 -6.61 -8.21
N GLY C 126 17.01 -5.81 -8.73
CA GLY C 126 18.30 -6.31 -9.16
C GLY C 126 18.42 -6.45 -10.66
N THR C 127 19.40 -5.75 -11.24
CA THR C 127 19.65 -5.79 -12.68
C THR C 127 20.95 -6.55 -12.92
N LEU C 128 20.99 -7.30 -14.01
CA LEU C 128 22.09 -8.23 -14.27
C LEU C 128 23.14 -7.61 -15.18
N VAL C 129 24.41 -7.87 -14.86
CA VAL C 129 25.55 -7.35 -15.59
C VAL C 129 26.45 -8.53 -15.95
N THR C 130 26.69 -8.73 -17.24
CA THR C 130 27.52 -9.83 -17.72
C THR C 130 28.69 -9.26 -18.52
N VAL C 131 29.90 -9.46 -18.02
CA VAL C 131 31.13 -9.00 -18.66
C VAL C 131 31.80 -10.23 -19.25
N SER C 132 31.66 -10.41 -20.56
CA SER C 132 32.25 -11.57 -21.23
C SER C 132 32.44 -11.24 -22.71
N SER C 133 33.64 -11.54 -23.23
CA SER C 133 33.94 -11.25 -24.62
C SER C 133 33.05 -12.02 -25.59
N ALA C 134 32.49 -13.15 -25.16
CA ALA C 134 31.62 -13.93 -26.04
C ALA C 134 30.48 -13.06 -26.55
N SER C 135 30.11 -13.27 -27.80
CA SER C 135 29.03 -12.50 -28.41
C SER C 135 27.68 -13.10 -28.05
N THR C 136 26.65 -12.26 -28.08
CA THR C 136 25.30 -12.71 -27.79
C THR C 136 24.85 -13.73 -28.82
N LYS C 137 24.23 -14.80 -28.34
CA LYS C 137 23.73 -15.88 -29.21
C LYS C 137 22.44 -16.41 -28.61
N GLY C 138 21.79 -17.33 -29.33
CA GLY C 138 20.53 -17.89 -28.92
C GLY C 138 20.65 -19.34 -28.50
N PRO C 139 19.71 -19.81 -27.67
CA PRO C 139 19.82 -21.17 -27.16
C PRO C 139 19.33 -22.21 -28.16
N SER C 140 20.10 -23.29 -28.29
CA SER C 140 19.68 -24.47 -29.01
C SER C 140 19.20 -25.49 -27.99
N VAL C 141 17.97 -25.99 -28.16
CA VAL C 141 17.32 -26.83 -27.17
C VAL C 141 17.18 -28.24 -27.73
N PHE C 142 17.50 -29.22 -26.90
CA PHE C 142 17.44 -30.62 -27.28
C PHE C 142 16.65 -31.41 -26.25
N PRO C 143 16.03 -32.52 -26.65
CA PRO C 143 15.24 -33.31 -25.70
C PRO C 143 16.06 -34.37 -24.97
N LEU C 144 15.52 -34.79 -23.83
CA LEU C 144 16.08 -35.88 -23.02
C LEU C 144 14.95 -36.91 -22.85
N ALA C 145 14.90 -37.92 -23.76
CA ALA C 145 13.79 -38.86 -23.78
C ALA C 145 14.08 -40.08 -22.91
N PRO C 146 13.03 -40.73 -22.39
CA PRO C 146 13.24 -41.88 -21.51
C PRO C 146 13.49 -43.15 -22.31
N SER C 147 13.77 -44.24 -21.57
CA SER C 147 14.17 -45.51 -22.16
C SER C 147 13.03 -46.51 -22.21
N THR C 151 12.15 -46.71 -18.93
CA THR C 151 11.71 -47.92 -18.22
C THR C 151 12.51 -48.11 -16.93
N SER C 152 12.73 -47.00 -16.20
CA SER C 152 13.53 -47.04 -14.98
C SER C 152 12.61 -47.26 -13.78
N GLY C 153 12.08 -48.48 -13.70
CA GLY C 153 11.17 -48.84 -12.63
C GLY C 153 9.73 -48.57 -12.99
N GLY C 154 8.96 -48.05 -12.03
CA GLY C 154 7.60 -47.63 -12.30
C GLY C 154 7.53 -46.20 -12.80
N THR C 155 8.29 -45.32 -12.15
CA THR C 155 8.30 -43.91 -12.50
C THR C 155 9.35 -43.66 -13.59
N ALA C 156 9.04 -42.73 -14.49
CA ALA C 156 9.92 -42.36 -15.58
C ALA C 156 10.45 -40.95 -15.37
N ALA C 157 11.27 -40.49 -16.31
CA ALA C 157 11.83 -39.15 -16.27
C ALA C 157 12.16 -38.70 -17.67
N LEU C 158 11.92 -37.41 -17.94
CA LEU C 158 12.21 -36.82 -19.23
C LEU C 158 12.47 -35.34 -19.02
N GLY C 159 12.97 -34.68 -20.06
CA GLY C 159 13.29 -33.28 -19.94
C GLY C 159 13.83 -32.72 -21.23
N CYS C 160 14.46 -31.56 -21.14
CA CYS C 160 15.05 -30.89 -22.30
C CYS C 160 16.35 -30.21 -21.88
N LEU C 161 17.19 -29.96 -22.88
CA LEU C 161 18.56 -29.51 -22.67
C LEU C 161 18.76 -28.20 -23.43
N VAL C 162 18.80 -27.09 -22.72
CA VAL C 162 19.07 -25.78 -23.30
C VAL C 162 20.57 -25.58 -23.28
N LYS C 163 21.20 -25.52 -24.46
CA LYS C 163 22.65 -25.47 -24.55
C LYS C 163 23.10 -24.30 -25.42
N ASP C 164 24.24 -23.71 -25.03
CA ASP C 164 24.97 -22.76 -25.86
C ASP C 164 24.19 -21.47 -26.10
N TYR C 165 23.92 -20.73 -25.01
CA TYR C 165 23.27 -19.43 -25.11
C TYR C 165 24.05 -18.42 -24.27
N PHE C 166 23.85 -17.16 -24.59
CA PHE C 166 24.51 -16.06 -23.88
C PHE C 166 23.82 -14.74 -24.20
N PRO C 167 23.55 -13.90 -23.17
CA PRO C 167 23.82 -14.09 -21.74
C PRO C 167 22.62 -14.68 -21.01
N GLU C 168 22.70 -14.73 -19.68
CA GLU C 168 21.57 -15.13 -18.86
C GLU C 168 20.54 -14.00 -18.82
N PRO C 169 19.29 -14.31 -18.41
CA PRO C 169 18.73 -15.60 -18.00
C PRO C 169 17.93 -16.31 -19.09
N VAL C 170 17.27 -17.41 -18.71
CA VAL C 170 16.42 -18.19 -19.60
C VAL C 170 15.34 -18.85 -18.75
N THR C 171 14.08 -18.67 -19.13
CA THR C 171 12.94 -19.23 -18.41
C THR C 171 12.45 -20.48 -19.13
N VAL C 172 12.04 -21.48 -18.33
CA VAL C 172 11.62 -22.77 -18.85
C VAL C 172 10.40 -23.23 -18.08
N SER C 173 9.31 -23.51 -18.80
CA SER C 173 8.09 -24.05 -18.22
C SER C 173 7.69 -25.30 -19.00
N TRP C 174 6.62 -25.95 -18.54
CA TRP C 174 6.17 -27.22 -19.11
C TRP C 174 4.67 -27.13 -19.39
N ASN C 175 4.31 -27.16 -20.67
CA ASN C 175 2.92 -27.10 -21.10
C ASN C 175 2.32 -25.72 -20.82
N SER C 176 3.03 -24.68 -21.26
CA SER C 176 2.58 -23.30 -21.13
C SER C 176 2.36 -22.89 -19.68
N GLY C 177 3.08 -23.51 -18.75
CA GLY C 177 2.97 -23.22 -17.35
C GLY C 177 2.02 -24.12 -16.58
N ALA C 178 1.37 -25.06 -17.25
CA ALA C 178 0.42 -25.94 -16.57
C ALA C 178 1.15 -26.88 -15.62
N LEU C 179 2.06 -27.69 -16.15
CA LEU C 179 2.72 -28.73 -15.36
C LEU C 179 3.79 -28.11 -14.47
N THR C 180 3.66 -28.33 -13.16
CA THR C 180 4.60 -27.79 -12.19
C THR C 180 4.98 -28.79 -11.11
N SER C 181 4.31 -29.93 -10.99
CA SER C 181 4.62 -30.92 -9.97
C SER C 181 5.73 -31.84 -10.46
N GLY C 182 6.65 -32.16 -9.55
CA GLY C 182 7.77 -33.02 -9.88
C GLY C 182 8.77 -32.39 -10.80
N VAL C 183 8.62 -31.10 -11.11
CA VAL C 183 9.47 -30.42 -12.08
C VAL C 183 10.69 -29.85 -11.36
N HIS C 184 11.84 -29.96 -12.01
CA HIS C 184 13.08 -29.38 -11.51
C HIS C 184 13.80 -28.73 -12.68
N THR C 185 14.16 -27.46 -12.52
CA THR C 185 14.95 -26.74 -13.50
C THR C 185 16.27 -26.36 -12.84
N PHE C 186 17.34 -26.80 -13.42
CA PHE C 186 18.64 -26.66 -12.78
C PHE C 186 19.28 -25.31 -13.13
N PRO C 187 20.02 -24.72 -12.20
CA PRO C 187 20.79 -23.51 -12.53
C PRO C 187 21.70 -23.73 -13.73
N ALA C 188 22.06 -22.66 -14.41
CA ALA C 188 22.95 -22.77 -15.54
C ALA C 188 24.39 -22.90 -15.08
N VAL C 189 25.25 -23.36 -15.99
CA VAL C 189 26.67 -23.52 -15.73
C VAL C 189 27.43 -22.85 -16.87
N LEU C 190 28.41 -22.03 -16.52
CA LEU C 190 29.17 -21.29 -17.52
C LEU C 190 30.20 -22.21 -18.14
N GLN C 191 30.10 -22.40 -19.46
CA GLN C 191 30.95 -23.33 -20.18
C GLN C 191 32.21 -22.63 -20.67
N SER C 192 33.19 -23.43 -21.10
CA SER C 192 34.48 -22.89 -21.50
C SER C 192 34.38 -22.06 -22.77
N SER C 193 33.39 -22.35 -23.62
CA SER C 193 33.20 -21.61 -24.86
C SER C 193 32.65 -20.21 -24.64
N GLY C 194 32.29 -19.86 -23.41
CA GLY C 194 31.73 -18.56 -23.09
C GLY C 194 30.22 -18.55 -22.94
N LEU C 195 29.55 -19.63 -23.31
CA LEU C 195 28.09 -19.68 -23.30
C LEU C 195 27.57 -20.51 -22.13
N TYR C 196 26.29 -20.33 -21.84
CA TYR C 196 25.65 -20.97 -20.70
C TYR C 196 24.89 -22.22 -21.15
N SER C 197 24.40 -22.98 -20.18
CA SER C 197 23.64 -24.18 -20.47
C SER C 197 22.76 -24.55 -19.27
N LEU C 198 21.53 -24.96 -19.56
CA LEU C 198 20.57 -25.36 -18.53
C LEU C 198 20.02 -26.73 -18.87
N SER C 199 19.37 -27.35 -17.87
CA SER C 199 18.65 -28.59 -18.06
C SER C 199 17.39 -28.55 -17.21
N SER C 200 16.28 -29.00 -17.78
CA SER C 200 15.00 -29.04 -17.08
C SER C 200 14.41 -30.44 -17.23
N VAL C 201 13.89 -30.99 -16.11
CA VAL C 201 13.48 -32.38 -16.04
C VAL C 201 12.16 -32.50 -15.30
N VAL C 202 11.49 -33.63 -15.53
CA VAL C 202 10.19 -33.92 -14.93
C VAL C 202 10.11 -35.41 -14.64
N THR C 203 9.39 -35.76 -13.56
CA THR C 203 9.07 -37.14 -13.26
C THR C 203 7.66 -37.43 -13.73
N VAL C 204 7.51 -38.48 -14.53
CA VAL C 204 6.22 -38.83 -15.13
C VAL C 204 6.00 -40.34 -14.94
N PRO C 205 4.78 -40.79 -14.71
CA PRO C 205 4.53 -42.24 -14.70
C PRO C 205 4.81 -42.86 -16.06
N SER C 206 5.43 -44.03 -16.04
CA SER C 206 5.82 -44.69 -17.29
C SER C 206 4.61 -44.97 -18.17
N SER C 207 3.44 -45.20 -17.57
CA SER C 207 2.26 -45.57 -18.34
C SER C 207 1.94 -44.52 -19.40
N SER C 208 2.16 -43.25 -19.09
CA SER C 208 1.82 -42.17 -20.01
C SER C 208 2.80 -42.11 -21.18
N LEU C 209 2.73 -43.08 -22.08
CA LEU C 209 3.64 -43.12 -23.22
C LEU C 209 3.26 -42.08 -24.26
N GLY C 210 2.08 -42.21 -24.85
CA GLY C 210 1.64 -41.32 -25.91
C GLY C 210 0.32 -40.63 -25.66
N THR C 211 -0.28 -40.86 -24.48
CA THR C 211 -1.55 -40.22 -24.17
C THR C 211 -1.36 -38.76 -23.81
N GLN C 212 -0.33 -38.43 -23.04
CA GLN C 212 -0.05 -37.06 -22.63
C GLN C 212 1.07 -36.47 -23.48
N THR C 213 1.03 -35.15 -23.65
CA THR C 213 2.00 -34.41 -24.43
C THR C 213 2.83 -33.50 -23.53
N TYR C 214 4.10 -33.33 -23.88
CA TYR C 214 5.03 -32.57 -23.06
C TYR C 214 5.83 -31.63 -23.95
N ILE C 215 5.77 -30.34 -23.66
CA ILE C 215 6.42 -29.30 -24.45
C ILE C 215 7.25 -28.43 -23.52
N CYS C 216 8.49 -28.18 -23.91
CA CYS C 216 9.36 -27.26 -23.19
C CYS C 216 9.13 -25.85 -23.70
N ASN C 217 9.00 -24.90 -22.77
CA ASN C 217 8.70 -23.52 -23.11
C ASN C 217 9.88 -22.65 -22.67
N VAL C 218 10.90 -22.57 -23.52
CA VAL C 218 12.11 -21.81 -23.24
C VAL C 218 11.96 -20.41 -23.82
N ASN C 219 12.47 -19.41 -23.12
CA ASN C 219 12.43 -18.03 -23.60
C ASN C 219 13.72 -17.32 -23.22
N HIS C 220 14.46 -16.88 -24.23
CA HIS C 220 15.70 -16.12 -24.04
C HIS C 220 15.49 -14.76 -24.68
N LYS C 221 15.12 -13.77 -23.87
CA LYS C 221 14.72 -12.46 -24.38
C LYS C 221 15.89 -11.66 -24.94
N PRO C 222 17.08 -11.72 -24.34
CA PRO C 222 18.21 -10.92 -24.89
C PRO C 222 18.43 -11.12 -26.38
N SER C 223 18.13 -12.31 -26.90
CA SER C 223 18.14 -12.57 -28.34
C SER C 223 16.74 -12.62 -28.94
N ASN C 224 15.70 -12.49 -28.11
CA ASN C 224 14.32 -12.45 -28.58
C ASN C 224 13.91 -13.76 -29.24
N THR C 225 14.49 -14.87 -28.79
CA THR C 225 14.19 -16.19 -29.31
C THR C 225 13.29 -16.94 -28.34
N LYS C 226 12.38 -17.74 -28.88
CA LYS C 226 11.49 -18.57 -28.06
C LYS C 226 11.18 -19.84 -28.83
N VAL C 227 11.73 -20.96 -28.38
CA VAL C 227 11.50 -22.27 -28.98
C VAL C 227 10.58 -23.06 -28.06
N ASP C 228 9.85 -24.01 -28.64
CA ASP C 228 8.93 -24.82 -27.85
C ASP C 228 8.90 -26.22 -28.48
N LYS C 229 9.86 -27.04 -28.08
CA LYS C 229 10.03 -28.38 -28.64
C LYS C 229 9.35 -29.41 -27.74
N ARG C 230 8.56 -30.28 -28.35
CA ARG C 230 7.95 -31.38 -27.62
C ARG C 230 9.00 -32.45 -27.32
N VAL C 231 8.65 -33.35 -26.40
CA VAL C 231 9.52 -34.45 -26.01
C VAL C 231 8.70 -35.73 -26.08
N GLU C 232 9.27 -36.75 -26.73
CA GLU C 232 8.60 -38.04 -26.88
C GLU C 232 9.66 -39.13 -26.89
N PRO C 233 9.33 -40.35 -26.45
CA PRO C 233 10.32 -41.43 -26.40
C PRO C 233 11.07 -41.64 -27.72
N GLU D 1 39.46 -4.52 4.23
CA GLU D 1 40.22 -4.08 5.44
C GLU D 1 39.66 -4.73 6.71
N ILE D 2 38.34 -4.93 6.75
CA ILE D 2 37.69 -5.73 7.79
C ILE D 2 36.89 -6.82 7.09
N VAL D 3 37.19 -8.07 7.40
CA VAL D 3 36.57 -9.22 6.73
C VAL D 3 35.83 -10.05 7.76
N LEU D 4 34.62 -10.49 7.39
CA LEU D 4 33.72 -11.19 8.30
C LEU D 4 33.56 -12.64 7.86
N THR D 5 33.76 -13.56 8.80
CA THR D 5 33.71 -15.00 8.52
C THR D 5 32.75 -15.64 9.51
N GLN D 6 31.59 -16.10 9.01
CA GLN D 6 30.56 -16.69 9.84
C GLN D 6 30.52 -18.20 9.68
N SER D 7 30.17 -18.87 10.77
CA SER D 7 30.01 -20.32 10.78
C SER D 7 28.71 -20.67 11.48
N PRO D 8 28.17 -21.87 11.21
CA PRO D 8 28.65 -22.84 10.23
C PRO D 8 28.30 -22.45 8.81
N ALA D 9 28.82 -23.20 7.83
CA ALA D 9 28.47 -22.94 6.44
C ALA D 9 27.02 -23.32 6.15
N THR D 10 26.53 -24.37 6.79
CA THR D 10 25.16 -24.83 6.66
C THR D 10 24.71 -25.35 8.02
N LEU D 11 23.48 -25.03 8.40
CA LEU D 11 22.94 -25.41 9.70
C LEU D 11 21.58 -26.06 9.47
N SER D 12 21.57 -27.40 9.40
CA SER D 12 20.37 -28.15 9.09
C SER D 12 19.57 -28.41 10.36
N LEU D 13 18.37 -27.85 10.42
CA LEU D 13 17.54 -27.92 11.62
C LEU D 13 16.10 -28.20 11.23
N SER D 14 15.34 -28.70 12.19
CA SER D 14 13.93 -29.04 12.04
C SER D 14 13.07 -28.04 12.81
N PRO D 15 11.89 -27.67 12.30
CA PRO D 15 11.14 -26.58 12.93
C PRO D 15 10.95 -26.80 14.42
N GLY D 16 11.07 -25.71 15.18
CA GLY D 16 10.83 -25.75 16.61
C GLY D 16 12.07 -25.50 17.43
N GLU D 17 13.21 -26.06 17.01
CA GLU D 17 14.41 -26.01 17.82
C GLU D 17 15.20 -24.73 17.56
N ARG D 18 16.31 -24.57 18.27
CA ARG D 18 17.10 -23.36 18.25
C ARG D 18 18.11 -23.38 17.11
N ALA D 19 18.39 -22.19 16.57
CA ALA D 19 19.46 -21.99 15.60
C ALA D 19 20.33 -20.84 16.12
N THR D 20 21.62 -21.11 16.30
CA THR D 20 22.58 -20.09 16.70
C THR D 20 23.64 -19.96 15.61
N LEU D 21 23.72 -18.79 15.01
CA LEU D 21 24.71 -18.49 14.00
C LEU D 21 25.77 -17.58 14.59
N SER D 22 26.99 -17.73 14.09
CA SER D 22 28.12 -16.94 14.57
C SER D 22 28.75 -16.18 13.41
N CYS D 23 29.25 -14.98 13.72
CA CYS D 23 29.91 -14.13 12.73
C CYS D 23 31.15 -13.54 13.42
N ARG D 24 32.32 -13.96 12.98
CA ARG D 24 33.57 -13.53 13.57
C ARG D 24 34.20 -12.44 12.72
N ALA D 25 34.77 -11.43 13.39
CA ALA D 25 35.38 -10.30 12.71
C ALA D 25 36.90 -10.37 12.84
N SER D 26 37.59 -9.82 11.83
CA SER D 26 39.04 -9.82 11.85
C SER D 26 39.58 -8.86 12.91
N GLN D 27 38.95 -7.69 13.05
CA GLN D 27 39.31 -6.74 14.09
C GLN D 27 38.05 -6.33 14.85
N SER D 28 38.25 -5.61 15.94
CA SER D 28 37.15 -5.24 16.82
C SER D 28 36.14 -4.38 16.08
N VAL D 29 34.86 -4.63 16.36
CA VAL D 29 33.76 -3.83 15.81
C VAL D 29 32.87 -3.41 16.98
N HIS D 30 32.42 -2.17 16.95
CA HIS D 30 31.53 -1.69 18.00
C HIS D 30 30.29 -2.57 18.06
N PRO D 31 29.81 -2.93 19.26
CA PRO D 31 28.68 -3.87 19.34
C PRO D 31 27.39 -3.35 18.73
N LYS D 32 27.26 -2.04 18.54
CA LYS D 32 26.07 -1.44 17.94
C LYS D 32 26.31 -0.93 16.53
N TYR D 33 27.34 -1.44 15.86
CA TYR D 33 27.57 -1.12 14.45
C TYR D 33 27.60 -2.41 13.63
N PHE D 34 26.60 -3.26 13.86
CA PHE D 34 26.50 -4.57 13.23
C PHE D 34 25.08 -4.77 12.72
N ALA D 35 24.93 -5.59 11.69
CA ALA D 35 23.62 -5.86 11.11
C ALA D 35 23.59 -7.26 10.54
N TRP D 36 22.37 -7.80 10.41
CA TRP D 36 22.12 -9.10 9.82
C TRP D 36 21.02 -8.99 8.76
N TYR D 37 21.01 -9.95 7.85
CA TYR D 37 19.99 -10.00 6.80
C TYR D 37 19.55 -11.44 6.57
N GLN D 38 18.39 -11.57 5.93
CA GLN D 38 17.84 -12.84 5.51
C GLN D 38 17.59 -12.76 4.01
N GLN D 39 17.84 -13.86 3.30
CA GLN D 39 17.56 -13.91 1.88
C GLN D 39 17.12 -15.31 1.50
N LYS D 40 15.99 -15.40 0.83
CA LYS D 40 15.49 -16.65 0.27
C LYS D 40 15.82 -16.72 -1.21
N PRO D 41 15.83 -17.91 -1.80
CA PRO D 41 16.16 -18.04 -3.21
C PRO D 41 15.32 -17.11 -4.07
N GLY D 42 15.99 -16.39 -4.98
CA GLY D 42 15.30 -15.59 -5.97
C GLY D 42 14.66 -14.33 -5.44
N GLN D 43 14.94 -13.93 -4.22
CA GLN D 43 14.44 -12.68 -3.65
C GLN D 43 15.62 -11.79 -3.27
N SER D 44 15.30 -10.57 -2.87
CA SER D 44 16.32 -9.68 -2.35
C SER D 44 16.43 -9.84 -0.84
N PRO D 45 17.55 -9.46 -0.25
CA PRO D 45 17.68 -9.55 1.21
C PRO D 45 16.65 -8.69 1.92
N ARG D 46 16.37 -9.04 3.17
CA ARG D 46 15.52 -8.25 4.04
C ARG D 46 16.23 -8.06 5.37
N LEU D 47 16.14 -6.85 5.92
CA LEU D 47 16.83 -6.51 7.15
C LEU D 47 16.16 -7.21 8.33
N LEU D 48 16.97 -7.89 9.15
CA LEU D 48 16.50 -8.49 10.38
C LEU D 48 16.93 -7.70 11.61
N ILE D 49 18.21 -7.34 11.68
CA ILE D 49 18.78 -6.69 12.84
C ILE D 49 19.67 -5.54 12.36
N TYR D 50 19.58 -4.42 13.06
CA TYR D 50 20.52 -3.32 12.88
C TYR D 50 20.94 -2.81 14.26
N SER D 51 21.93 -1.93 14.26
CA SER D 51 22.48 -1.39 15.51
C SER D 51 22.82 -2.51 16.49
N GLY D 52 23.22 -3.67 15.97
CA GLY D 52 23.71 -4.77 16.77
C GLY D 52 22.67 -5.73 17.33
N SER D 53 21.50 -5.25 17.72
CA SER D 53 20.55 -6.11 18.39
C SER D 53 19.11 -5.63 18.32
N THR D 54 18.85 -4.48 17.67
CA THR D 54 17.49 -3.98 17.55
C THR D 54 16.84 -4.55 16.28
N ARG D 55 15.66 -5.12 16.43
CA ARG D 55 14.98 -5.78 15.33
C ARG D 55 14.36 -4.77 14.37
N ALA D 56 14.15 -5.22 13.13
CA ALA D 56 13.57 -4.38 12.09
C ALA D 56 12.06 -4.51 12.10
N ALA D 57 11.39 -3.90 11.11
CA ALA D 57 9.94 -3.89 11.06
C ALA D 57 9.41 -5.22 10.56
N GLY D 58 8.43 -5.78 11.28
CA GLY D 58 7.86 -7.06 10.95
C GLY D 58 8.63 -8.25 11.50
N ILE D 59 9.79 -8.03 12.12
CA ILE D 59 10.65 -9.10 12.58
C ILE D 59 10.24 -9.45 14.01
N ALA D 60 9.66 -10.64 14.19
CA ALA D 60 9.24 -11.08 15.51
C ALA D 60 10.46 -11.26 16.42
N ASP D 61 10.21 -11.60 17.68
CA ASP D 61 11.27 -11.67 18.68
C ASP D 61 11.90 -13.07 18.78
N ARG D 62 11.69 -13.93 17.78
CA ARG D 62 12.48 -15.15 17.75
C ARG D 62 13.88 -14.89 17.22
N PHE D 63 14.03 -13.92 16.32
CA PHE D 63 15.34 -13.45 15.90
C PHE D 63 15.91 -12.54 16.98
N SER D 64 17.18 -12.75 17.32
CA SER D 64 17.82 -12.03 18.43
C SER D 64 19.29 -11.90 18.12
N GLY D 65 19.77 -10.66 17.97
CA GLY D 65 21.15 -10.38 17.64
C GLY D 65 21.93 -9.84 18.83
N GLY D 66 23.24 -9.80 18.67
CA GLY D 66 24.11 -9.35 19.73
C GLY D 66 25.56 -9.67 19.42
N GLY D 67 26.41 -9.37 20.40
CA GLY D 67 27.83 -9.57 20.28
C GLY D 67 28.60 -8.28 20.51
N SER D 68 29.92 -8.43 20.54
CA SER D 68 30.82 -7.31 20.74
C SER D 68 32.20 -7.68 20.22
N GLY D 69 32.97 -6.66 19.84
CA GLY D 69 34.35 -6.85 19.44
C GLY D 69 34.52 -7.76 18.24
N ILE D 70 34.84 -9.04 18.50
CA ILE D 70 35.12 -10.01 17.45
C ILE D 70 34.08 -11.10 17.36
N HIS D 71 33.17 -11.20 18.34
CA HIS D 71 32.19 -12.29 18.39
C HIS D 71 30.80 -11.70 18.27
N PHE D 72 30.12 -11.99 17.17
CA PHE D 72 28.74 -11.59 16.96
C PHE D 72 27.91 -12.80 16.56
N THR D 73 26.73 -12.91 17.15
CA THR D 73 25.85 -14.05 16.91
C THR D 73 24.43 -13.57 16.63
N LEU D 74 23.77 -14.26 15.70
CA LEU D 74 22.33 -14.19 15.55
C LEU D 74 21.75 -15.52 15.98
N THR D 75 20.62 -15.48 16.68
CA THR D 75 20.01 -16.69 17.22
C THR D 75 18.50 -16.63 17.02
N ILE D 76 17.96 -17.65 16.35
CA ILE D 76 16.52 -17.84 16.23
C ILE D 76 16.11 -18.87 17.26
N THR D 77 15.08 -18.55 18.04
CA THR D 77 14.70 -19.43 19.16
C THR D 77 13.85 -20.60 18.69
N ARG D 78 12.68 -20.33 18.12
CA ARG D 78 11.75 -21.36 17.66
C ARG D 78 11.65 -21.26 16.14
N VAL D 79 12.51 -22.01 15.44
CA VAL D 79 12.50 -21.99 13.98
C VAL D 79 11.12 -22.34 13.48
N GLU D 80 10.66 -21.60 12.48
CA GLU D 80 9.41 -21.86 11.78
C GLU D 80 9.69 -22.04 10.30
N PRO D 81 8.75 -22.64 9.54
CA PRO D 81 9.03 -22.92 8.12
C PRO D 81 9.43 -21.69 7.32
N GLU D 82 8.80 -20.54 7.58
CA GLU D 82 9.14 -19.33 6.84
C GLU D 82 10.54 -18.81 7.15
N ASP D 83 11.28 -19.45 8.05
CA ASP D 83 12.58 -18.95 8.49
C ASP D 83 13.76 -19.61 7.79
N PHE D 84 13.53 -20.63 6.97
CA PHE D 84 14.63 -21.36 6.35
C PHE D 84 15.16 -20.55 5.16
N ALA D 85 16.33 -19.96 5.33
CA ALA D 85 16.93 -19.07 4.35
C ALA D 85 18.43 -18.98 4.66
N VAL D 86 19.12 -18.09 3.96
CA VAL D 86 20.54 -17.85 4.17
C VAL D 86 20.71 -16.49 4.85
N TYR D 87 21.61 -16.43 5.83
CA TYR D 87 21.69 -15.29 6.73
C TYR D 87 23.07 -14.66 6.65
N PHE D 88 23.11 -13.40 6.23
CA PHE D 88 24.34 -12.64 6.08
C PHE D 88 24.50 -11.67 7.25
N CYS D 89 25.74 -11.57 7.75
CA CYS D 89 26.08 -10.53 8.71
C CYS D 89 26.80 -9.39 8.00
N GLN D 90 26.64 -8.18 8.54
CA GLN D 90 27.27 -6.99 7.98
C GLN D 90 27.73 -6.09 9.11
N GLN D 91 28.97 -5.63 9.02
CA GLN D 91 29.51 -4.63 9.94
C GLN D 91 29.62 -3.31 9.20
N TYR D 92 29.36 -2.21 9.92
CA TYR D 92 29.47 -0.88 9.34
C TYR D 92 30.15 0.08 10.31
N GLY D 93 31.06 -0.44 11.13
CA GLY D 93 31.87 0.36 12.02
C GLY D 93 33.19 0.83 11.43
N GLY D 94 33.47 0.48 10.17
CA GLY D 94 34.70 0.91 9.52
C GLY D 94 34.72 0.62 8.04
N SER D 95 35.11 1.61 7.25
CA SER D 95 35.12 1.49 5.79
C SER D 95 36.30 0.66 5.29
N PRO D 96 36.10 -0.17 4.26
CA PRO D 96 34.82 -0.41 3.58
C PRO D 96 33.91 -1.35 4.35
N TYR D 97 32.61 -1.04 4.38
CA TYR D 97 31.65 -1.96 4.95
C TYR D 97 31.68 -3.28 4.18
N THR D 98 31.29 -4.36 4.84
CA THR D 98 31.48 -5.69 4.29
C THR D 98 30.44 -6.65 4.83
N PHE D 99 30.08 -7.64 4.03
CA PHE D 99 29.17 -8.71 4.42
C PHE D 99 29.97 -9.98 4.74
N GLY D 100 29.27 -10.93 5.34
CA GLY D 100 29.81 -12.27 5.51
C GLY D 100 29.58 -13.12 4.28
N GLN D 101 30.06 -14.37 4.35
CA GLN D 101 29.89 -15.28 3.22
C GLN D 101 28.52 -15.96 3.21
N GLY D 102 27.83 -15.97 4.34
CA GLY D 102 26.48 -16.49 4.38
C GLY D 102 26.34 -17.87 5.00
N THR D 103 25.54 -17.96 6.05
CA THR D 103 25.14 -19.22 6.64
C THR D 103 23.79 -19.63 6.07
N LYS D 104 23.70 -20.88 5.61
CA LYS D 104 22.45 -21.43 5.07
C LYS D 104 21.77 -22.25 6.17
N VAL D 105 20.55 -21.86 6.52
CA VAL D 105 19.73 -22.61 7.47
C VAL D 105 18.74 -23.42 6.62
N GLU D 106 19.03 -24.69 6.44
CA GLU D 106 18.17 -25.58 5.66
C GLU D 106 17.30 -26.43 6.58
N LEU D 107 16.34 -27.11 5.98
CA LEU D 107 15.44 -28.00 6.69
C LEU D 107 16.03 -29.40 6.76
N ARG D 108 16.10 -29.96 7.96
CA ARG D 108 16.56 -31.32 8.15
C ARG D 108 15.40 -32.28 7.94
N ARG D 109 15.69 -33.42 7.35
CA ARG D 109 14.67 -34.43 7.07
C ARG D 109 15.35 -35.79 7.04
N THR D 110 14.53 -36.84 7.11
CA THR D 110 15.06 -38.19 7.09
C THR D 110 15.72 -38.48 5.75
N VAL D 111 16.76 -39.32 5.80
CA VAL D 111 17.51 -39.67 4.59
C VAL D 111 16.57 -40.18 3.51
N ALA D 112 16.89 -39.84 2.26
CA ALA D 112 16.17 -40.32 1.09
C ALA D 112 17.16 -40.64 -0.01
N ALA D 113 17.02 -41.80 -0.63
CA ALA D 113 17.92 -42.19 -1.69
C ALA D 113 17.57 -41.48 -2.99
N PRO D 114 18.55 -41.34 -3.89
CA PRO D 114 18.27 -40.68 -5.18
C PRO D 114 17.70 -41.66 -6.20
N SER D 115 16.75 -41.17 -6.99
CA SER D 115 16.27 -41.89 -8.17
C SER D 115 17.13 -41.44 -9.36
N VAL D 116 17.92 -42.36 -9.90
CA VAL D 116 18.93 -42.02 -10.91
C VAL D 116 18.37 -42.27 -12.30
N PHE D 117 18.71 -41.40 -13.24
CA PHE D 117 18.28 -41.50 -14.61
C PHE D 117 19.42 -41.08 -15.52
N ILE D 118 19.64 -41.84 -16.59
CA ILE D 118 20.66 -41.51 -17.59
C ILE D 118 19.96 -41.26 -18.91
N PHE D 119 20.34 -40.18 -19.59
CA PHE D 119 19.72 -39.78 -20.85
C PHE D 119 20.78 -39.74 -21.95
N PRO D 120 20.74 -40.63 -22.93
CA PRO D 120 21.73 -40.58 -24.02
C PRO D 120 21.53 -39.34 -24.87
N PRO D 121 22.50 -39.01 -25.73
CA PRO D 121 22.35 -37.81 -26.56
C PRO D 121 21.17 -37.92 -27.50
N SER D 122 20.75 -36.78 -28.02
CA SER D 122 19.66 -36.71 -28.98
C SER D 122 20.22 -36.76 -30.40
N ASP D 123 19.48 -37.41 -31.29
CA ASP D 123 19.92 -37.50 -32.68
C ASP D 123 20.12 -36.10 -33.27
N GLU D 124 19.24 -35.16 -32.94
CA GLU D 124 19.36 -33.81 -33.50
C GLU D 124 20.70 -33.19 -33.12
N GLN D 125 21.11 -33.34 -31.86
CA GLN D 125 22.37 -32.75 -31.41
C GLN D 125 23.56 -33.40 -32.09
N LEU D 126 23.54 -34.74 -32.21
CA LEU D 126 24.70 -35.46 -32.75
C LEU D 126 25.12 -34.92 -34.12
N LYS D 127 24.17 -34.41 -34.91
CA LYS D 127 24.53 -33.89 -36.22
C LYS D 127 25.43 -32.67 -36.11
N SER D 128 25.18 -31.81 -35.11
CA SER D 128 25.92 -30.55 -35.00
C SER D 128 27.41 -30.79 -34.80
N GLY D 129 27.79 -31.93 -34.23
CA GLY D 129 29.18 -32.25 -33.99
C GLY D 129 29.54 -32.40 -32.52
N THR D 130 28.57 -32.36 -31.60
CA THR D 130 28.82 -32.50 -30.18
C THR D 130 27.72 -33.32 -29.55
N ALA D 131 28.08 -34.15 -28.57
CA ALA D 131 27.13 -34.99 -27.86
C ALA D 131 27.17 -34.66 -26.38
N SER D 132 26.01 -34.72 -25.73
CA SER D 132 25.90 -34.43 -24.31
C SER D 132 25.16 -35.57 -23.62
N VAL D 133 25.78 -36.14 -22.60
CA VAL D 133 25.21 -37.23 -21.82
C VAL D 133 24.87 -36.67 -20.44
N VAL D 134 23.58 -36.76 -20.08
CA VAL D 134 23.08 -36.22 -18.83
C VAL D 134 22.80 -37.36 -17.87
N CYS D 135 23.24 -37.20 -16.63
CA CYS D 135 22.82 -38.07 -15.53
C CYS D 135 22.03 -37.24 -14.53
N LEU D 136 20.91 -37.78 -14.08
CA LEU D 136 20.00 -37.08 -13.19
C LEU D 136 19.89 -37.83 -11.87
N LEU D 137 20.15 -37.12 -10.78
CA LEU D 137 19.86 -37.59 -9.43
C LEU D 137 18.65 -36.82 -8.92
N ASN D 138 17.63 -37.53 -8.45
CA ASN D 138 16.35 -36.89 -8.17
C ASN D 138 15.83 -37.27 -6.78
N ASN D 139 15.36 -36.25 -6.07
CA ASN D 139 14.67 -36.41 -4.78
C ASN D 139 15.53 -37.21 -3.80
N PHE D 140 16.61 -36.57 -3.36
CA PHE D 140 17.51 -37.15 -2.38
C PHE D 140 17.87 -36.13 -1.32
N TYR D 141 18.22 -36.64 -0.14
CA TYR D 141 18.71 -35.84 0.97
C TYR D 141 19.64 -36.72 1.80
N PRO D 142 20.77 -36.18 2.27
CA PRO D 142 21.26 -34.79 2.20
C PRO D 142 21.78 -34.36 0.83
N ARG D 143 22.28 -33.12 0.77
CA ARG D 143 22.75 -32.54 -0.47
C ARG D 143 24.05 -33.20 -0.96
N GLU D 144 24.84 -33.75 -0.03
CA GLU D 144 26.13 -34.30 -0.40
C GLU D 144 25.98 -35.55 -1.24
N ALA D 145 26.78 -35.67 -2.30
CA ALA D 145 26.71 -36.80 -3.21
C ALA D 145 27.89 -36.75 -4.16
N LYS D 146 28.11 -37.87 -4.86
CA LYS D 146 29.20 -38.02 -5.81
C LYS D 146 28.67 -38.67 -7.08
N VAL D 147 29.22 -38.26 -8.22
CA VAL D 147 28.77 -38.70 -9.53
C VAL D 147 29.99 -38.91 -10.41
N GLN D 148 30.19 -40.15 -10.87
CA GLN D 148 31.33 -40.50 -11.71
C GLN D 148 30.85 -40.93 -13.08
N TRP D 149 31.50 -40.43 -14.12
CA TRP D 149 31.24 -40.82 -15.50
C TRP D 149 32.24 -41.86 -15.95
N LYS D 150 31.75 -42.92 -16.59
CA LYS D 150 32.62 -43.95 -17.16
C LYS D 150 32.22 -44.21 -18.60
N VAL D 151 33.22 -44.20 -19.49
CA VAL D 151 33.03 -44.53 -20.90
C VAL D 151 33.84 -45.80 -21.16
N ASP D 152 33.15 -46.94 -21.26
CA ASP D 152 33.82 -48.23 -21.29
C ASP D 152 34.70 -48.40 -20.06
N ASN D 153 34.06 -48.27 -18.89
CA ASN D 153 34.75 -48.29 -17.61
C ASN D 153 36.00 -47.41 -17.61
N ALA D 154 36.00 -46.33 -18.39
CA ALA D 154 37.08 -45.37 -18.39
C ALA D 154 36.63 -44.11 -17.66
N LEU D 155 37.35 -43.74 -16.60
CA LEU D 155 36.96 -42.63 -15.75
C LEU D 155 37.25 -41.31 -16.45
N GLN D 156 36.21 -40.52 -16.69
CA GLN D 156 36.35 -39.23 -17.35
C GLN D 156 36.55 -38.12 -16.32
N SER D 157 37.48 -37.21 -16.63
CA SER D 157 37.82 -36.12 -15.72
C SER D 157 38.07 -34.85 -16.52
N GLY D 158 37.53 -33.74 -16.05
CA GLY D 158 37.70 -32.47 -16.72
C GLY D 158 36.83 -32.26 -17.93
N ASN D 159 35.68 -32.94 -17.99
CA ASN D 159 34.77 -32.77 -19.11
C ASN D 159 33.30 -32.88 -18.71
N SER D 160 32.99 -32.83 -17.42
CA SER D 160 31.61 -32.85 -16.95
C SER D 160 31.41 -31.75 -15.93
N GLN D 161 30.23 -31.14 -15.95
CA GLN D 161 29.83 -30.17 -14.92
C GLN D 161 28.60 -30.69 -14.21
N GLU D 162 28.42 -30.27 -12.96
CA GLU D 162 27.27 -30.62 -12.17
C GLU D 162 26.48 -29.37 -11.82
N SER D 163 25.21 -29.58 -11.50
CA SER D 163 24.32 -28.49 -11.09
C SER D 163 23.25 -29.07 -10.19
N VAL D 164 23.00 -28.39 -9.07
CA VAL D 164 22.03 -28.85 -8.07
C VAL D 164 20.99 -27.77 -7.86
N THR D 165 19.77 -28.19 -7.58
CA THR D 165 18.67 -27.27 -7.30
C THR D 165 18.68 -26.88 -5.82
N GLU D 166 17.76 -26.02 -5.44
CA GLU D 166 17.56 -25.68 -4.05
C GLU D 166 16.54 -26.63 -3.42
N GLN D 167 16.63 -26.75 -2.09
CA GLN D 167 15.77 -27.67 -1.36
C GLN D 167 14.32 -27.53 -1.79
N ASP D 168 13.76 -28.62 -2.32
CA ASP D 168 12.39 -28.62 -2.83
C ASP D 168 11.44 -28.04 -1.79
N SER D 169 10.43 -27.31 -2.27
CA SER D 169 9.46 -26.68 -1.37
C SER D 169 8.54 -27.72 -0.74
N LYS D 170 8.11 -28.70 -1.52
CA LYS D 170 7.12 -29.68 -1.07
C LYS D 170 7.74 -30.91 -0.44
N ASP D 171 8.90 -31.34 -0.93
CA ASP D 171 9.52 -32.59 -0.51
C ASP D 171 10.69 -32.40 0.45
N SER D 172 11.33 -31.23 0.41
CA SER D 172 12.50 -30.92 1.25
C SER D 172 13.73 -31.71 0.78
N THR D 173 13.90 -31.83 -0.54
CA THR D 173 14.94 -32.65 -1.13
C THR D 173 15.68 -31.87 -2.20
N TYR D 174 16.83 -32.41 -2.60
CA TYR D 174 17.65 -31.85 -3.66
C TYR D 174 17.60 -32.73 -4.90
N SER D 175 18.04 -32.15 -6.01
CA SER D 175 18.17 -32.85 -7.28
C SER D 175 19.43 -32.36 -7.97
N LEU D 176 20.07 -33.24 -8.73
CA LEU D 176 21.36 -32.96 -9.32
C LEU D 176 21.41 -33.46 -10.75
N SER D 177 22.09 -32.70 -11.60
CA SER D 177 22.21 -33.02 -13.03
C SER D 177 23.67 -32.89 -13.45
N SER D 178 24.35 -34.01 -13.61
CA SER D 178 25.70 -34.03 -14.16
C SER D 178 25.61 -34.17 -15.67
N THR D 179 26.35 -33.32 -16.39
CA THR D 179 26.30 -33.28 -17.85
C THR D 179 27.69 -33.54 -18.40
N LEU D 180 27.83 -34.60 -19.19
CA LEU D 180 29.09 -34.96 -19.82
C LEU D 180 29.09 -34.45 -21.25
N THR D 181 30.10 -33.65 -21.59
CA THR D 181 30.20 -33.06 -22.94
C THR D 181 31.30 -33.78 -23.70
N LEU D 182 30.94 -34.31 -24.88
CA LEU D 182 31.89 -34.99 -25.76
C LEU D 182 31.61 -34.57 -27.19
N SER D 183 32.57 -34.83 -28.06
CA SER D 183 32.40 -34.55 -29.48
C SER D 183 31.84 -35.78 -30.19
N LYS D 184 31.24 -35.55 -31.35
CA LYS D 184 30.70 -36.66 -32.15
C LYS D 184 31.80 -37.66 -32.49
N ALA D 185 33.01 -37.17 -32.78
CA ALA D 185 34.12 -38.06 -33.09
C ALA D 185 34.43 -38.99 -31.92
N ASP D 186 34.49 -38.44 -30.71
CA ASP D 186 34.85 -39.23 -29.54
C ASP D 186 33.67 -40.00 -28.98
N TYR D 187 32.44 -39.51 -29.17
CA TYR D 187 31.27 -40.26 -28.70
C TYR D 187 31.07 -41.53 -29.53
N GLU D 188 31.24 -41.43 -30.84
CA GLU D 188 31.10 -42.58 -31.72
C GLU D 188 32.30 -43.53 -31.67
N LYS D 189 33.36 -43.15 -30.96
CA LYS D 189 34.55 -43.99 -30.85
C LYS D 189 34.45 -45.02 -29.72
N HIS D 190 33.50 -44.86 -28.81
CA HIS D 190 33.28 -45.78 -27.70
C HIS D 190 31.82 -46.22 -27.72
N LYS D 191 31.42 -47.05 -26.75
CA LYS D 191 30.09 -47.65 -26.82
C LYS D 191 29.32 -47.70 -25.51
N VAL D 192 29.98 -47.96 -24.38
CA VAL D 192 29.29 -48.01 -23.08
C VAL D 192 29.43 -46.66 -22.40
N TYR D 193 28.31 -46.13 -21.91
CA TYR D 193 28.27 -44.90 -21.14
C TYR D 193 27.51 -45.16 -19.86
N ALA D 194 28.15 -44.87 -18.72
CA ALA D 194 27.62 -45.24 -17.42
C ALA D 194 27.78 -44.08 -16.45
N CYS D 195 26.90 -44.06 -15.44
CA CYS D 195 26.87 -43.01 -14.43
C CYS D 195 26.85 -43.67 -13.07
N GLU D 196 27.96 -43.60 -12.34
CA GLU D 196 28.09 -44.22 -11.03
C GLU D 196 27.81 -43.20 -9.94
N VAL D 197 26.90 -43.54 -9.03
CA VAL D 197 26.44 -42.63 -7.99
C VAL D 197 26.71 -43.25 -6.63
N THR D 198 27.29 -42.45 -5.73
CA THR D 198 27.47 -42.82 -4.34
C THR D 198 26.66 -41.88 -3.46
N HIS D 199 26.02 -42.42 -2.43
CA HIS D 199 25.24 -41.58 -1.52
C HIS D 199 25.10 -42.28 -0.18
N GLN D 200 24.79 -41.49 0.84
CA GLN D 200 24.60 -42.01 2.19
C GLN D 200 23.41 -42.97 2.24
N GLY D 201 22.33 -42.64 1.53
CA GLY D 201 21.15 -43.47 1.48
C GLY D 201 21.23 -44.66 0.56
N LEU D 202 22.40 -44.95 0.00
CA LEU D 202 22.61 -46.12 -0.86
C LEU D 202 23.56 -47.07 -0.15
N SER D 203 23.12 -48.32 0.01
CA SER D 203 24.00 -49.36 0.52
C SER D 203 25.34 -49.34 -0.19
N SER D 204 25.30 -49.42 -1.52
CA SER D 204 26.48 -49.44 -2.37
C SER D 204 26.27 -48.51 -3.54
N PRO D 205 27.30 -48.23 -4.33
CA PRO D 205 27.13 -47.34 -5.48
C PRO D 205 26.12 -47.89 -6.48
N VAL D 206 25.40 -46.97 -7.10
CA VAL D 206 24.40 -47.28 -8.11
C VAL D 206 24.95 -46.88 -9.48
N THR D 207 24.57 -47.66 -10.51
CA THR D 207 25.01 -47.39 -11.87
C THR D 207 23.82 -47.44 -12.82
N LYS D 208 23.67 -46.39 -13.62
CA LYS D 208 22.79 -46.38 -14.77
C LYS D 208 23.64 -46.30 -16.03
N SER D 209 23.15 -46.90 -17.12
CA SER D 209 24.00 -47.02 -18.30
C SER D 209 23.15 -47.31 -19.53
N PHE D 210 23.76 -47.11 -20.69
CA PHE D 210 23.15 -47.40 -21.98
C PHE D 210 24.27 -47.73 -22.97
N ASN D 211 23.87 -48.26 -24.13
CA ASN D 211 24.81 -48.63 -25.18
C ASN D 211 24.52 -47.82 -26.43
N ARG D 212 25.51 -47.08 -26.90
CA ARG D 212 25.36 -46.27 -28.10
C ARG D 212 24.82 -47.11 -29.25
N GLY D 213 23.94 -46.51 -30.05
CA GLY D 213 23.39 -47.17 -31.21
C GLY D 213 21.87 -47.27 -31.20
N GLU D 214 21.34 -48.20 -30.42
CA GLU D 214 19.91 -48.42 -30.36
C GLU D 214 19.19 -47.26 -29.66
N SER E 1 -0.66 67.55 33.00
CA SER E 1 -2.05 67.15 33.19
C SER E 1 -2.14 65.65 33.44
N LEU E 2 -3.33 65.09 33.26
CA LEU E 2 -3.48 63.64 33.33
C LEU E 2 -3.06 63.03 32.00
N ILE E 3 -2.25 61.97 32.08
CA ILE E 3 -1.74 61.27 30.91
C ILE E 3 -2.18 59.81 31.02
N ARG E 4 -2.42 59.18 29.87
CA ARG E 4 -2.80 57.78 29.86
C ARG E 4 -2.20 57.06 28.67
N ILE E 5 -1.79 55.82 28.91
CA ILE E 5 -1.16 54.96 27.93
C ILE E 5 -2.13 53.85 27.55
N GLY E 6 -2.06 53.41 26.29
CA GLY E 6 -2.93 52.36 25.81
C GLY E 6 -2.20 51.44 24.85
N HIS E 7 -2.78 50.26 24.66
CA HIS E 7 -2.19 49.23 23.82
C HIS E 7 -3.30 48.44 23.14
N GLY E 8 -3.08 48.11 21.87
CA GLY E 8 -4.05 47.35 21.11
C GLY E 8 -3.37 46.38 20.17
N PHE E 9 -4.15 45.41 19.68
CA PHE E 9 -3.63 44.33 18.86
C PHE E 9 -4.77 43.70 18.07
N ASP E 10 -4.51 43.41 16.80
CA ASP E 10 -5.46 42.72 15.93
C ASP E 10 -4.69 41.87 14.95
N VAL E 11 -5.35 40.83 14.44
CA VAL E 11 -4.77 39.93 13.44
C VAL E 11 -5.85 39.58 12.42
N HIS E 12 -5.51 39.69 11.14
CA HIS E 12 -6.41 39.37 10.04
C HIS E 12 -5.69 38.46 9.05
N ALA E 13 -6.45 37.90 8.13
CA ALA E 13 -5.91 36.99 7.13
C ALA E 13 -5.29 37.77 5.98
N PHE E 14 -4.22 37.22 5.41
CA PHE E 14 -3.43 37.95 4.43
C PHE E 14 -4.27 38.32 3.21
N GLY E 15 -5.04 37.38 2.69
CA GLY E 15 -5.86 37.63 1.52
C GLY E 15 -7.16 36.87 1.60
N CYS E 16 -8.03 37.16 0.64
CA CYS E 16 -9.37 36.58 0.60
C CYS E 16 -9.34 35.23 -0.10
N VAL E 17 -10.05 34.25 0.48
CA VAL E 17 -10.22 32.94 -0.12
C VAL E 17 -11.66 32.50 0.08
N THR E 18 -12.04 31.44 -0.65
CA THR E 18 -13.35 30.83 -0.55
C THR E 18 -13.23 29.50 0.19
N LEU E 19 -14.21 29.21 1.04
CA LEU E 19 -14.16 28.06 1.92
C LEU E 19 -15.29 27.09 1.58
N ASN E 20 -14.95 25.81 1.55
CA ASN E 20 -15.84 24.72 1.14
C ASN E 20 -16.21 23.98 2.42
N CYS E 21 -17.23 24.48 3.12
CA CYS E 21 -17.50 24.14 4.52
C CYS E 21 -18.57 23.07 4.65
N SER E 22 -18.23 21.98 5.34
CA SER E 22 -19.16 20.90 5.63
C SER E 22 -19.59 20.97 7.09
N ASP E 23 -20.84 20.60 7.35
CA ASP E 23 -21.42 20.70 8.70
C ASP E 23 -20.71 19.74 9.63
N ALA E 24 -20.02 20.28 10.64
CA ALA E 24 -19.36 19.49 11.67
C ALA E 24 -20.26 19.36 12.89
N LYS E 25 -19.67 19.20 14.08
CA LYS E 25 -20.47 19.07 15.29
C LYS E 25 -19.75 19.70 16.48
N VAL E 26 -20.48 20.53 17.23
CA VAL E 26 -19.96 21.15 18.44
C VAL E 26 -19.98 20.23 19.64
N ASN E 27 -20.63 19.07 19.53
CA ASN E 27 -20.79 18.16 20.65
C ASN E 27 -21.66 18.79 21.72
N ILE E 28 -22.98 18.80 21.47
CA ILE E 28 -23.91 19.43 22.41
C ILE E 28 -23.86 18.69 23.74
N ASN E 29 -23.52 19.41 24.80
CA ASN E 29 -23.46 18.83 26.13
C ASN E 29 -23.13 19.88 27.19
N ARG E 36 -26.01 30.57 20.94
CA ARG E 36 -25.75 29.66 19.84
C ARG E 36 -24.25 29.54 19.58
N GLU E 37 -23.80 28.33 19.28
CA GLU E 37 -22.40 28.06 18.99
C GLU E 37 -22.32 26.99 17.91
N GLU E 38 -21.78 27.37 16.75
CA GLU E 38 -21.69 26.48 15.60
C GLU E 38 -20.27 26.51 15.05
N ILE E 39 -19.86 25.39 14.45
CA ILE E 39 -18.51 25.24 13.94
C ILE E 39 -18.59 24.59 12.55
N LYS E 40 -17.62 24.89 11.71
CA LYS E 40 -17.53 24.32 10.38
C LYS E 40 -16.13 23.77 10.14
N ASN E 41 -16.05 22.76 9.29
CA ASN E 41 -14.78 22.16 8.88
C ASN E 41 -14.65 22.40 7.39
N CYS E 42 -13.73 23.30 7.01
CA CYS E 42 -13.69 23.84 5.66
C CYS E 42 -12.36 23.53 4.97
N SER E 43 -12.39 23.63 3.65
CA SER E 43 -11.23 23.41 2.81
C SER E 43 -10.96 24.65 1.98
N PHE E 44 -9.70 24.86 1.60
CA PHE E 44 -9.34 26.01 0.80
C PHE E 44 -7.98 25.75 0.16
N ASN E 45 -7.68 26.55 -0.86
CA ASN E 45 -6.35 26.53 -1.47
C ASN E 45 -5.41 27.36 -0.62
N ALA E 46 -4.50 26.70 0.10
CA ALA E 46 -3.51 27.42 0.88
C ALA E 46 -2.30 27.76 -0.01
N THR E 47 -1.58 28.81 0.39
CA THR E 47 -0.44 29.25 -0.39
C THR E 47 0.81 28.49 0.04
N THR E 48 1.82 28.54 -0.83
CA THR E 48 3.13 27.98 -0.55
C THR E 48 4.18 29.01 -0.95
N GLU E 49 5.44 28.62 -0.79
CA GLU E 49 6.55 29.53 -1.09
C GLU E 49 6.79 29.66 -2.59
N LEU E 50 6.55 28.61 -3.36
CA LEU E 50 6.70 28.69 -4.80
C LEU E 50 5.71 29.69 -5.39
N ARG E 51 6.07 30.26 -6.52
CA ARG E 51 5.17 31.15 -7.24
C ARG E 51 4.03 30.33 -7.85
N ASP E 52 2.80 30.80 -7.66
CA ASP E 52 1.60 30.19 -8.25
C ASP E 52 1.58 28.67 -8.05
N LYS E 53 1.77 28.26 -6.80
CA LYS E 53 1.61 26.87 -6.38
C LYS E 53 0.82 26.85 -5.08
N LYS E 54 -0.42 26.39 -5.13
CA LYS E 54 -1.24 26.25 -3.94
C LYS E 54 -1.29 24.79 -3.48
N LYS E 55 -1.73 24.60 -2.25
CA LYS E 55 -1.96 23.27 -1.69
C LYS E 55 -3.33 23.27 -1.02
N LYS E 56 -3.93 22.09 -0.94
CA LYS E 56 -5.21 21.96 -0.27
C LYS E 56 -4.98 21.80 1.22
N GLU E 57 -5.75 22.53 2.03
CA GLU E 57 -5.69 22.40 3.47
C GLU E 57 -7.08 22.57 4.06
N TYR E 58 -7.29 21.93 5.19
CA TYR E 58 -8.51 22.09 5.96
C TYR E 58 -8.25 22.97 7.18
N ALA E 59 -9.34 23.43 7.79
CA ALA E 59 -9.26 24.24 8.99
C ALA E 59 -10.66 24.41 9.53
N LEU E 60 -10.75 24.80 10.80
CA LEU E 60 -12.01 24.98 11.50
C LEU E 60 -12.29 26.47 11.67
N PHE E 61 -13.56 26.84 11.56
CA PHE E 61 -13.99 28.23 11.61
C PHE E 61 -15.28 28.35 12.41
N TYR E 62 -15.36 29.36 13.26
CA TYR E 62 -16.62 29.69 13.92
C TYR E 62 -17.58 30.32 12.91
N ARG E 63 -18.83 29.85 12.92
CA ARG E 63 -19.81 30.39 11.99
C ARG E 63 -19.97 31.90 12.12
N LEU E 64 -19.57 32.48 13.25
CA LEU E 64 -19.75 33.91 13.48
C LEU E 64 -18.87 34.76 12.58
N ASP E 65 -17.79 34.20 12.03
CA ASP E 65 -16.80 34.98 11.29
C ASP E 65 -16.88 34.77 9.78
N ILE E 66 -17.62 33.76 9.33
CA ILE E 66 -17.75 33.46 7.90
C ILE E 66 -19.13 33.88 7.44
N VAL E 67 -19.24 34.26 6.18
CA VAL E 67 -20.50 34.67 5.56
C VAL E 67 -20.74 33.79 4.36
N PRO E 68 -21.92 33.15 4.21
CA PRO E 68 -22.14 32.24 3.09
C PRO E 68 -22.24 32.96 1.75
N LEU E 69 -22.34 32.17 0.67
CA LEU E 69 -22.49 32.70 -0.68
C LEU E 69 -23.74 32.08 -1.30
N ASN E 70 -24.76 32.90 -1.52
CA ASN E 70 -26.02 32.43 -2.08
C ASN E 70 -26.80 33.57 -2.75
N ASN E 76 -24.92 26.60 -0.14
CA ASN E 76 -25.32 25.45 0.66
C ASN E 76 -24.13 24.87 1.43
N SER E 77 -22.92 25.10 0.92
CA SER E 77 -21.71 24.60 1.55
C SER E 77 -20.49 25.42 1.17
N GLU E 78 -20.67 26.74 0.99
CA GLU E 78 -19.57 27.61 0.61
C GLU E 78 -19.68 28.94 1.35
N TYR E 79 -18.55 29.39 1.89
CA TYR E 79 -18.50 30.60 2.71
C TYR E 79 -17.22 31.36 2.39
N ARG E 80 -17.09 32.55 2.99
CA ARG E 80 -15.87 33.33 2.92
C ARG E 80 -15.68 34.07 4.24
N LEU E 81 -14.53 34.70 4.39
CA LEU E 81 -14.24 35.46 5.60
C LEU E 81 -14.80 36.87 5.51
N ILE E 82 -15.22 37.40 6.67
CA ILE E 82 -15.88 38.70 6.70
C ILE E 82 -14.89 39.80 6.32
N ASN E 83 -13.73 39.83 6.96
CA ASN E 83 -12.72 40.84 6.67
C ASN E 83 -11.91 40.40 5.45
N CYS E 84 -12.55 40.53 4.28
CA CYS E 84 -11.88 40.32 3.00
C CYS E 84 -11.61 41.68 2.38
N ASN E 85 -10.34 42.07 2.37
CA ASN E 85 -9.93 43.38 1.85
C ASN E 85 -8.90 43.24 0.75
N GLY E 89 -4.45 47.99 2.85
CA GLY E 89 -4.46 46.96 3.87
C GLY E 89 -4.14 47.50 5.26
N GLY E 90 -5.04 48.33 5.78
CA GLY E 90 -4.86 48.91 7.11
C GLY E 90 -5.97 48.55 8.08
N ASP E 91 -7.00 47.85 7.60
CA ASP E 91 -8.05 47.40 8.51
C ASP E 91 -7.48 46.73 9.74
N VAL E 92 -6.36 46.03 9.60
CA VAL E 92 -5.71 45.41 10.74
C VAL E 92 -5.05 46.46 11.63
N ALA E 93 -4.49 47.50 11.01
CA ALA E 93 -3.85 48.54 11.79
C ALA E 93 -4.86 49.37 12.56
N LEU E 94 -5.89 49.88 11.87
CA LEU E 94 -6.87 50.73 12.52
C LEU E 94 -7.59 50.01 13.65
N HIS E 95 -7.89 48.72 13.48
CA HIS E 95 -8.53 47.96 14.55
C HIS E 95 -7.67 47.96 15.80
N ALA E 96 -6.36 47.79 15.64
CA ALA E 96 -5.47 47.77 16.80
C ALA E 96 -5.28 49.15 17.40
N LEU E 97 -5.42 50.21 16.58
CA LEU E 97 -5.27 51.57 17.08
C LEU E 97 -6.50 52.01 17.85
N THR E 98 -7.71 51.71 17.34
CA THR E 98 -8.91 51.95 18.13
C THR E 98 -8.85 51.22 19.47
N ASP E 99 -8.42 49.96 19.45
CA ASP E 99 -8.26 49.21 20.68
C ASP E 99 -7.22 49.83 21.60
N ALA E 100 -6.29 50.62 21.06
CA ALA E 100 -5.26 51.24 21.88
C ALA E 100 -5.76 52.52 22.54
N ILE E 101 -6.42 53.39 21.77
CA ILE E 101 -6.91 54.63 22.37
C ILE E 101 -8.10 54.34 23.27
N LEU E 102 -8.95 53.39 22.89
CA LEU E 102 -10.05 52.98 23.77
C LEU E 102 -9.51 52.47 25.10
N GLY E 103 -8.50 51.60 25.04
CA GLY E 103 -7.97 51.03 26.27
C GLY E 103 -7.31 52.05 27.17
N ALA E 104 -6.73 53.09 26.58
CA ALA E 104 -6.14 54.16 27.39
C ALA E 104 -7.20 54.83 28.25
N ALA E 105 -8.33 55.19 27.63
CA ALA E 105 -9.43 55.83 28.34
C ALA E 105 -10.33 54.83 29.08
N ALA E 106 -9.98 53.55 29.09
CA ALA E 106 -10.72 52.53 29.83
C ALA E 106 -12.17 52.43 29.34
N LEU E 107 -12.33 51.87 28.13
CA LEU E 107 -13.65 51.79 27.49
C LEU E 107 -14.04 50.36 27.12
N GLY E 108 -13.30 49.67 26.27
CA GLY E 108 -13.69 48.31 25.94
C GLY E 108 -13.05 47.81 24.65
N ASP E 109 -13.74 46.84 24.03
CA ASP E 109 -13.20 46.10 22.89
C ASP E 109 -14.27 45.18 22.24
N ILE E 110 -15.03 45.65 21.24
CA ILE E 110 -14.91 46.96 20.61
C ILE E 110 -16.30 47.57 20.53
N GLY E 111 -16.39 48.88 20.80
CA GLY E 111 -17.67 49.57 20.77
C GLY E 111 -18.71 48.93 21.67
N ASN E 117 -19.52 47.01 12.84
CA ASN E 117 -19.37 45.95 11.84
C ASN E 117 -18.17 46.20 10.93
N ALA E 118 -18.32 47.15 10.01
CA ALA E 118 -17.30 47.40 9.00
C ALA E 118 -16.92 48.88 8.97
N ASP E 119 -16.17 49.28 7.94
CA ASP E 119 -15.60 50.61 7.85
C ASP E 119 -14.77 50.90 9.10
N SER E 120 -13.54 50.37 9.13
CA SER E 120 -12.68 50.57 10.28
C SER E 120 -12.42 52.05 10.54
N ARG E 121 -12.24 52.83 9.48
CA ARG E 121 -11.93 54.24 9.65
C ARG E 121 -13.05 54.99 10.35
N GLY E 122 -14.29 54.55 10.18
CA GLY E 122 -15.37 55.12 10.96
C GLY E 122 -15.28 54.73 12.43
N LEU E 123 -14.93 53.47 12.70
CA LEU E 123 -14.68 53.04 14.06
C LEU E 123 -13.54 53.82 14.70
N LEU E 124 -12.56 54.27 13.90
CA LEU E 124 -11.47 55.05 14.46
C LEU E 124 -11.95 56.44 14.84
N ARG E 125 -12.81 57.05 14.02
CA ARG E 125 -13.37 58.34 14.38
C ARG E 125 -14.29 58.22 15.59
N GLU E 126 -15.06 57.14 15.69
CA GLU E 126 -15.95 56.95 16.84
C GLU E 126 -15.15 56.78 18.12
N ALA E 127 -14.07 56.00 18.08
CA ALA E 127 -13.25 55.82 19.27
C ALA E 127 -12.64 57.13 19.74
N PHE E 128 -12.39 58.06 18.83
CA PHE E 128 -11.76 59.31 19.21
C PHE E 128 -12.76 60.29 19.82
N ARG E 129 -14.03 60.20 19.47
CA ARG E 129 -15.01 61.09 20.08
C ARG E 129 -15.40 60.62 21.47
N GLN E 130 -15.34 59.31 21.72
CA GLN E 130 -15.68 58.80 23.05
C GLN E 130 -14.59 59.13 24.07
N VAL E 131 -13.33 59.17 23.65
CA VAL E 131 -12.29 59.65 24.55
C VAL E 131 -12.36 61.16 24.68
N GLN E 132 -12.88 61.85 23.67
CA GLN E 132 -12.93 63.31 23.71
C GLN E 132 -13.99 63.79 24.69
N GLU E 133 -15.14 63.10 24.77
CA GLU E 133 -16.11 63.45 25.80
C GLU E 133 -15.52 63.28 27.19
N LYS E 134 -14.59 62.35 27.36
CA LYS E 134 -13.81 62.23 28.58
C LYS E 134 -12.69 63.28 28.67
N GLY E 135 -12.62 64.20 27.71
CA GLY E 135 -11.64 65.26 27.75
C GLY E 135 -10.21 64.82 27.51
N TYR E 136 -9.96 64.11 26.40
CA TYR E 136 -8.62 63.66 26.05
C TYR E 136 -8.35 63.96 24.58
N LYS E 137 -7.08 64.20 24.27
CA LYS E 137 -6.63 64.35 22.90
C LYS E 137 -5.40 63.47 22.69
N ILE E 138 -5.08 63.22 21.42
CA ILE E 138 -3.91 62.41 21.08
C ILE E 138 -2.65 63.19 21.41
N GLY E 139 -1.71 62.52 22.08
CA GLY E 139 -0.39 63.08 22.28
C GLY E 139 0.59 62.51 21.28
N ASN E 140 0.31 61.29 20.82
CA ASN E 140 1.27 60.51 20.05
C ASN E 140 0.79 59.06 19.93
N VAL E 141 1.01 58.45 18.77
CA VAL E 141 0.72 57.05 18.55
C VAL E 141 1.87 56.42 17.78
N ASP E 142 2.09 55.13 18.00
CA ASP E 142 3.11 54.38 17.29
C ASP E 142 2.54 53.02 16.92
N ILE E 143 2.55 52.73 15.62
CA ILE E 143 1.90 51.55 15.05
C ILE E 143 2.95 50.78 14.29
N THR E 144 3.13 49.51 14.62
CA THR E 144 4.09 48.65 13.95
C THR E 144 3.37 47.42 13.39
N ILE E 145 3.39 47.29 12.06
CA ILE E 145 2.76 46.18 11.36
C ILE E 145 3.79 45.09 11.18
N ILE E 146 3.34 43.83 11.26
CA ILE E 146 4.23 42.68 11.22
C ILE E 146 3.72 41.72 10.14
N ALA E 147 4.58 41.43 9.16
CA ALA E 147 4.20 40.62 8.01
C ALA E 147 5.34 39.69 7.64
N GLN E 148 5.00 38.42 7.38
CA GLN E 148 6.00 37.48 6.90
C GLN E 148 6.56 37.92 5.55
N ALA E 149 5.70 38.44 4.67
CA ALA E 149 6.11 38.92 3.37
C ALA E 149 6.00 40.44 3.35
N PRO E 150 7.11 41.19 3.30
CA PRO E 150 7.05 42.66 3.33
C PRO E 150 6.14 43.25 2.24
N PRO E 154 2.91 48.86 -0.25
CA PRO E 154 3.54 49.47 0.93
C PRO E 154 2.82 50.75 1.39
N HIS E 155 3.25 51.92 0.90
CA HIS E 155 2.66 53.20 1.26
C HIS E 155 2.99 53.55 2.72
N ILE E 156 1.96 53.70 3.56
CA ILE E 156 2.02 53.99 5.00
C ILE E 156 2.08 55.49 5.27
N ASP E 157 2.78 56.25 4.42
CA ASP E 157 2.67 57.70 4.52
C ASP E 157 1.27 58.16 4.16
N ALA E 158 0.63 57.48 3.21
CA ALA E 158 -0.78 57.72 2.94
C ALA E 158 -1.63 57.39 4.15
N MET E 159 -1.31 56.30 4.87
CA MET E 159 -2.15 55.86 5.98
C MET E 159 -1.96 56.75 7.19
N ARG E 160 -0.72 57.13 7.51
CA ARG E 160 -0.52 57.96 8.69
C ARG E 160 -1.01 59.38 8.48
N ALA E 161 -1.23 59.81 7.23
CA ALA E 161 -1.87 61.09 6.98
C ALA E 161 -3.38 60.99 7.11
N LYS E 162 -3.96 59.81 6.86
CA LYS E 162 -5.40 59.62 6.96
C LYS E 162 -5.85 59.54 8.42
N ILE E 163 -5.14 58.79 9.25
CA ILE E 163 -5.53 58.66 10.66
C ILE E 163 -5.17 59.89 11.47
N ALA E 164 -4.32 60.78 10.93
CA ALA E 164 -4.14 62.09 11.54
C ALA E 164 -5.33 63.00 11.24
N GLU E 165 -6.11 62.67 10.22
CA GLU E 165 -7.33 63.40 9.91
C GLU E 165 -8.47 62.93 10.81
N ASP E 166 -8.51 61.64 11.14
CA ASP E 166 -9.59 61.10 11.96
C ASP E 166 -9.30 61.28 13.44
N LEU E 167 -8.03 61.34 13.84
CA LEU E 167 -7.67 61.68 15.20
C LEU E 167 -7.56 63.19 15.42
N GLN E 168 -7.57 63.98 14.35
CA GLN E 168 -7.57 65.43 14.44
C GLN E 168 -6.29 65.94 15.10
N CYS E 169 -5.16 65.51 14.56
CA CYS E 169 -3.85 65.85 15.12
C CYS E 169 -2.85 66.03 14.00
N ASP E 170 -1.66 66.50 14.36
CA ASP E 170 -0.58 66.65 13.41
C ASP E 170 -0.04 65.28 12.99
N ILE E 171 0.43 65.20 11.75
CA ILE E 171 1.08 63.97 11.29
C ILE E 171 2.36 63.71 12.05
N GLU E 172 2.98 64.76 12.61
CA GLU E 172 4.22 64.59 13.36
C GLU E 172 4.02 63.77 14.62
N GLN E 173 2.79 63.50 15.03
CA GLN E 173 2.50 62.70 16.21
C GLN E 173 1.74 61.43 15.84
N VAL E 174 1.91 60.97 14.61
CA VAL E 174 1.35 59.70 14.15
C VAL E 174 2.45 58.97 13.40
N ASN E 175 2.83 57.79 13.89
CA ASN E 175 3.93 57.02 13.32
C ASN E 175 3.43 55.64 12.94
N VAL E 176 3.79 55.20 11.73
CA VAL E 176 3.53 53.84 11.27
C VAL E 176 4.83 53.27 10.74
N LYS E 177 5.06 51.98 11.02
CA LYS E 177 6.21 51.29 10.48
C LYS E 177 5.84 49.83 10.28
N ALA E 178 6.69 49.13 9.54
CA ALA E 178 6.44 47.73 9.19
C ALA E 178 7.74 46.95 9.34
N THR E 179 7.78 46.10 10.36
CA THR E 179 8.93 45.24 10.61
C THR E 179 8.57 43.83 10.16
N THR E 180 9.50 43.17 9.46
CA THR E 180 9.21 41.92 8.77
C THR E 180 10.22 40.85 9.15
N THR E 181 9.94 39.64 8.70
CA THR E 181 10.77 38.47 8.95
C THR E 181 11.66 38.21 7.75
N GLU E 182 12.98 38.18 7.98
CA GLU E 182 13.93 37.83 6.93
C GLU E 182 13.86 36.34 6.62
N ILE E 193 -1.22 38.61 8.66
CA ILE E 193 -0.84 39.98 9.01
C ILE E 193 -1.18 40.26 10.47
N ALA E 194 -0.34 41.03 11.14
CA ALA E 194 -0.55 41.39 12.54
C ALA E 194 -0.15 42.84 12.75
N CYS E 195 -0.61 43.41 13.86
CA CYS E 195 -0.26 44.80 14.16
C CYS E 195 -0.39 45.07 15.66
N GLU E 196 0.66 45.66 16.22
CA GLU E 196 0.63 46.24 17.56
C GLU E 196 0.48 47.75 17.46
N ALA E 197 -0.14 48.35 18.48
CA ALA E 197 -0.30 49.79 18.51
C ALA E 197 -0.26 50.27 19.95
N VAL E 198 0.49 51.33 20.21
CA VAL E 198 0.47 52.01 21.50
C VAL E 198 0.02 53.45 21.28
N ALA E 199 -0.74 53.97 22.23
CA ALA E 199 -1.24 55.34 22.16
C ALA E 199 -1.00 56.04 23.49
N LEU E 200 -0.72 57.34 23.42
CA LEU E 200 -0.60 58.18 24.61
C LEU E 200 -1.57 59.34 24.47
N LEU E 201 -2.36 59.57 25.51
CA LEU E 201 -3.40 60.59 25.50
C LEU E 201 -3.04 61.71 26.46
N ILE E 202 -3.20 62.95 26.02
CA ILE E 202 -2.95 64.13 26.83
C ILE E 202 -4.29 64.82 27.06
N ARG E 203 -4.58 65.16 28.31
CA ARG E 203 -5.85 65.78 28.64
C ARG E 203 -6.07 67.04 27.84
N GLN E 204 -7.35 67.35 27.59
CA GLN E 204 -7.69 68.59 26.91
C GLN E 204 -7.28 69.78 27.76
N GLY E 205 -6.71 70.78 27.12
CA GLY E 205 -6.19 71.94 27.80
C GLY E 205 -5.24 72.70 26.90
N LEU E 206 -4.26 73.42 27.46
CA LEU E 206 -4.07 73.60 28.90
C LEU E 206 -3.77 75.07 29.14
N GLU E 207 -3.73 75.46 30.41
CA GLU E 207 -3.49 76.85 30.75
C GLU E 207 -2.00 77.16 30.76
N VAL E 208 -1.66 78.35 30.29
CA VAL E 208 -0.29 78.77 30.07
C VAL E 208 0.60 78.38 31.24
N LEU F 2 7.34 68.08 25.84
CA LEU F 2 6.60 66.96 25.26
C LEU F 2 6.95 65.64 25.93
N ILE F 3 6.03 64.70 25.81
CA ILE F 3 6.26 63.30 26.16
C ILE F 3 5.84 62.48 24.96
N ARG F 4 6.59 61.43 24.66
CA ARG F 4 6.27 60.58 23.52
C ARG F 4 6.60 59.13 23.84
N ILE F 5 5.79 58.23 23.29
CA ILE F 5 5.86 56.81 23.55
C ILE F 5 6.09 56.07 22.25
N GLY F 6 6.83 54.97 22.33
CA GLY F 6 7.16 54.21 21.14
C GLY F 6 7.09 52.72 21.41
N HIS F 7 6.93 51.96 20.33
CA HIS F 7 6.87 50.52 20.40
C HIS F 7 7.69 49.93 19.25
N GLY F 8 8.43 48.87 19.55
CA GLY F 8 9.20 48.18 18.54
C GLY F 8 9.07 46.68 18.68
N PHE F 9 9.31 45.99 17.57
CA PHE F 9 9.18 44.54 17.53
C PHE F 9 10.20 43.97 16.56
N ASP F 10 10.83 42.86 16.94
CA ASP F 10 11.77 42.18 16.06
C ASP F 10 11.87 40.73 16.50
N VAL F 11 12.33 39.90 15.56
CA VAL F 11 12.42 38.46 15.78
C VAL F 11 13.46 37.92 14.82
N HIS F 12 14.32 37.04 15.32
CA HIS F 12 15.37 36.41 14.53
C HIS F 12 15.39 34.93 14.82
N ALA F 13 15.36 34.12 13.77
CA ALA F 13 15.36 32.67 13.92
C ALA F 13 16.62 32.16 14.59
N PHE F 14 17.73 32.87 14.44
CA PHE F 14 19.06 32.43 14.85
C PHE F 14 19.30 30.96 14.45
N GLY F 15 20.48 30.43 14.77
CA GLY F 15 21.51 31.17 15.46
C GLY F 15 22.90 30.72 15.08
N CYS F 16 23.44 31.36 14.05
CA CYS F 16 24.80 31.11 13.60
C CYS F 16 24.96 29.67 13.09
N VAL F 17 24.13 29.32 12.10
CA VAL F 17 24.23 28.01 11.48
C VAL F 17 25.04 28.12 10.21
N THR F 18 25.23 26.99 9.53
CA THR F 18 25.99 26.92 8.29
C THR F 18 25.04 26.46 7.19
N LEU F 19 24.91 27.29 6.16
CA LEU F 19 23.92 27.09 5.10
C LEU F 19 24.58 26.50 3.86
N ASN F 20 23.90 25.54 3.23
CA ASN F 20 24.34 24.94 1.96
C ASN F 20 23.32 25.37 0.90
N CYS F 21 23.58 26.51 0.26
CA CYS F 21 22.60 27.18 -0.56
C CYS F 21 22.81 26.91 -2.06
N SER F 22 21.69 26.87 -2.79
CA SER F 22 21.69 26.76 -4.23
C SER F 22 21.20 28.08 -4.84
N ASP F 23 21.11 28.10 -6.17
CA ASP F 23 20.69 29.31 -6.89
C ASP F 23 19.18 29.51 -6.91
N ALA F 24 18.44 28.87 -5.99
CA ALA F 24 17.01 29.06 -5.86
C ALA F 24 16.25 28.65 -7.11
N LYS F 25 14.97 29.02 -7.19
CA LYS F 25 14.13 28.71 -8.34
C LYS F 25 13.52 30.01 -8.84
N VAL F 26 13.64 30.26 -10.14
CA VAL F 26 13.09 31.45 -10.78
C VAL F 26 12.21 30.98 -11.93
N ASN F 27 10.90 31.03 -11.74
CA ASN F 27 9.94 30.72 -12.80
C ASN F 27 8.83 31.77 -12.74
N ILE F 28 8.85 32.70 -13.69
CA ILE F 28 7.88 33.79 -13.74
C ILE F 28 7.25 33.80 -15.13
N ASN F 29 6.16 34.56 -15.24
CA ASN F 29 5.49 34.76 -16.52
C ASN F 29 4.94 36.18 -16.63
N GLU F 38 17.57 38.93 -5.43
CA GLU F 38 18.21 37.64 -5.61
C GLU F 38 17.94 36.73 -4.41
N ILE F 39 17.35 35.58 -4.66
CA ILE F 39 16.95 34.65 -3.61
C ILE F 39 17.70 33.34 -3.77
N LYS F 40 17.95 32.68 -2.64
CA LYS F 40 18.65 31.40 -2.59
C LYS F 40 17.77 30.38 -1.88
N ASN F 41 18.17 29.11 -1.95
CA ASN F 41 17.52 28.03 -1.21
C ASN F 41 18.60 27.30 -0.41
N CYS F 42 18.51 27.37 0.91
CA CYS F 42 19.58 26.94 1.79
C CYS F 42 19.13 25.76 2.66
N SER F 43 20.02 24.79 2.83
CA SER F 43 19.80 23.65 3.70
C SER F 43 20.80 23.70 4.85
N PHE F 44 20.33 23.39 6.05
CA PHE F 44 21.17 23.49 7.24
C PHE F 44 20.72 22.48 8.27
N ASN F 45 21.58 22.27 9.27
CA ASN F 45 21.25 21.43 10.42
C ASN F 45 20.57 22.31 11.46
N ALA F 46 19.28 22.06 11.70
CA ALA F 46 18.53 22.83 12.68
C ALA F 46 18.95 22.41 14.09
N THR F 47 18.43 23.14 15.08
CA THR F 47 18.66 22.83 16.49
C THR F 47 17.32 22.70 17.19
N THR F 48 17.14 21.61 17.93
CA THR F 48 15.97 21.38 18.76
C THR F 48 16.37 21.56 20.23
N GLU F 49 15.34 21.65 21.08
CA GLU F 49 15.59 21.92 22.50
C GLU F 49 16.45 20.86 23.15
N LEU F 50 16.57 19.68 22.54
CA LEU F 50 17.51 18.67 22.99
C LEU F 50 18.86 18.93 22.31
N ARG F 51 19.92 18.99 23.11
CA ARG F 51 21.19 19.46 22.59
C ARG F 51 21.79 18.48 21.59
N ASP F 52 21.92 17.21 21.99
CA ASP F 52 22.59 16.22 21.15
C ASP F 52 21.75 15.79 19.92
N LYS F 53 20.63 16.44 19.61
CA LYS F 53 19.77 16.04 18.51
C LYS F 53 19.58 17.22 17.57
N LYS F 54 19.75 16.98 16.28
CA LYS F 54 19.65 18.01 15.26
C LYS F 54 18.78 17.50 14.11
N LYS F 55 18.39 18.41 13.22
CA LYS F 55 17.36 18.11 12.23
C LYS F 55 17.65 18.87 10.94
N LYS F 56 17.56 18.17 9.81
CA LYS F 56 17.68 18.83 8.52
C LYS F 56 16.47 19.73 8.28
N GLU F 57 16.70 20.85 7.62
CA GLU F 57 15.62 21.79 7.33
C GLU F 57 16.07 22.77 6.26
N TYR F 58 15.13 23.16 5.41
CA TYR F 58 15.37 24.10 4.32
C TYR F 58 14.73 25.44 4.61
N ALA F 59 15.16 26.46 3.86
CA ALA F 59 14.65 27.81 4.04
C ALA F 59 15.19 28.69 2.92
N LEU F 60 14.38 29.67 2.52
CA LEU F 60 14.80 30.66 1.55
C LEU F 60 15.39 31.86 2.27
N PHE F 61 16.54 32.32 1.81
CA PHE F 61 17.18 33.53 2.34
C PHE F 61 17.65 34.38 1.18
N TYR F 62 17.78 35.68 1.45
CA TYR F 62 18.28 36.62 0.45
C TYR F 62 19.79 36.71 0.53
N ARG F 63 20.44 36.74 -0.65
CA ARG F 63 21.89 36.78 -0.68
C ARG F 63 22.45 37.98 0.07
N LEU F 64 21.63 38.97 0.37
CA LEU F 64 22.09 40.10 1.19
C LEU F 64 22.07 39.74 2.67
N ASP F 65 21.07 38.96 3.10
CA ASP F 65 20.99 38.55 4.50
C ASP F 65 22.02 37.51 4.89
N ILE F 66 22.83 37.02 3.95
CA ILE F 66 23.80 35.95 4.22
C ILE F 66 25.18 36.42 3.78
N VAL F 67 26.19 35.63 4.14
CA VAL F 67 27.57 35.95 3.80
C VAL F 67 28.29 34.65 3.43
N PRO F 68 28.95 34.56 2.28
CA PRO F 68 29.57 33.30 1.87
C PRO F 68 30.93 33.09 2.56
N LEU F 69 31.58 31.98 2.19
CA LEU F 69 32.90 31.67 2.71
C LEU F 69 33.57 30.67 1.77
N ASN F 70 34.84 30.93 1.44
CA ASN F 70 35.61 30.05 0.58
C ASN F 70 36.89 29.59 1.27
N SER F 77 27.41 25.76 -2.80
CA SER F 77 28.24 26.76 -2.13
C SER F 77 28.08 26.66 -0.62
N GLU F 78 28.45 27.72 0.10
CA GLU F 78 28.40 27.68 1.56
C GLU F 78 28.29 29.10 2.11
N TYR F 79 27.24 29.36 2.88
CA TYR F 79 26.94 30.69 3.39
C TYR F 79 26.65 30.61 4.90
N ARG F 80 26.24 31.74 5.47
CA ARG F 80 26.01 31.84 6.90
C ARG F 80 25.20 33.10 7.18
N LEU F 81 24.29 33.01 8.15
CA LEU F 81 23.45 34.15 8.50
C LEU F 81 24.31 35.33 8.95
N ILE F 82 23.80 36.53 8.71
CA ILE F 82 24.58 37.75 8.93
C ILE F 82 24.47 38.23 10.38
N ASN F 83 23.28 38.19 10.98
CA ASN F 83 23.11 38.70 12.33
C ASN F 83 23.72 37.76 13.35
N CYS F 84 23.30 36.49 13.34
CA CYS F 84 23.86 35.48 14.22
C CYS F 84 23.45 35.76 15.65
N ASN F 85 24.23 35.28 16.62
CA ASN F 85 24.04 35.64 18.02
C ASN F 85 22.63 35.33 18.49
N GLY F 90 19.73 39.21 22.31
CA GLY F 90 20.96 39.89 21.94
C GLY F 90 20.72 41.04 20.99
N ASP F 91 21.20 40.91 19.75
CA ASP F 91 20.92 41.91 18.73
C ASP F 91 19.45 41.93 18.31
N VAL F 92 18.62 41.09 18.92
CA VAL F 92 17.18 41.14 18.67
C VAL F 92 16.55 42.29 19.45
N ALA F 93 17.03 42.56 20.66
CA ALA F 93 16.47 43.63 21.47
C ALA F 93 16.89 44.99 20.94
N LEU F 94 18.13 45.11 20.46
CA LEU F 94 18.58 46.39 19.92
C LEU F 94 17.70 46.83 18.77
N HIS F 95 17.34 45.90 17.89
CA HIS F 95 16.46 46.26 16.77
C HIS F 95 15.08 46.70 17.26
N ALA F 96 14.44 45.88 18.10
CA ALA F 96 13.13 46.25 18.61
C ALA F 96 13.19 47.56 19.37
N LEU F 97 14.20 47.74 20.21
CA LEU F 97 14.34 48.99 20.95
C LEU F 97 14.57 50.16 19.99
N THR F 98 15.36 49.93 18.94
CA THR F 98 15.60 50.96 17.94
C THR F 98 14.29 51.45 17.33
N ASP F 99 13.56 50.54 16.69
CA ASP F 99 12.24 50.85 16.15
C ASP F 99 11.38 51.63 17.15
N ALA F 100 11.38 51.18 18.40
CA ALA F 100 10.60 51.87 19.43
C ALA F 100 11.05 53.32 19.57
N ILE F 101 12.36 53.54 19.70
CA ILE F 101 12.86 54.90 19.87
C ILE F 101 12.55 55.74 18.64
N LEU F 102 12.68 55.17 17.45
CA LEU F 102 12.32 55.89 16.24
C LEU F 102 10.82 56.19 16.20
N GLY F 103 10.00 55.19 16.54
CA GLY F 103 8.56 55.37 16.46
C GLY F 103 8.05 56.44 17.41
N ALA F 104 8.62 56.50 18.62
CA ALA F 104 8.25 57.55 19.56
C ALA F 104 8.43 58.92 18.94
N ALA F 105 9.50 59.11 18.19
CA ALA F 105 9.80 60.39 17.56
C ALA F 105 9.18 60.54 16.17
N ALA F 106 8.45 59.53 15.70
CA ALA F 106 7.80 59.57 14.38
C ALA F 106 8.84 59.66 13.26
N LEU F 107 9.72 58.66 13.22
CA LEU F 107 10.79 58.61 12.22
C LEU F 107 10.81 57.30 11.44
N GLY F 108 9.84 56.42 11.64
CA GLY F 108 9.64 55.29 10.75
C GLY F 108 10.30 54.02 11.28
N ASP F 109 11.08 53.37 10.41
CA ASP F 109 11.63 52.04 10.63
C ASP F 109 13.14 52.12 10.65
N ILE F 110 13.80 50.99 10.96
CA ILE F 110 15.26 50.96 10.95
C ILE F 110 15.80 51.22 9.55
N GLY F 111 15.20 50.58 8.55
CA GLY F 111 15.72 50.62 7.20
C GLY F 111 16.05 52.00 6.68
N LYS F 112 15.47 53.03 7.31
CA LYS F 112 15.70 54.41 6.92
C LYS F 112 16.98 55.00 7.50
N LEU F 113 17.83 54.20 8.13
CA LEU F 113 18.99 54.74 8.84
C LEU F 113 20.22 54.93 7.95
N PHE F 114 20.65 53.88 7.24
CA PHE F 114 21.67 53.87 6.20
C PHE F 114 23.02 53.35 6.68
N PRO F 115 23.70 53.98 7.66
CA PRO F 115 25.01 53.43 8.03
C PRO F 115 25.03 51.91 8.25
N ALA F 118 26.34 50.33 11.01
CA ALA F 118 25.89 49.11 10.38
C ALA F 118 25.75 48.00 11.43
N ASP F 119 26.48 48.14 12.53
CA ASP F 119 26.39 47.20 13.64
C ASP F 119 25.09 47.42 14.41
N SER F 120 24.47 46.32 14.85
CA SER F 120 23.17 46.43 15.52
C SER F 120 23.22 47.43 16.65
N ARG F 121 24.34 47.51 17.35
CA ARG F 121 24.49 48.49 18.43
C ARG F 121 24.69 49.89 17.88
N GLY F 122 25.35 50.01 16.73
CA GLY F 122 25.54 51.32 16.13
C GLY F 122 24.28 51.88 15.51
N LEU F 123 23.38 51.01 15.05
CA LEU F 123 22.09 51.48 14.54
C LEU F 123 21.30 52.17 15.65
N LEU F 124 21.33 51.61 16.86
CA LEU F 124 20.66 52.23 17.99
C LEU F 124 21.28 53.59 18.31
N ARG F 125 22.61 53.67 18.25
CA ARG F 125 23.27 54.94 18.55
C ARG F 125 22.90 56.02 17.55
N GLU F 126 22.76 55.66 16.28
CA GLU F 126 22.30 56.63 15.30
C GLU F 126 20.83 56.98 15.52
N ALA F 127 20.04 56.02 15.98
CA ALA F 127 18.64 56.29 16.26
C ALA F 127 18.49 57.32 17.39
N PHE F 128 19.31 57.21 18.43
CA PHE F 128 19.24 58.18 19.52
C PHE F 128 19.82 59.52 19.10
N ARG F 129 20.82 59.52 18.22
CA ARG F 129 21.33 60.78 17.70
C ARG F 129 20.27 61.49 16.88
N GLN F 130 19.46 60.74 16.14
CA GLN F 130 18.38 61.35 15.38
C GLN F 130 17.21 61.76 16.27
N VAL F 131 17.16 61.24 17.50
CA VAL F 131 16.09 61.60 18.43
C VAL F 131 16.44 62.84 19.22
N GLN F 132 17.69 62.98 19.66
CA GLN F 132 18.08 64.23 20.31
C GLN F 132 18.21 65.36 19.30
N GLU F 133 18.31 65.05 18.00
CA GLU F 133 18.25 66.07 16.97
C GLU F 133 16.86 66.67 16.83
N LYS F 134 15.83 65.98 17.34
CA LYS F 134 14.48 66.52 17.41
C LYS F 134 14.15 67.04 18.81
N GLY F 135 15.05 66.86 19.78
CA GLY F 135 14.92 67.50 21.06
C GLY F 135 14.46 66.61 22.19
N TYR F 136 14.81 65.32 22.14
CA TYR F 136 14.36 64.37 23.14
C TYR F 136 15.55 63.62 23.73
N LYS F 137 15.52 63.45 25.05
CA LYS F 137 16.39 62.50 25.73
C LYS F 137 15.58 61.27 26.12
N ILE F 138 16.30 60.24 26.57
CA ILE F 138 15.63 59.02 27.03
C ILE F 138 15.09 59.27 28.42
N GLY F 139 13.78 59.10 28.58
CA GLY F 139 13.18 59.11 29.90
C GLY F 139 13.22 57.73 30.52
N ASN F 140 12.80 56.72 29.77
CA ASN F 140 12.55 55.40 30.32
C ASN F 140 12.38 54.41 29.17
N VAL F 141 13.00 53.25 29.31
CA VAL F 141 13.01 52.21 28.28
C VAL F 141 12.78 50.85 28.94
N ASP F 142 11.96 50.02 28.30
CA ASP F 142 11.66 48.69 28.82
C ASP F 142 11.61 47.69 27.67
N ILE F 143 12.26 46.54 27.85
CA ILE F 143 12.37 45.54 26.81
C ILE F 143 11.93 44.18 27.36
N THR F 144 11.18 43.45 26.55
CA THR F 144 10.66 42.13 26.91
C THR F 144 11.16 41.11 25.90
N ILE F 145 11.96 40.15 26.37
CA ILE F 145 12.51 39.11 25.51
C ILE F 145 11.68 37.86 25.70
N ILE F 146 11.31 37.22 24.58
CA ILE F 146 10.43 36.06 24.57
C ILE F 146 11.23 34.91 23.97
N ALA F 147 11.53 33.90 24.79
CA ALA F 147 12.39 32.81 24.37
C ALA F 147 11.79 31.45 24.69
N GLN F 148 12.57 30.38 24.45
CA GLN F 148 12.11 29.02 24.64
C GLN F 148 12.79 28.27 25.77
N ALA F 149 14.03 28.61 26.12
CA ALA F 149 14.71 27.88 27.17
C ALA F 149 15.99 28.57 27.64
N PRO F 150 15.91 29.79 28.20
CA PRO F 150 17.10 30.43 28.79
C PRO F 150 17.37 29.97 30.22
N PRO F 154 19.57 35.34 31.34
CA PRO F 154 20.54 35.12 32.40
C PRO F 154 21.41 36.36 32.69
N HIS F 155 22.28 36.70 31.73
CA HIS F 155 23.19 37.84 31.85
C HIS F 155 22.48 39.08 31.31
N ILE F 156 21.60 39.62 32.13
CA ILE F 156 20.69 40.68 31.73
C ILE F 156 21.25 42.06 32.06
N ASP F 157 21.83 42.23 33.25
CA ASP F 157 22.45 43.50 33.58
C ASP F 157 23.57 43.84 32.59
N ALA F 158 24.23 42.82 32.04
CA ALA F 158 25.22 43.05 31.00
C ALA F 158 24.59 43.74 29.79
N MET F 159 23.57 43.11 29.20
CA MET F 159 22.85 43.74 28.11
C MET F 159 22.26 45.08 28.53
N ARG F 160 22.00 45.26 29.82
CA ARG F 160 21.30 46.44 30.29
C ARG F 160 22.24 47.63 30.45
N ALA F 161 23.53 47.37 30.67
CA ALA F 161 24.51 48.45 30.75
C ALA F 161 24.95 48.90 29.37
N LYS F 162 24.91 48.02 28.37
CA LYS F 162 25.26 48.41 27.02
C LYS F 162 24.21 49.33 26.42
N ILE F 163 22.92 49.05 26.67
CA ILE F 163 21.87 49.95 26.23
C ILE F 163 22.00 51.30 26.93
N ALA F 164 22.46 51.30 28.18
CA ALA F 164 22.50 52.53 28.96
C ALA F 164 23.60 53.46 28.46
N GLU F 165 24.78 52.91 28.15
CA GLU F 165 25.86 53.74 27.64
C GLU F 165 25.59 54.20 26.21
N ASP F 166 24.83 53.41 25.44
CA ASP F 166 24.50 53.81 24.07
C ASP F 166 23.43 54.89 24.03
N LEU F 167 22.57 54.95 25.04
CA LEU F 167 21.51 55.95 25.12
C LEU F 167 21.87 57.13 26.00
N GLN F 168 23.10 57.19 26.49
CA GLN F 168 23.55 58.27 27.37
C GLN F 168 22.57 58.48 28.52
N CYS F 169 22.19 57.38 29.16
CA CYS F 169 21.28 57.43 30.29
C CYS F 169 21.78 56.48 31.37
N ASP F 170 21.26 56.65 32.59
CA ASP F 170 21.67 55.82 33.70
C ASP F 170 21.09 54.41 33.55
N ILE F 171 21.74 53.44 34.19
CA ILE F 171 21.30 52.06 34.08
C ILE F 171 19.91 51.89 34.68
N GLU F 172 19.52 52.75 35.62
CA GLU F 172 18.21 52.65 36.24
C GLU F 172 17.08 53.07 35.32
N GLN F 173 17.37 53.59 34.14
CA GLN F 173 16.36 53.94 33.15
C GLN F 173 16.16 52.86 32.10
N VAL F 174 16.95 51.79 32.14
CA VAL F 174 16.86 50.68 31.21
C VAL F 174 16.43 49.45 31.98
N ASN F 175 15.45 48.72 31.45
CA ASN F 175 15.03 47.46 32.03
C ASN F 175 14.92 46.41 30.93
N VAL F 176 15.44 45.21 31.22
CA VAL F 176 15.37 44.07 30.32
C VAL F 176 14.95 42.85 31.12
N LYS F 177 14.06 42.05 30.55
CA LYS F 177 13.60 40.83 31.20
C LYS F 177 13.26 39.82 30.12
N ALA F 178 13.20 38.55 30.53
CA ALA F 178 12.96 37.45 29.61
C ALA F 178 11.89 36.53 30.17
N THR F 179 10.91 36.20 29.34
CA THR F 179 9.94 35.14 29.62
C THR F 179 10.16 34.00 28.65
N THR F 180 9.66 32.82 29.02
CA THR F 180 10.07 31.59 28.35
C THR F 180 8.87 30.77 27.86
N THR F 181 9.14 29.53 27.44
CA THR F 181 8.06 28.63 27.02
C THR F 181 8.63 27.21 27.02
N GLU F 182 8.41 26.48 28.11
CA GLU F 182 8.95 25.13 28.24
C GLU F 182 7.90 24.08 27.88
N GLY F 188 6.31 19.86 19.57
CA GLY F 188 7.30 19.03 20.24
C GLY F 188 8.66 19.70 20.35
N ARG F 189 9.20 20.13 19.21
CA ARG F 189 10.51 20.76 19.16
C ARG F 189 10.52 21.83 18.07
N GLN F 190 11.20 22.94 18.35
CA GLN F 190 11.34 24.04 17.40
C GLN F 190 12.32 25.03 18.03
N GLU F 191 12.48 26.19 17.39
CA GLU F 191 13.34 27.24 17.91
C GLU F 191 12.87 28.60 17.40
N GLY F 192 13.43 29.64 17.98
CA GLY F 192 13.08 31.01 17.64
C GLY F 192 13.22 31.92 18.85
N ILE F 193 13.50 33.19 18.59
CA ILE F 193 13.69 34.19 19.63
C ILE F 193 13.08 35.51 19.17
N ALA F 194 12.26 36.11 20.01
CA ALA F 194 11.51 37.32 19.68
C ALA F 194 11.70 38.35 20.79
N CYS F 195 11.17 39.55 20.54
CA CYS F 195 11.31 40.64 21.51
C CYS F 195 10.38 41.79 21.17
N GLU F 196 9.80 42.38 22.21
CA GLU F 196 9.08 43.65 22.14
C GLU F 196 9.78 44.67 23.03
N ALA F 197 9.72 45.93 22.62
CA ALA F 197 10.28 47.02 23.41
C ALA F 197 9.35 48.23 23.35
N VAL F 198 9.27 48.94 24.47
CA VAL F 198 8.57 50.22 24.53
C VAL F 198 9.54 51.27 25.04
N ALA F 199 9.38 52.49 24.56
CA ALA F 199 10.24 53.60 24.96
C ALA F 199 9.39 54.82 25.20
N LEU F 200 9.77 55.60 26.21
CA LEU F 200 9.17 56.90 26.48
C LEU F 200 10.24 57.97 26.29
N LEU F 201 9.92 58.98 25.48
CA LEU F 201 10.80 60.11 25.24
C LEU F 201 10.27 61.35 25.94
N ILE F 202 11.19 62.22 26.35
CA ILE F 202 10.85 63.47 26.99
C ILE F 202 11.71 64.57 26.38
N ARG F 203 11.15 65.77 26.24
CA ARG F 203 11.88 66.86 25.63
C ARG F 203 13.02 67.30 26.54
N GLN F 204 14.22 67.40 25.98
CA GLN F 204 15.40 67.71 26.78
C GLN F 204 15.52 69.21 27.03
N GLY F 205 16.30 69.56 28.04
CA GLY F 205 16.50 70.96 28.40
C GLY F 205 15.44 71.53 29.31
N LEU F 206 14.87 70.72 30.19
CA LEU F 206 13.82 71.16 31.10
C LEU F 206 14.36 71.40 32.51
N GLU F 207 15.54 72.00 32.62
CA GLU F 207 16.10 72.36 33.92
C GLU F 207 15.92 73.85 34.22
N VAL F 208 15.11 74.54 33.43
CA VAL F 208 14.76 75.94 33.67
C VAL F 208 14.32 76.18 35.11
N SER G 1 7.55 66.40 37.63
CA SER G 1 7.00 65.07 37.89
C SER G 1 7.66 64.03 37.00
N LEU G 2 7.90 62.85 37.54
CA LEU G 2 8.46 61.75 36.79
C LEU G 2 7.35 60.78 36.40
N ILE G 3 7.55 60.10 35.27
CA ILE G 3 6.53 59.28 34.63
C ILE G 3 7.25 58.17 33.88
N ARG G 4 6.77 56.94 34.00
CA ARG G 4 7.47 55.80 33.44
C ARG G 4 6.48 54.77 32.87
N ILE G 5 6.90 54.10 31.80
CA ILE G 5 6.08 53.08 31.16
C ILE G 5 6.73 51.72 31.31
N GLY G 6 5.91 50.68 31.24
CA GLY G 6 6.40 49.32 31.28
C GLY G 6 5.67 48.48 30.25
N HIS G 7 6.13 47.25 30.11
CA HIS G 7 5.52 46.30 29.19
C HIS G 7 5.72 44.91 29.74
N GLY G 8 4.66 44.11 29.67
CA GLY G 8 4.72 42.74 30.10
C GLY G 8 4.17 41.83 29.02
N PHE G 9 4.60 40.57 29.07
CA PHE G 9 4.12 39.54 28.17
C PHE G 9 4.19 38.22 28.89
N ASP G 10 3.18 37.37 28.68
CA ASP G 10 3.16 36.08 29.36
C ASP G 10 2.22 35.12 28.65
N VAL G 11 2.67 33.87 28.55
CA VAL G 11 1.83 32.74 28.13
C VAL G 11 2.06 31.65 29.16
N HIS G 12 1.02 31.34 29.94
CA HIS G 12 1.01 30.15 30.77
C HIS G 12 -0.03 29.20 30.18
N ALA G 13 0.33 27.93 30.13
CA ALA G 13 -0.45 26.94 29.39
C ALA G 13 0.00 25.56 29.84
N PHE G 14 -0.55 24.53 29.21
CA PHE G 14 -0.41 23.13 29.64
C PHE G 14 -1.23 22.89 30.90
N GLY G 15 -2.54 22.68 30.75
CA GLY G 15 -3.38 22.36 31.87
C GLY G 15 -2.82 21.20 32.67
N CYS G 16 -3.27 21.02 33.91
CA CYS G 16 -2.95 19.79 34.62
C CYS G 16 -3.31 18.60 33.75
N VAL G 17 -2.32 17.78 33.44
CA VAL G 17 -2.57 16.55 32.69
C VAL G 17 -1.66 15.48 33.26
N THR G 18 -2.24 14.33 33.57
CA THR G 18 -1.46 13.23 34.10
C THR G 18 -0.44 12.78 33.06
N LEU G 19 0.80 12.58 33.50
CA LEU G 19 1.91 12.34 32.60
C LEU G 19 2.33 10.87 32.70
N ASN G 20 2.33 10.18 31.56
CA ASN G 20 2.55 8.74 31.47
C ASN G 20 3.88 8.55 30.74
N CYS G 21 4.94 8.25 31.49
CA CYS G 21 6.29 8.61 31.08
C CYS G 21 7.24 7.41 31.15
N SER G 22 8.48 7.69 30.75
CA SER G 22 9.58 6.73 30.78
C SER G 22 10.88 7.50 30.60
N ASP G 23 11.89 7.14 31.39
CA ASP G 23 13.13 7.92 31.42
C ASP G 23 13.76 7.99 30.04
N ALA G 24 14.48 9.08 29.78
CA ALA G 24 15.12 9.33 28.50
C ALA G 24 16.57 8.83 28.51
N LYS G 25 17.29 9.10 27.42
CA LYS G 25 18.69 8.69 27.25
C LYS G 25 19.46 9.92 26.75
N VAL G 26 19.83 10.80 27.68
CA VAL G 26 20.51 12.03 27.30
C VAL G 26 21.37 12.55 28.45
N ASN G 27 22.63 12.12 28.50
CA ASN G 27 23.63 12.85 29.28
C ASN G 27 23.82 14.19 28.58
N ILE G 28 24.81 14.98 28.99
CA ILE G 28 24.87 16.37 28.51
C ILE G 28 25.31 16.59 27.05
N ASN G 29 26.27 15.85 26.47
CA ASN G 29 26.92 14.67 27.03
C ASN G 29 28.42 14.73 26.74
N THR G 35 27.45 18.44 34.82
CA THR G 35 26.04 18.53 35.18
C THR G 35 25.17 17.87 34.12
N ARG G 36 24.46 16.80 34.47
CA ARG G 36 23.52 16.14 33.59
C ARG G 36 22.19 15.98 34.32
N GLU G 37 21.11 16.47 33.70
CA GLU G 37 19.79 16.38 34.30
C GLU G 37 18.89 15.45 33.50
N GLU G 38 17.89 14.92 34.18
CA GLU G 38 16.96 13.96 33.63
C GLU G 38 15.58 14.32 34.18
N ILE G 39 14.55 14.73 33.43
CA ILE G 39 14.32 14.78 31.96
C ILE G 39 13.75 13.42 31.53
N LYS G 40 12.58 13.48 30.89
CA LYS G 40 11.86 12.28 30.50
C LYS G 40 10.95 12.62 29.33
N ASN G 41 10.42 11.58 28.70
CA ASN G 41 9.54 11.70 27.54
C ASN G 41 8.16 11.19 27.95
N CYS G 42 7.22 12.12 28.15
CA CYS G 42 5.92 11.81 28.73
C CYS G 42 4.83 11.90 27.66
N SER G 43 3.70 11.28 27.98
CA SER G 43 2.53 11.27 27.10
C SER G 43 1.31 11.68 27.90
N PHE G 44 0.39 12.38 27.24
CA PHE G 44 -0.76 12.96 27.94
C PHE G 44 -1.88 13.23 26.95
N ASN G 45 -3.08 13.38 27.50
CA ASN G 45 -4.25 13.78 26.72
C ASN G 45 -4.23 15.30 26.57
N ALA G 46 -3.81 15.77 25.39
CA ALA G 46 -3.82 17.20 25.14
C ALA G 46 -5.25 17.68 24.90
N THR G 47 -5.42 19.01 24.92
CA THR G 47 -6.72 19.62 24.67
C THR G 47 -6.76 20.14 23.24
N THR G 48 -7.98 20.24 22.71
CA THR G 48 -8.21 20.74 21.36
C THR G 48 -9.14 21.95 21.45
N GLU G 49 -9.62 22.39 20.28
CA GLU G 49 -10.51 23.53 20.22
C GLU G 49 -11.96 23.15 20.52
N LEU G 50 -12.31 21.88 20.40
CA LEU G 50 -13.61 21.39 20.84
C LEU G 50 -13.47 20.85 22.27
N ARG G 51 -14.41 21.24 23.13
CA ARG G 51 -14.37 20.82 24.53
C ARG G 51 -14.27 19.30 24.65
N ASP G 52 -15.19 18.59 24.01
CA ASP G 52 -15.31 17.14 24.18
C ASP G 52 -14.51 16.39 23.12
N LYS G 53 -13.23 16.74 22.97
CA LYS G 53 -12.33 16.01 22.09
C LYS G 53 -10.90 16.30 22.53
N LYS G 54 -10.09 15.24 22.66
CA LYS G 54 -8.71 15.33 23.09
C LYS G 54 -7.79 14.68 22.06
N LYS G 55 -6.49 14.87 22.23
CA LYS G 55 -5.48 14.32 21.32
C LYS G 55 -4.26 13.91 22.11
N LYS G 56 -3.65 12.78 21.72
CA LYS G 56 -2.44 12.31 22.37
C LYS G 56 -1.22 13.04 21.84
N GLU G 57 -0.37 13.51 22.75
CA GLU G 57 0.85 14.22 22.39
C GLU G 57 1.98 13.74 23.28
N TYR G 58 3.20 14.14 22.92
CA TYR G 58 4.39 13.86 23.70
C TYR G 58 5.23 15.12 23.81
N ALA G 59 5.94 15.25 24.92
CA ALA G 59 6.84 16.39 25.14
C ALA G 59 7.82 16.00 26.25
N LEU G 60 8.98 16.67 26.24
CA LEU G 60 10.03 16.37 27.22
C LEU G 60 9.82 17.21 28.47
N PHE G 61 9.84 16.54 29.62
CA PHE G 61 9.65 17.20 30.91
C PHE G 61 10.77 16.84 31.87
N TYR G 62 11.14 17.79 32.72
CA TYR G 62 12.18 17.60 33.70
C TYR G 62 11.63 16.92 34.95
N ARG G 63 12.41 16.00 35.52
CA ARG G 63 11.93 15.20 36.64
C ARG G 63 11.87 15.98 37.94
N LEU G 64 12.61 17.08 38.05
CA LEU G 64 12.51 17.96 39.20
C LEU G 64 11.39 18.99 39.06
N ASP G 65 10.69 18.99 37.93
CA ASP G 65 9.50 19.81 37.73
C ASP G 65 8.22 18.99 37.68
N ILE G 66 8.29 17.71 38.04
CA ILE G 66 7.12 16.84 38.07
C ILE G 66 7.16 16.02 39.36
N VAL G 67 5.99 15.64 39.84
CA VAL G 67 5.85 14.90 41.09
C VAL G 67 5.21 13.55 40.80
N PRO G 68 5.92 12.43 40.96
CA PRO G 68 5.30 11.12 40.71
C PRO G 68 4.07 10.92 41.58
N LEU G 69 2.98 10.48 40.96
CA LEU G 69 1.71 10.26 41.65
C LEU G 69 1.42 8.75 41.69
N ASN G 70 2.15 8.05 42.55
CA ASN G 70 2.00 6.62 42.73
C ASN G 70 2.07 5.87 41.39
N SER G 77 4.31 4.52 36.91
CA SER G 77 5.10 5.56 36.25
C SER G 77 4.20 6.70 35.76
N GLU G 78 3.68 7.48 36.72
CA GLU G 78 2.78 8.59 36.41
C GLU G 78 3.23 9.83 37.16
N TYR G 79 3.11 10.99 36.51
CA TYR G 79 3.64 12.24 37.07
C TYR G 79 2.75 13.40 36.65
N ARG G 80 2.98 14.56 37.26
CA ARG G 80 2.28 15.79 36.92
C ARG G 80 3.21 16.98 37.09
N LEU G 81 3.12 17.93 36.16
CA LEU G 81 3.99 19.10 36.15
C LEU G 81 3.60 20.06 37.27
N ILE G 82 4.60 20.55 38.01
CA ILE G 82 4.35 21.53 39.05
C ILE G 82 3.83 22.82 38.44
N ASN G 83 2.70 23.26 38.98
CA ASN G 83 1.91 24.37 38.47
C ASN G 83 1.11 23.96 37.24
N CYS G 84 0.01 24.69 37.05
CA CYS G 84 -1.15 24.08 36.47
C CYS G 84 -2.28 25.10 36.40
N ASN G 85 -2.77 25.37 35.20
CA ASN G 85 -3.82 26.35 35.00
C ASN G 85 -3.68 27.50 36.01
N SER G 88 -7.38 29.94 34.51
CA SER G 88 -5.96 30.22 34.29
C SER G 88 -5.75 31.30 33.25
N GLY G 89 -6.79 32.09 33.01
CA GLY G 89 -6.69 33.18 32.07
C GLY G 89 -6.32 34.45 32.80
N GLY G 90 -6.73 34.55 34.06
CA GLY G 90 -6.30 35.67 34.88
C GLY G 90 -4.85 35.56 35.30
N ASP G 91 -4.35 34.34 35.45
CA ASP G 91 -2.96 34.16 35.91
C ASP G 91 -1.95 34.71 34.91
N VAL G 92 -2.25 34.67 33.61
CA VAL G 92 -1.32 35.25 32.64
C VAL G 92 -1.42 36.77 32.66
N ALA G 93 -2.64 37.31 32.74
CA ALA G 93 -2.81 38.76 32.74
C ALA G 93 -2.08 39.40 33.92
N LEU G 94 -2.17 38.78 35.10
CA LEU G 94 -1.48 39.35 36.25
C LEU G 94 0.03 39.23 36.09
N HIS G 95 0.52 38.07 35.64
CA HIS G 95 1.95 37.92 35.40
C HIS G 95 2.45 38.95 34.39
N ALA G 96 1.66 39.20 33.34
CA ALA G 96 2.04 40.22 32.37
C ALA G 96 1.99 41.61 32.99
N LEU G 97 0.89 41.94 33.66
CA LEU G 97 0.81 43.22 34.37
C LEU G 97 1.93 43.34 35.40
N THR G 98 2.24 42.24 36.09
CA THR G 98 3.34 42.25 37.04
C THR G 98 4.66 42.65 36.36
N ASP G 99 5.02 41.95 35.28
CA ASP G 99 6.23 42.30 34.54
C ASP G 99 6.20 43.76 34.09
N ALA G 100 5.02 44.29 33.76
CA ALA G 100 4.93 45.66 33.27
C ALA G 100 5.16 46.66 34.39
N ILE G 101 4.51 46.46 35.54
CA ILE G 101 4.76 47.33 36.68
C ILE G 101 6.24 47.34 37.01
N LEU G 102 6.82 46.16 37.22
CA LEU G 102 8.24 46.08 37.53
C LEU G 102 9.09 46.66 36.42
N GLY G 103 8.69 46.42 35.16
CA GLY G 103 9.49 46.92 34.05
C GLY G 103 9.62 48.43 34.06
N ALA G 104 8.51 49.13 34.30
CA ALA G 104 8.55 50.59 34.31
C ALA G 104 9.44 51.15 35.40
N ALA G 105 9.73 50.38 36.45
CA ALA G 105 10.57 50.84 37.55
C ALA G 105 11.88 50.06 37.64
N ALA G 106 12.24 49.32 36.59
CA ALA G 106 13.56 48.73 36.45
C ALA G 106 13.86 47.76 37.58
N LEU G 107 13.03 46.72 37.67
CA LEU G 107 13.16 45.71 38.72
C LEU G 107 13.20 44.28 38.22
N GLY G 108 12.96 44.02 36.93
CA GLY G 108 13.14 42.68 36.39
C GLY G 108 12.00 41.73 36.70
N ASP G 109 12.32 40.59 37.32
CA ASP G 109 11.32 39.61 37.72
C ASP G 109 11.95 38.59 38.65
N ILE G 110 11.22 38.25 39.73
CA ILE G 110 11.72 37.37 40.77
C ILE G 110 10.54 36.63 41.37
N GLY G 111 10.82 35.48 41.97
CA GLY G 111 9.78 34.68 42.61
C GLY G 111 10.31 33.83 43.75
N LYS G 116 8.28 29.63 43.19
CA LYS G 116 7.45 28.55 42.68
C LYS G 116 6.26 29.12 41.92
N ASN G 117 5.06 28.94 42.48
CA ASN G 117 3.90 29.72 42.04
C ASN G 117 3.25 30.35 43.25
N ALA G 118 3.82 31.47 43.67
CA ALA G 118 3.14 32.35 44.59
C ALA G 118 1.80 32.77 44.00
N ASP G 119 0.85 33.07 44.89
CA ASP G 119 -0.43 33.63 44.48
C ASP G 119 -0.19 34.74 43.46
N SER G 120 -0.57 34.51 42.20
CA SER G 120 -0.40 35.53 41.17
C SER G 120 -0.95 36.87 41.63
N ARG G 121 -2.03 36.85 42.40
CA ARG G 121 -2.52 38.10 42.99
C ARG G 121 -1.56 38.60 44.06
N GLY G 122 -0.80 37.69 44.69
CA GLY G 122 0.23 38.11 45.63
C GLY G 122 1.40 38.77 44.94
N LEU G 123 1.96 38.12 43.93
CA LEU G 123 3.10 38.67 43.21
C LEU G 123 2.79 40.04 42.63
N LEU G 124 1.57 40.24 42.13
CA LEU G 124 1.19 41.55 41.60
C LEU G 124 1.22 42.61 42.70
N ARG G 125 0.80 42.23 43.91
CA ARG G 125 0.82 43.17 45.02
C ARG G 125 2.23 43.40 45.54
N GLU G 126 3.09 42.38 45.46
CA GLU G 126 4.48 42.56 45.86
C GLU G 126 5.22 43.49 44.89
N ALA G 127 4.96 43.33 43.58
CA ALA G 127 5.53 44.27 42.62
C ALA G 127 5.06 45.69 42.89
N PHE G 128 3.79 45.86 43.22
CA PHE G 128 3.29 47.21 43.49
C PHE G 128 3.94 47.78 44.74
N ARG G 129 4.15 46.97 45.78
CA ARG G 129 4.76 47.46 47.00
C ARG G 129 6.19 47.91 46.77
N GLN G 130 6.89 47.28 45.83
CA GLN G 130 8.27 47.67 45.55
C GLN G 130 8.33 48.95 44.73
N VAL G 131 7.50 49.08 43.70
CA VAL G 131 7.44 50.35 42.98
C VAL G 131 6.90 51.43 43.89
N GLN G 132 6.10 51.06 44.89
CA GLN G 132 5.51 52.07 45.77
C GLN G 132 6.57 52.67 46.69
N GLU G 133 7.48 51.85 47.21
CA GLU G 133 8.56 52.40 48.02
C GLU G 133 9.57 53.16 47.18
N LYS G 134 9.68 52.83 45.89
CA LYS G 134 10.54 53.59 44.99
C LYS G 134 9.95 54.95 44.63
N GLY G 135 8.79 55.31 45.17
CA GLY G 135 8.23 56.62 44.95
C GLY G 135 7.29 56.73 43.77
N TYR G 136 6.60 55.66 43.40
CA TYR G 136 5.67 55.68 42.29
C TYR G 136 4.32 55.10 42.71
N LYS G 137 3.27 55.63 42.12
CA LYS G 137 1.93 55.04 42.16
C LYS G 137 1.54 54.68 40.73
N ILE G 138 0.33 54.18 40.56
CA ILE G 138 -0.18 53.83 39.25
C ILE G 138 -0.80 55.08 38.62
N GLY G 139 -0.59 55.25 37.33
CA GLY G 139 -1.26 56.27 36.56
C GLY G 139 -2.48 55.67 35.88
N ASN G 140 -2.24 54.77 34.93
CA ASN G 140 -3.30 53.94 34.38
C ASN G 140 -2.67 52.65 33.88
N VAL G 141 -3.52 51.66 33.66
CA VAL G 141 -3.11 50.34 33.22
C VAL G 141 -4.05 49.89 32.11
N ASP G 142 -3.51 49.11 31.17
CA ASP G 142 -4.26 48.64 30.01
C ASP G 142 -3.75 47.26 29.65
N ILE G 143 -4.66 46.27 29.67
CA ILE G 143 -4.31 44.87 29.50
C ILE G 143 -5.09 44.31 28.31
N THR G 144 -4.43 43.47 27.53
CA THR G 144 -5.01 42.87 26.32
C THR G 144 -4.84 41.36 26.40
N ILE G 145 -5.95 40.63 26.26
CA ILE G 145 -5.95 39.18 26.30
C ILE G 145 -6.08 38.67 24.87
N ILE G 146 -5.06 37.99 24.38
CA ILE G 146 -5.07 37.38 23.05
C ILE G 146 -5.28 35.89 23.23
N ALA G 147 -6.46 35.40 22.86
CA ALA G 147 -6.82 34.01 23.09
C ALA G 147 -7.54 33.47 21.86
N GLN G 148 -7.87 32.17 21.92
CA GLN G 148 -8.63 31.51 20.87
C GLN G 148 -10.13 31.44 21.16
N ALA G 149 -10.51 31.33 22.43
CA ALA G 149 -11.90 31.40 22.84
C ALA G 149 -12.53 32.72 22.37
N PRO G 150 -13.88 32.80 22.38
CA PRO G 150 -14.86 31.77 22.70
C PRO G 150 -15.18 30.86 21.52
N ARG G 153 -16.02 39.63 26.96
CA ARG G 153 -16.54 40.49 28.02
C ARG G 153 -17.21 39.72 29.18
N PRO G 154 -16.78 38.47 29.45
CA PRO G 154 -17.48 37.70 30.50
C PRO G 154 -17.29 38.26 31.90
N HIS G 155 -16.03 38.50 32.28
CA HIS G 155 -15.69 38.90 33.65
C HIS G 155 -14.63 39.99 33.70
N ILE G 156 -14.46 40.77 32.62
CA ILE G 156 -13.39 41.76 32.61
C ILE G 156 -13.60 42.77 33.74
N ASP G 157 -14.85 43.07 34.08
CA ASP G 157 -15.12 44.00 35.17
C ASP G 157 -14.89 43.38 36.54
N ALA G 158 -14.89 42.04 36.64
CA ALA G 158 -14.43 41.39 37.86
C ALA G 158 -12.91 41.47 37.98
N MET G 159 -12.21 41.30 36.86
CA MET G 159 -10.76 41.47 36.85
C MET G 159 -10.37 42.89 37.24
N ARG G 160 -10.91 43.88 36.52
CA ARG G 160 -10.57 45.27 36.79
C ARG G 160 -10.64 45.57 38.28
N ALA G 161 -11.77 45.25 38.92
CA ALA G 161 -11.88 45.45 40.36
C ALA G 161 -10.75 44.79 41.12
N LYS G 162 -10.55 43.48 40.89
CA LYS G 162 -9.50 42.75 41.60
C LYS G 162 -8.12 43.32 41.31
N ILE G 163 -7.95 43.95 40.14
CA ILE G 163 -6.65 44.52 39.81
C ILE G 163 -6.47 45.88 40.47
N ALA G 164 -7.46 46.77 40.31
CA ALA G 164 -7.38 48.08 40.93
C ALA G 164 -7.22 47.98 42.45
N GLU G 165 -7.76 46.92 43.05
CA GLU G 165 -7.62 46.76 44.49
C GLU G 165 -6.20 46.45 44.89
N ASP G 166 -5.48 45.67 44.07
CA ASP G 166 -4.09 45.32 44.37
C ASP G 166 -3.13 46.44 44.00
N LEU G 167 -3.54 47.34 43.13
CA LEU G 167 -2.74 48.51 42.78
C LEU G 167 -3.19 49.77 43.51
N GLN G 168 -4.25 49.67 44.32
CA GLN G 168 -4.70 50.78 45.16
C GLN G 168 -5.07 52.00 44.31
N CYS G 169 -5.85 51.76 43.27
CA CYS G 169 -6.40 52.81 42.43
C CYS G 169 -7.87 52.48 42.18
N ASP G 170 -8.49 53.18 41.24
CA ASP G 170 -9.90 52.98 40.92
C ASP G 170 -10.05 52.31 39.56
N ILE G 171 -11.20 51.64 39.38
CA ILE G 171 -11.43 50.85 38.18
C ILE G 171 -11.21 51.68 36.91
N GLU G 172 -11.48 52.98 36.97
CA GLU G 172 -11.25 53.82 35.79
C GLU G 172 -9.79 53.91 35.43
N GLN G 173 -8.88 53.45 36.30
CA GLN G 173 -7.46 53.39 36.00
C GLN G 173 -7.01 51.99 35.57
N VAL G 174 -7.97 51.08 35.32
CA VAL G 174 -7.66 49.72 34.90
C VAL G 174 -8.56 49.38 33.73
N ASN G 175 -7.95 48.98 32.61
CA ASN G 175 -8.68 48.50 31.45
C ASN G 175 -8.21 47.11 31.10
N VAL G 176 -9.16 46.25 30.71
CA VAL G 176 -8.88 44.88 30.34
C VAL G 176 -9.68 44.57 29.08
N LYS G 177 -9.08 43.81 28.17
CA LYS G 177 -9.66 43.55 26.86
C LYS G 177 -9.39 42.10 26.48
N ALA G 178 -9.98 41.70 25.36
CA ALA G 178 -9.73 40.38 24.80
C ALA G 178 -9.84 40.45 23.29
N THR G 179 -8.77 40.06 22.60
CA THR G 179 -8.80 39.84 21.16
C THR G 179 -8.93 38.35 20.91
N THR G 180 -9.68 38.01 19.87
CA THR G 180 -9.96 36.62 19.53
C THR G 180 -9.25 36.26 18.23
N THR G 181 -8.45 35.19 18.26
CA THR G 181 -7.76 34.71 17.08
C THR G 181 -8.53 33.52 16.50
N GLU G 182 -9.67 33.85 15.92
CA GLU G 182 -10.57 32.89 15.29
C GLU G 182 -11.24 33.42 14.02
N LYS G 183 -11.47 34.72 13.90
CA LYS G 183 -11.82 35.29 12.60
C LYS G 183 -10.80 34.86 11.55
N LEU G 184 -9.55 34.68 11.96
CA LEU G 184 -8.59 33.90 11.21
C LEU G 184 -8.73 32.45 11.63
N GLY G 185 -8.70 31.55 10.65
CA GLY G 185 -8.92 30.13 10.91
C GLY G 185 -8.08 29.57 12.03
N PHE G 186 -8.34 28.33 12.41
CA PHE G 186 -7.59 27.70 13.50
C PHE G 186 -7.74 26.18 13.41
N THR G 187 -6.72 25.49 13.89
CA THR G 187 -6.73 24.03 13.95
C THR G 187 -5.52 23.48 14.70
N GLN G 190 -5.86 23.05 19.03
CA GLN G 190 -4.81 24.01 19.37
C GLN G 190 -4.67 24.15 20.89
N GLU G 191 -3.99 25.21 21.32
CA GLU G 191 -3.58 25.33 22.71
C GLU G 191 -3.08 26.74 22.98
N GLY G 192 -3.32 27.23 24.20
CA GLY G 192 -2.62 28.38 24.70
C GLY G 192 -3.53 29.60 24.87
N ILE G 193 -3.07 30.51 25.72
CA ILE G 193 -3.69 31.83 25.92
C ILE G 193 -2.60 32.80 26.35
N ALA G 194 -2.58 33.98 25.74
CA ALA G 194 -1.52 34.96 25.92
C ALA G 194 -2.09 36.28 26.42
N CYS G 195 -1.19 37.15 26.89
CA CYS G 195 -1.61 38.46 27.37
C CYS G 195 -0.44 39.44 27.33
N GLU G 196 -0.70 40.64 26.79
CA GLU G 196 0.23 41.76 26.84
C GLU G 196 -0.35 42.87 27.70
N ALA G 197 0.51 43.59 28.42
CA ALA G 197 0.06 44.68 29.26
C ALA G 197 1.08 45.82 29.23
N VAL G 198 0.58 47.03 29.44
CA VAL G 198 1.41 48.21 29.56
C VAL G 198 0.94 49.02 30.77
N ALA G 199 1.88 49.57 31.52
CA ALA G 199 1.58 50.32 32.71
C ALA G 199 2.21 51.70 32.63
N LEU G 200 1.56 52.67 33.27
CA LEU G 200 2.10 54.02 33.42
C LEU G 200 2.26 54.31 34.90
N LEU G 201 3.50 54.50 35.35
CA LEU G 201 3.77 54.89 36.72
C LEU G 201 3.89 56.41 36.82
N ILE G 202 3.70 56.91 38.05
CA ILE G 202 3.73 58.33 38.32
C ILE G 202 4.24 58.52 39.76
N ARG G 203 4.97 59.62 39.98
CA ARG G 203 5.40 59.98 41.32
C ARG G 203 4.19 60.45 42.13
N GLN G 204 4.10 59.99 43.38
CA GLN G 204 3.09 60.50 44.29
C GLN G 204 3.66 61.69 45.05
N GLY G 205 2.84 62.73 45.19
CA GLY G 205 3.29 63.98 45.77
C GLY G 205 2.66 65.16 45.09
N LEU G 206 1.69 65.80 45.76
CA LEU G 206 1.00 66.96 45.23
C LEU G 206 1.37 68.19 46.06
N GLU G 207 1.41 69.34 45.39
CA GLU G 207 1.99 70.56 45.94
C GLU G 207 1.00 71.42 46.71
N VAL G 208 -0.17 70.89 47.07
CA VAL G 208 -1.20 71.68 47.73
C VAL G 208 -0.66 72.22 49.05
N GLU H 1 2.28 -0.85 2.43
CA GLU H 1 1.91 -2.24 2.77
C GLU H 1 1.71 -2.40 4.28
N VAL H 2 0.46 -2.27 4.72
CA VAL H 2 0.10 -2.37 6.13
C VAL H 2 -0.29 -3.82 6.41
N GLN H 3 0.36 -4.44 7.40
CA GLN H 3 0.19 -5.87 7.60
C GLN H 3 0.30 -6.25 9.06
N LEU H 4 -0.33 -7.37 9.40
CA LEU H 4 -0.14 -8.06 10.65
C LEU H 4 0.30 -9.49 10.35
N VAL H 5 1.19 -10.02 11.18
CA VAL H 5 1.78 -11.34 10.95
C VAL H 5 1.80 -12.09 12.27
N GLU H 6 1.01 -13.15 12.37
CA GLU H 6 1.08 -14.04 13.51
C GLU H 6 2.19 -15.06 13.31
N SER H 7 2.77 -15.51 14.42
CA SER H 7 3.75 -16.57 14.40
C SER H 7 3.73 -17.26 15.76
N GLY H 8 4.43 -18.38 15.86
CA GLY H 8 4.51 -19.12 17.09
C GLY H 8 3.43 -20.15 17.30
N GLY H 9 2.59 -20.41 16.31
CA GLY H 9 1.64 -21.48 16.39
C GLY H 9 2.32 -22.83 16.24
N GLY H 10 1.50 -23.86 16.12
CA GLY H 10 2.00 -25.21 15.95
C GLY H 10 1.32 -26.23 16.83
N VAL H 11 2.03 -27.29 17.18
CA VAL H 11 1.49 -28.33 18.02
C VAL H 11 1.93 -28.08 19.46
N VAL H 12 1.15 -28.59 20.39
CA VAL H 12 1.39 -28.42 21.82
C VAL H 12 0.48 -29.42 22.54
N ARG H 13 0.90 -29.88 23.70
CA ARG H 13 0.14 -30.97 24.32
C ARG H 13 -0.85 -30.42 25.34
N PRO H 14 -1.92 -31.17 25.61
CA PRO H 14 -2.88 -30.73 26.62
C PRO H 14 -2.19 -30.35 27.93
N GLY H 15 -2.67 -29.27 28.55
CA GLY H 15 -2.05 -28.75 29.74
C GLY H 15 -0.73 -28.05 29.52
N GLY H 16 -0.30 -27.88 28.27
CA GLY H 16 0.98 -27.28 27.97
C GLY H 16 0.92 -25.77 27.83
N SER H 17 2.01 -25.21 27.31
CA SER H 17 2.16 -23.77 27.17
C SER H 17 2.62 -23.42 25.76
N LEU H 18 2.25 -22.22 25.33
CA LEU H 18 2.61 -21.69 24.03
C LEU H 18 2.37 -20.19 24.05
N ARG H 19 3.13 -19.46 23.25
CA ARG H 19 3.07 -18.01 23.25
C ARG H 19 3.08 -17.51 21.81
N LEU H 20 2.04 -16.78 21.43
CA LEU H 20 1.88 -16.28 20.08
C LEU H 20 2.39 -14.84 20.00
N SER H 21 2.99 -14.51 18.86
CA SER H 21 3.51 -13.17 18.62
C SER H 21 2.89 -12.62 17.34
N CYS H 22 2.48 -11.35 17.39
CA CYS H 22 1.93 -10.65 16.24
C CYS H 22 2.78 -9.41 15.99
N ALA H 23 3.38 -9.34 14.80
CA ALA H 23 4.32 -8.28 14.46
C ALA H 23 3.69 -7.35 13.43
N ALA H 24 3.52 -6.09 13.81
CA ALA H 24 2.86 -5.11 12.96
C ALA H 24 3.86 -4.46 12.02
N SER H 25 3.33 -3.74 11.03
CA SER H 25 4.14 -3.04 10.04
C SER H 25 3.27 -2.06 9.29
N GLY H 26 3.79 -0.86 9.04
CA GLY H 26 3.16 0.07 8.14
C GLY H 26 2.16 1.02 8.75
N PHE H 27 2.04 1.04 10.08
CA PHE H 27 1.15 1.99 10.73
C PHE H 27 1.68 2.28 12.13
N ILE H 28 1.26 3.42 12.68
CA ILE H 28 1.69 3.80 14.02
C ILE H 28 1.08 2.78 14.99
N PHE H 29 1.92 1.89 15.50
CA PHE H 29 1.45 0.75 16.26
C PHE H 29 0.87 1.16 17.61
N GLU H 30 1.46 2.18 18.24
CA GLU H 30 1.04 2.58 19.58
C GLU H 30 -0.26 3.38 19.60
N ASN H 31 -0.79 3.77 18.44
CA ASN H 31 -2.04 4.50 18.39
C ASN H 31 -3.26 3.58 18.38
N TYR H 32 -3.09 2.32 18.02
CA TYR H 32 -4.20 1.40 17.83
C TYR H 32 -4.26 0.39 18.98
N GLY H 33 -5.47 -0.13 19.20
CA GLY H 33 -5.64 -1.26 20.07
C GLY H 33 -5.59 -2.57 19.29
N LEU H 34 -5.39 -3.67 20.01
CA LEU H 34 -5.22 -4.98 19.40
C LEU H 34 -6.16 -5.98 20.03
N THR H 35 -6.44 -7.04 19.27
CA THR H 35 -7.24 -8.16 19.75
C THR H 35 -6.65 -9.46 19.21
N TRP H 36 -6.86 -10.53 19.97
CA TRP H 36 -6.68 -11.88 19.45
C TRP H 36 -8.05 -12.51 19.26
N VAL H 37 -8.22 -13.22 18.16
CA VAL H 37 -9.47 -13.89 17.84
C VAL H 37 -9.10 -15.28 17.34
N ARG H 38 -9.94 -16.26 17.66
CA ARG H 38 -9.69 -17.63 17.23
C ARG H 38 -10.93 -18.19 16.55
N GLN H 39 -10.68 -19.12 15.63
CA GLN H 39 -11.70 -19.66 14.75
C GLN H 39 -11.24 -21.04 14.33
N VAL H 40 -12.08 -22.04 14.57
CA VAL H 40 -11.77 -23.40 14.14
C VAL H 40 -12.24 -23.52 12.69
N PRO H 41 -11.40 -24.02 11.77
CA PRO H 41 -11.78 -24.00 10.35
C PRO H 41 -13.17 -24.55 10.10
N GLY H 42 -14.03 -23.74 9.49
CA GLY H 42 -15.39 -24.16 9.19
C GLY H 42 -16.43 -23.47 10.04
N LYS H 43 -16.17 -23.34 11.34
CA LYS H 43 -17.13 -22.76 12.27
C LYS H 43 -16.89 -21.25 12.38
N GLY H 44 -17.59 -20.60 13.32
CA GLY H 44 -17.55 -19.16 13.43
C GLY H 44 -16.42 -18.66 14.31
N LEU H 45 -16.40 -17.35 14.50
CA LEU H 45 -15.36 -16.66 15.25
C LEU H 45 -15.70 -16.62 16.73
N HIS H 46 -14.66 -16.44 17.55
CA HIS H 46 -14.81 -16.32 18.99
C HIS H 46 -13.77 -15.35 19.50
N TRP H 47 -14.25 -14.31 20.20
CA TRP H 47 -13.36 -13.31 20.78
C TRP H 47 -12.56 -13.92 21.93
N VAL H 48 -11.28 -13.55 22.00
CA VAL H 48 -10.36 -14.16 22.96
C VAL H 48 -9.87 -13.12 23.95
N SER H 49 -9.18 -12.10 23.46
CA SER H 49 -8.64 -11.05 24.31
C SER H 49 -8.66 -9.73 23.57
N GLY H 50 -8.41 -8.65 24.31
CA GLY H 50 -8.40 -7.32 23.73
C GLY H 50 -7.54 -6.40 24.56
N MET H 51 -7.04 -5.34 23.92
CA MET H 51 -6.03 -4.51 24.54
C MET H 51 -6.04 -3.14 23.89
N ASN H 52 -5.87 -2.10 24.71
CA ASN H 52 -5.85 -0.73 24.22
C ASN H 52 -4.42 -0.31 23.90
N TRP H 53 -4.21 0.98 23.73
CA TRP H 53 -3.00 1.45 23.06
C TRP H 53 -1.75 1.21 23.90
N ASN H 54 -1.84 1.37 25.21
CA ASN H 54 -0.68 1.20 26.09
C ASN H 54 -0.74 -0.05 26.94
N GLY H 55 -1.86 -0.76 26.95
CA GLY H 55 -2.03 -1.94 27.76
C GLY H 55 -2.82 -1.72 29.04
N GLY H 56 -3.20 -0.48 29.35
CA GLY H 56 -3.90 -0.21 30.59
C GLY H 56 -5.29 -0.83 30.67
N ASP H 57 -5.86 -1.23 29.54
CA ASP H 57 -7.17 -1.86 29.48
C ASP H 57 -7.03 -3.19 28.76
N THR H 58 -7.06 -4.29 29.51
CA THR H 58 -6.93 -5.63 28.95
C THR H 58 -8.06 -6.50 29.49
N ARG H 59 -8.85 -7.06 28.58
CA ARG H 59 -9.99 -7.89 28.96
C ARG H 59 -9.93 -9.21 28.20
N TYR H 60 -10.57 -10.22 28.76
CA TYR H 60 -10.51 -11.57 28.23
C TYR H 60 -11.92 -12.16 28.12
N ALA H 61 -12.04 -13.16 27.26
CA ALA H 61 -13.26 -13.93 27.17
C ALA H 61 -13.40 -14.83 28.39
N ASP H 62 -14.63 -15.27 28.65
CA ASP H 62 -14.87 -16.16 29.78
C ASP H 62 -14.02 -17.42 29.68
N SER H 63 -13.87 -17.96 28.47
CA SER H 63 -13.21 -19.25 28.29
C SER H 63 -11.69 -19.18 28.41
N VAL H 64 -11.11 -17.99 28.50
CA VAL H 64 -9.65 -17.87 28.60
C VAL H 64 -9.19 -17.02 29.77
N ARG H 65 -10.06 -16.20 30.38
CA ARG H 65 -9.66 -15.42 31.54
C ARG H 65 -9.06 -16.33 32.60
N GLY H 66 -7.84 -16.01 33.03
CA GLY H 66 -7.12 -16.83 33.98
C GLY H 66 -6.17 -17.83 33.35
N ARG H 67 -6.24 -18.02 32.02
CA ARG H 67 -5.30 -18.89 31.32
C ARG H 67 -4.48 -18.17 30.26
N PHE H 68 -4.99 -17.09 29.67
CA PHE H 68 -4.28 -16.33 28.66
C PHE H 68 -3.76 -15.02 29.26
N SER H 69 -2.78 -14.43 28.59
CA SER H 69 -2.14 -13.20 29.06
C SER H 69 -1.68 -12.39 27.86
N MET H 70 -2.37 -11.31 27.56
CA MET H 70 -2.04 -10.45 26.44
C MET H 70 -1.06 -9.36 26.88
N SER H 71 -0.06 -9.11 26.04
CA SER H 71 0.92 -8.07 26.32
C SER H 71 1.40 -7.49 25.00
N ARG H 72 1.96 -6.27 25.07
CA ARG H 72 2.48 -5.60 23.89
C ARG H 72 3.73 -4.84 24.26
N ASP H 73 4.47 -4.43 23.22
CA ASP H 73 5.74 -3.71 23.37
C ASP H 73 5.80 -2.69 22.23
N ASN H 74 5.24 -1.50 22.49
CA ASN H 74 5.16 -0.48 21.45
C ASN H 74 6.53 -0.04 20.93
N SER H 75 7.61 -0.40 21.63
CA SER H 75 8.94 -0.06 21.13
C SER H 75 9.32 -0.88 19.91
N ASN H 76 8.81 -2.11 19.79
CA ASN H 76 9.17 -3.00 18.70
C ASN H 76 7.99 -3.44 17.84
N ASN H 77 6.84 -2.76 17.97
CA ASN H 77 5.68 -3.02 17.12
C ASN H 77 5.30 -4.50 17.14
N ILE H 78 5.01 -5.00 18.34
CA ILE H 78 4.76 -6.42 18.54
C ILE H 78 3.79 -6.60 19.69
N ALA H 79 2.98 -7.65 19.60
CA ALA H 79 2.02 -8.00 20.65
C ALA H 79 2.06 -9.51 20.88
N TYR H 80 1.89 -9.91 22.14
CA TYR H 80 2.02 -11.31 22.54
C TYR H 80 0.73 -11.83 23.12
N LEU H 81 0.57 -13.16 23.03
CA LEU H 81 -0.47 -13.89 23.75
C LEU H 81 0.18 -15.11 24.37
N GLN H 82 0.27 -15.14 25.70
CA GLN H 82 0.84 -16.24 26.43
C GLN H 82 -0.29 -17.11 26.97
N MET H 83 -0.29 -18.40 26.62
CA MET H 83 -1.36 -19.32 26.96
C MET H 83 -0.84 -20.41 27.87
N LYS H 84 -1.55 -20.67 28.96
CA LYS H 84 -1.23 -21.76 29.88
C LYS H 84 -2.43 -22.70 30.02
N ASN H 85 -2.15 -23.91 30.48
CA ASN H 85 -3.20 -24.90 30.77
C ASN H 85 -4.09 -25.14 29.55
N LEU H 86 -3.46 -25.24 28.38
CA LEU H 86 -4.22 -25.45 27.16
C LEU H 86 -5.01 -26.75 27.21
N ARG H 87 -6.27 -26.68 26.83
CA ARG H 87 -7.13 -27.84 26.66
C ARG H 87 -7.16 -28.22 25.18
N VAL H 88 -7.97 -29.21 24.84
CA VAL H 88 -8.17 -29.53 23.42
C VAL H 88 -9.19 -28.59 22.81
N ASP H 89 -10.13 -28.07 23.60
CA ASP H 89 -11.07 -27.06 23.10
C ASP H 89 -10.33 -25.92 22.42
N ASP H 90 -9.15 -25.57 22.93
CA ASP H 90 -8.43 -24.39 22.48
C ASP H 90 -7.81 -24.55 21.09
N THR H 91 -7.95 -25.71 20.45
CA THR H 91 -7.48 -25.84 19.07
C THR H 91 -8.29 -24.93 18.16
N ALA H 92 -7.59 -24.15 17.34
CA ALA H 92 -8.24 -23.27 16.38
C ALA H 92 -7.22 -22.51 15.56
N LEU H 93 -7.69 -21.64 14.68
CA LEU H 93 -6.84 -20.71 13.95
C LEU H 93 -6.86 -19.37 14.68
N TYR H 94 -5.69 -18.86 15.03
CA TYR H 94 -5.58 -17.68 15.89
C TYR H 94 -5.23 -16.45 15.07
N TYR H 95 -6.21 -15.56 14.92
CA TYR H 95 -6.01 -14.29 14.24
C TYR H 95 -5.52 -13.23 15.22
N CYS H 96 -4.77 -12.27 14.68
CA CYS H 96 -4.41 -11.04 15.38
C CYS H 96 -4.90 -9.88 14.54
N ALA H 97 -5.61 -8.95 15.16
CA ALA H 97 -6.34 -7.93 14.41
C ALA H 97 -6.22 -6.58 15.09
N ARG H 98 -6.27 -5.53 14.28
CA ARG H 98 -6.08 -4.16 14.74
C ARG H 98 -7.40 -3.56 15.20
N GLY H 99 -7.36 -2.83 16.31
CA GLY H 99 -8.55 -2.20 16.85
C GLY H 99 -8.80 -0.83 16.26
N THR H 100 -9.23 0.11 17.10
CA THR H 100 -9.42 1.49 16.70
C THR H 100 -8.17 2.30 17.04
N ASP H 101 -8.09 3.49 16.46
CA ASP H 101 -7.08 4.47 16.87
C ASP H 101 -7.66 5.55 17.75
N TYR H 102 -8.89 5.37 18.25
CA TYR H 102 -9.56 6.35 19.08
C TYR H 102 -10.31 5.61 20.18
N THR H 103 -10.80 6.38 21.16
CA THR H 103 -11.62 5.83 22.22
C THR H 103 -12.65 6.85 22.67
N ILE H 104 -13.63 6.39 23.43
CA ILE H 104 -14.69 7.24 23.96
C ILE H 104 -15.06 6.71 25.34
N ASP H 105 -15.15 7.60 26.32
CA ASP H 105 -15.52 7.21 27.68
C ASP H 105 -17.01 7.41 27.92
N ASP H 106 -17.45 7.01 29.10
CA ASP H 106 -18.88 7.01 29.41
C ASP H 106 -19.52 8.38 29.30
N GLN H 107 -18.74 9.46 29.19
CA GLN H 107 -19.28 10.79 29.06
C GLN H 107 -19.24 11.31 27.62
N GLY H 108 -18.89 10.46 26.67
CA GLY H 108 -19.02 10.80 25.26
C GLY H 108 -18.00 11.75 24.71
N ILE H 109 -16.77 11.74 25.23
CA ILE H 109 -15.73 12.63 24.75
C ILE H 109 -14.69 11.80 24.00
N PHE H 110 -14.12 12.41 22.96
CA PHE H 110 -13.33 11.71 21.96
C PHE H 110 -11.85 11.90 22.24
N TYR H 111 -11.12 10.79 22.39
CA TYR H 111 -9.67 10.81 22.58
C TYR H 111 -9.01 10.19 21.35
N LYS H 112 -8.46 11.04 20.49
CA LYS H 112 -7.65 10.55 19.37
C LYS H 112 -6.35 9.95 19.88
N GLY H 113 -5.79 9.03 19.09
CA GLY H 113 -4.49 8.44 19.39
C GLY H 113 -4.45 7.48 20.56
N SER H 114 -5.60 7.14 21.14
CA SER H 114 -5.67 6.24 22.30
C SER H 114 -6.60 5.08 21.93
N GLY H 115 -6.14 4.26 20.98
CA GLY H 115 -7.01 3.23 20.43
C GLY H 115 -7.44 2.22 21.47
N THR H 116 -8.65 1.69 21.28
CA THR H 116 -9.19 0.59 22.07
C THR H 116 -9.53 -0.56 21.13
N PHE H 117 -10.21 -1.57 21.65
CA PHE H 117 -10.40 -2.83 20.92
C PHE H 117 -11.87 -3.13 20.70
N TRP H 118 -12.58 -2.25 19.99
CA TRP H 118 -14.01 -2.43 19.70
C TRP H 118 -14.21 -3.26 18.44
N TYR H 119 -14.00 -2.65 17.29
CA TYR H 119 -14.13 -3.32 16.00
C TYR H 119 -12.77 -3.35 15.33
N PHE H 120 -12.61 -4.27 14.39
CA PHE H 120 -11.31 -4.61 13.83
C PHE H 120 -11.33 -4.51 12.33
N ASP H 121 -10.47 -3.63 11.78
CA ASP H 121 -10.39 -3.38 10.34
C ASP H 121 -9.27 -4.15 9.65
N LEU H 122 -8.13 -4.33 10.30
CA LEU H 122 -6.98 -5.03 9.70
C LEU H 122 -6.79 -6.37 10.42
N TRP H 123 -6.81 -7.44 9.65
CA TRP H 123 -6.65 -8.79 10.18
C TRP H 123 -5.34 -9.41 9.71
N GLY H 124 -4.70 -10.15 10.62
CA GLY H 124 -3.59 -11.00 10.24
C GLY H 124 -4.06 -12.18 9.41
N ARG H 125 -3.08 -12.97 8.97
CA ARG H 125 -3.38 -14.17 8.18
C ARG H 125 -3.95 -15.28 9.03
N GLY H 126 -3.47 -15.41 10.27
CA GLY H 126 -3.88 -16.48 11.15
C GLY H 126 -2.82 -17.55 11.28
N THR H 127 -2.39 -17.85 12.51
CA THR H 127 -1.53 -18.98 12.78
C THR H 127 -2.34 -20.07 13.46
N LEU H 128 -2.09 -21.32 13.06
CA LEU H 128 -2.83 -22.46 13.59
C LEU H 128 -2.17 -22.96 14.87
N VAL H 129 -3.00 -23.28 15.85
CA VAL H 129 -2.55 -23.89 17.10
C VAL H 129 -3.32 -25.19 17.27
N THR H 130 -2.61 -26.31 17.20
CA THR H 130 -3.20 -27.63 17.40
C THR H 130 -2.78 -28.15 18.77
N VAL H 131 -3.75 -28.48 19.61
CA VAL H 131 -3.49 -29.07 20.91
C VAL H 131 -3.86 -30.55 20.80
N SER H 132 -2.86 -31.41 20.86
CA SER H 132 -3.10 -32.84 20.73
C SER H 132 -1.93 -33.61 21.34
N SER H 133 -2.24 -34.78 21.87
CA SER H 133 -1.22 -35.73 22.26
C SER H 133 -0.71 -36.54 21.07
N ALA H 134 -1.31 -36.36 19.90
CA ALA H 134 -0.95 -37.15 18.73
C ALA H 134 0.48 -36.86 18.29
N SER H 135 1.17 -37.89 17.85
CA SER H 135 2.53 -37.78 17.35
C SER H 135 2.52 -37.66 15.84
N THR H 136 3.37 -36.76 15.32
CA THR H 136 3.48 -36.52 13.89
C THR H 136 3.54 -37.83 13.12
N LYS H 137 2.59 -38.04 12.22
CA LYS H 137 2.53 -39.24 11.40
C LYS H 137 2.12 -38.90 9.99
N GLY H 138 2.80 -39.51 9.01
CA GLY H 138 2.41 -39.41 7.62
C GLY H 138 1.18 -40.24 7.32
N PRO H 139 0.54 -39.99 6.18
CA PRO H 139 -0.70 -40.68 5.86
C PRO H 139 -0.52 -42.01 5.16
N SER H 140 -1.50 -42.89 5.36
CA SER H 140 -1.66 -44.10 4.56
C SER H 140 -2.67 -43.81 3.46
N VAL H 141 -2.26 -44.05 2.21
CA VAL H 141 -3.09 -43.78 1.04
C VAL H 141 -3.68 -45.09 0.55
N PHE H 142 -5.00 -45.12 0.38
CA PHE H 142 -5.69 -46.31 -0.10
C PHE H 142 -6.56 -45.94 -1.29
N PRO H 143 -6.58 -46.76 -2.33
CA PRO H 143 -7.40 -46.44 -3.51
C PRO H 143 -8.86 -46.77 -3.29
N LEU H 144 -9.73 -45.93 -3.84
CA LEU H 144 -11.17 -46.17 -3.88
C LEU H 144 -11.51 -46.54 -5.32
N ALA H 145 -11.64 -47.88 -5.59
CA ALA H 145 -11.75 -48.39 -6.95
C ALA H 145 -13.20 -48.42 -7.42
N PRO H 146 -13.46 -48.11 -8.68
CA PRO H 146 -14.82 -48.11 -9.19
C PRO H 146 -15.33 -49.49 -9.59
N SER H 147 -16.65 -49.58 -9.76
CA SER H 147 -17.31 -50.79 -10.24
C SER H 147 -17.58 -50.68 -11.73
N SER H 152 -19.06 -47.20 -14.28
CA SER H 152 -20.36 -47.86 -14.20
C SER H 152 -21.44 -47.03 -14.90
N GLY H 153 -22.01 -47.58 -15.96
CA GLY H 153 -23.04 -46.89 -16.72
C GLY H 153 -22.46 -46.00 -17.80
N GLY H 154 -22.42 -44.69 -17.54
CA GLY H 154 -21.81 -43.74 -18.45
C GLY H 154 -20.69 -42.96 -17.80
N THR H 155 -20.88 -42.61 -16.54
CA THR H 155 -19.89 -41.92 -15.72
C THR H 155 -19.41 -42.84 -14.61
N ALA H 156 -18.16 -42.64 -14.20
CA ALA H 156 -17.55 -43.44 -13.15
C ALA H 156 -16.93 -42.51 -12.11
N ALA H 157 -16.65 -43.06 -10.94
CA ALA H 157 -16.11 -42.29 -9.82
C ALA H 157 -15.03 -43.09 -9.12
N LEU H 158 -13.93 -42.41 -8.79
CA LEU H 158 -12.79 -43.04 -8.14
C LEU H 158 -12.08 -41.98 -7.31
N GLY H 159 -11.20 -42.42 -6.42
CA GLY H 159 -10.52 -41.47 -5.57
C GLY H 159 -9.47 -42.12 -4.68
N CYS H 160 -8.97 -41.32 -3.74
CA CYS H 160 -7.95 -41.74 -2.79
C CYS H 160 -8.43 -41.49 -1.37
N LEU H 161 -7.99 -42.34 -0.45
CA LEU H 161 -8.30 -42.22 0.97
C LEU H 161 -7.03 -41.85 1.71
N VAL H 162 -6.92 -40.59 2.14
CA VAL H 162 -5.81 -40.13 2.96
C VAL H 162 -6.22 -40.36 4.41
N LYS H 163 -5.75 -41.45 5.01
CA LYS H 163 -6.17 -41.86 6.33
C LYS H 163 -5.01 -41.85 7.32
N ASP H 164 -5.33 -41.54 8.57
CA ASP H 164 -4.38 -41.62 9.69
C ASP H 164 -3.12 -40.81 9.43
N TYR H 165 -3.19 -39.49 9.66
CA TYR H 165 -2.02 -38.63 9.60
C TYR H 165 -2.17 -37.54 10.63
N PHE H 166 -1.04 -36.92 11.00
CA PHE H 166 -1.05 -35.84 11.97
C PHE H 166 0.24 -35.02 11.91
N PRO H 167 0.13 -33.69 12.05
CA PRO H 167 -1.08 -32.87 12.12
C PRO H 167 -1.50 -32.42 10.73
N GLU H 168 -2.53 -31.60 10.63
CA GLU H 168 -2.85 -30.94 9.37
C GLU H 168 -1.64 -30.15 8.90
N PRO H 169 -1.63 -29.73 7.63
CA PRO H 169 -2.59 -30.07 6.58
C PRO H 169 -2.04 -31.12 5.62
N VAL H 170 -2.84 -31.48 4.64
CA VAL H 170 -2.41 -32.36 3.56
C VAL H 170 -2.86 -31.73 2.25
N THR H 171 -2.07 -31.93 1.21
CA THR H 171 -2.36 -31.41 -0.12
C THR H 171 -2.39 -32.58 -1.09
N VAL H 172 -3.46 -32.67 -1.87
CA VAL H 172 -3.67 -33.75 -2.82
C VAL H 172 -3.85 -33.16 -4.21
N SER H 173 -3.33 -33.87 -5.22
CA SER H 173 -3.50 -33.49 -6.61
C SER H 173 -3.77 -34.75 -7.42
N TRP H 174 -4.03 -34.57 -8.71
CA TRP H 174 -4.39 -35.69 -9.57
C TRP H 174 -3.64 -35.57 -10.90
N ASN H 175 -2.79 -36.56 -11.18
CA ASN H 175 -2.03 -36.63 -12.44
C ASN H 175 -1.02 -35.50 -12.56
N SER H 176 -0.45 -35.07 -11.44
CA SER H 176 0.58 -34.04 -11.40
C SER H 176 0.04 -32.68 -11.82
N GLY H 177 -1.22 -32.41 -11.49
CA GLY H 177 -1.83 -31.12 -11.73
C GLY H 177 -2.64 -31.03 -13.01
N ALA H 178 -2.56 -32.03 -13.89
CA ALA H 178 -3.27 -31.97 -15.16
C ALA H 178 -4.78 -32.08 -14.97
N LEU H 179 -5.22 -32.85 -13.98
CA LEU H 179 -6.65 -33.03 -13.71
C LEU H 179 -7.13 -31.92 -12.80
N THR H 180 -8.08 -31.12 -13.29
CA THR H 180 -8.64 -29.98 -12.57
C THR H 180 -10.14 -30.10 -12.37
N SER H 181 -10.87 -30.56 -13.37
CA SER H 181 -12.32 -30.65 -13.30
C SER H 181 -12.75 -31.94 -12.63
N GLY H 182 -13.87 -31.87 -11.92
CA GLY H 182 -14.46 -33.04 -11.30
C GLY H 182 -13.80 -33.48 -10.01
N VAL H 183 -12.68 -32.88 -9.62
CA VAL H 183 -11.99 -33.27 -8.40
C VAL H 183 -12.71 -32.66 -7.20
N HIS H 184 -12.86 -33.46 -6.15
CA HIS H 184 -13.43 -32.99 -4.90
C HIS H 184 -12.61 -33.59 -3.76
N THR H 185 -12.02 -32.74 -2.93
CA THR H 185 -11.26 -33.16 -1.77
C THR H 185 -11.97 -32.70 -0.52
N PHE H 186 -12.37 -33.60 0.28
CA PHE H 186 -13.26 -33.22 1.35
C PHE H 186 -12.46 -32.72 2.55
N PRO H 187 -13.03 -31.80 3.33
CA PRO H 187 -12.37 -31.36 4.56
C PRO H 187 -12.00 -32.55 5.43
N ALA H 188 -10.87 -32.44 6.12
CA ALA H 188 -10.43 -33.52 6.99
C ALA H 188 -11.37 -33.63 8.20
N VAL H 189 -11.35 -34.81 8.81
CA VAL H 189 -12.08 -35.06 10.05
C VAL H 189 -11.09 -35.62 11.06
N LEU H 190 -11.42 -35.45 12.34
CA LEU H 190 -10.55 -35.86 13.43
C LEU H 190 -11.11 -37.13 14.04
N GLN H 191 -10.42 -38.24 13.84
CA GLN H 191 -10.88 -39.54 14.28
C GLN H 191 -10.69 -39.70 15.80
N SER H 192 -11.38 -40.69 16.35
CA SER H 192 -11.25 -40.95 17.78
C SER H 192 -9.82 -41.27 18.18
N SER H 193 -8.99 -41.72 17.25
CA SER H 193 -7.59 -41.97 17.52
C SER H 193 -6.76 -40.69 17.59
N GLY H 194 -7.38 -39.53 17.40
CA GLY H 194 -6.65 -38.27 17.40
C GLY H 194 -5.95 -37.93 16.11
N LEU H 195 -6.01 -38.81 15.11
CA LEU H 195 -5.41 -38.56 13.80
C LEU H 195 -6.47 -38.13 12.79
N TYR H 196 -6.02 -37.44 11.76
CA TYR H 196 -6.92 -36.87 10.77
C TYR H 196 -7.12 -37.83 9.60
N SER H 197 -8.16 -37.57 8.82
CA SER H 197 -8.49 -38.41 7.68
C SER H 197 -9.40 -37.62 6.74
N LEU H 198 -9.05 -37.61 5.46
CA LEU H 198 -9.89 -37.00 4.44
C LEU H 198 -9.89 -37.90 3.21
N SER H 199 -10.80 -37.61 2.29
CA SER H 199 -10.90 -38.36 1.05
C SER H 199 -10.90 -37.39 -0.12
N SER H 200 -10.37 -37.85 -1.24
CA SER H 200 -10.36 -37.08 -2.48
C SER H 200 -10.93 -37.94 -3.60
N VAL H 201 -11.82 -37.34 -4.40
CA VAL H 201 -12.51 -38.07 -5.45
C VAL H 201 -12.49 -37.25 -6.73
N VAL H 202 -12.64 -37.93 -7.86
CA VAL H 202 -12.60 -37.31 -9.17
C VAL H 202 -13.62 -38.00 -10.07
N THR H 203 -14.27 -37.21 -10.92
CA THR H 203 -15.25 -37.73 -11.88
C THR H 203 -14.54 -38.04 -13.19
N VAL H 204 -14.89 -39.19 -13.78
CA VAL H 204 -14.14 -39.72 -14.92
C VAL H 204 -15.12 -40.43 -15.86
N PRO H 205 -14.93 -40.35 -17.17
CA PRO H 205 -15.78 -41.13 -18.08
C PRO H 205 -15.51 -42.62 -17.97
N SER H 206 -16.58 -43.41 -18.13
CA SER H 206 -16.47 -44.86 -18.02
C SER H 206 -15.62 -45.46 -19.13
N SER H 207 -15.41 -44.74 -20.23
CA SER H 207 -14.69 -45.30 -21.36
C SER H 207 -13.18 -45.29 -21.15
N SER H 208 -12.66 -44.22 -20.54
CA SER H 208 -11.21 -44.05 -20.39
C SER H 208 -10.63 -44.84 -19.23
N LEU H 209 -11.45 -45.58 -18.48
CA LEU H 209 -10.93 -46.37 -17.36
C LEU H 209 -9.74 -47.22 -17.80
N GLY H 210 -9.93 -48.03 -18.85
CA GLY H 210 -8.84 -48.85 -19.34
C GLY H 210 -7.79 -48.05 -20.09
N THR H 211 -8.21 -46.98 -20.77
CA THR H 211 -7.26 -46.18 -21.56
C THR H 211 -6.38 -45.32 -20.67
N GLN H 212 -6.98 -44.55 -19.77
CA GLN H 212 -6.31 -43.44 -19.12
C GLN H 212 -5.81 -43.81 -17.74
N THR H 213 -4.71 -43.18 -17.35
CA THR H 213 -4.06 -43.39 -16.06
C THR H 213 -4.49 -42.31 -15.08
N TYR H 214 -4.85 -42.72 -13.87
CA TYR H 214 -5.28 -41.80 -12.82
C TYR H 214 -4.42 -42.02 -11.58
N ILE H 215 -3.59 -41.03 -11.27
CA ILE H 215 -2.71 -41.05 -10.11
C ILE H 215 -3.14 -39.92 -9.19
N CYS H 216 -3.28 -40.22 -7.89
CA CYS H 216 -3.48 -39.18 -6.88
C CYS H 216 -2.17 -38.95 -6.16
N ASN H 217 -1.82 -37.68 -5.97
CA ASN H 217 -0.55 -37.29 -5.36
C ASN H 217 -0.85 -36.68 -4.00
N VAL H 218 -0.58 -37.45 -2.94
CA VAL H 218 -0.76 -36.99 -1.57
C VAL H 218 0.59 -36.57 -1.02
N ASN H 219 0.64 -35.37 -0.45
CA ASN H 219 1.86 -34.84 0.13
C ASN H 219 1.57 -34.30 1.53
N HIS H 220 2.36 -34.74 2.50
CA HIS H 220 2.22 -34.35 3.90
C HIS H 220 3.58 -33.89 4.40
N LYS H 221 3.81 -32.58 4.41
CA LYS H 221 5.12 -32.05 4.79
C LYS H 221 5.52 -32.40 6.21
N PRO H 222 4.67 -32.19 7.24
CA PRO H 222 5.10 -32.43 8.62
C PRO H 222 5.82 -33.74 8.89
N SER H 223 5.69 -34.72 7.98
CA SER H 223 6.42 -35.97 8.09
C SER H 223 7.34 -36.23 6.90
N ASN H 224 7.44 -35.28 5.96
CA ASN H 224 8.24 -35.46 4.76
C ASN H 224 7.82 -36.72 4.00
N THR H 225 6.52 -36.97 3.98
CA THR H 225 5.93 -38.07 3.21
C THR H 225 5.37 -37.52 1.91
N LYS H 226 5.70 -38.18 0.81
CA LYS H 226 5.14 -37.89 -0.50
C LYS H 226 4.83 -39.23 -1.15
N VAL H 227 3.60 -39.39 -1.63
CA VAL H 227 3.15 -40.67 -2.18
C VAL H 227 2.24 -40.41 -3.36
N ASP H 228 2.41 -41.23 -4.42
CA ASP H 228 1.67 -41.10 -5.68
C ASP H 228 1.01 -42.45 -5.96
N LYS H 229 -0.11 -42.71 -5.30
CA LYS H 229 -0.82 -43.98 -5.47
C LYS H 229 -1.63 -43.96 -6.76
N ARG H 230 -1.60 -45.08 -7.47
CA ARG H 230 -2.43 -45.27 -8.65
C ARG H 230 -3.76 -45.92 -8.26
N VAL H 231 -4.81 -45.56 -9.00
CA VAL H 231 -6.15 -46.08 -8.76
C VAL H 231 -6.61 -46.79 -10.02
N GLU H 232 -7.03 -48.03 -9.87
CA GLU H 232 -7.49 -48.86 -10.98
C GLU H 232 -8.68 -49.68 -10.52
N PRO H 233 -9.55 -50.11 -11.45
CA PRO H 233 -10.70 -50.95 -11.08
C PRO H 233 -10.33 -52.28 -10.44
N GLU I 1 -21.48 -13.49 28.47
CA GLU I 1 -22.50 -12.62 29.12
C GLU I 1 -23.60 -12.25 28.12
N ILE I 2 -23.23 -11.55 27.05
CA ILE I 2 -24.13 -11.20 25.97
C ILE I 2 -23.82 -12.13 24.80
N VAL I 3 -24.76 -13.01 24.45
CA VAL I 3 -24.60 -13.89 23.30
C VAL I 3 -25.47 -13.36 22.15
N LEU I 4 -24.94 -13.46 20.95
CA LEU I 4 -25.63 -13.00 19.75
C LEU I 4 -26.10 -14.21 18.95
N THR I 5 -27.31 -14.10 18.40
CA THR I 5 -27.96 -15.19 17.68
C THR I 5 -28.43 -14.67 16.35
N GLN I 6 -27.81 -15.15 15.27
CA GLN I 6 -28.14 -14.70 13.92
C GLN I 6 -29.19 -15.58 13.27
N SER I 7 -29.91 -14.98 12.32
CA SER I 7 -30.96 -15.68 11.58
C SER I 7 -31.11 -15.06 10.19
N PRO I 8 -31.33 -15.89 9.16
CA PRO I 8 -31.34 -17.36 9.22
C PRO I 8 -29.92 -17.89 9.28
N ALA I 9 -29.74 -19.17 9.59
CA ALA I 9 -28.40 -19.73 9.56
C ALA I 9 -27.85 -19.81 8.15
N THR I 10 -28.73 -19.81 7.15
CA THR I 10 -28.32 -19.84 5.75
C THR I 10 -29.36 -19.07 4.95
N LEU I 11 -28.89 -18.30 3.98
CA LEU I 11 -29.75 -17.46 3.16
C LEU I 11 -29.40 -17.74 1.71
N SER I 12 -30.28 -18.45 1.01
CA SER I 12 -30.01 -18.91 -0.35
C SER I 12 -30.61 -17.92 -1.33
N LEU I 13 -29.74 -17.11 -1.95
CA LEU I 13 -30.15 -16.01 -2.80
C LEU I 13 -29.65 -16.21 -4.22
N SER I 14 -30.39 -15.62 -5.17
CA SER I 14 -29.93 -15.48 -6.54
C SER I 14 -29.32 -14.10 -6.74
N PRO I 15 -28.32 -13.95 -7.61
CA PRO I 15 -27.67 -12.64 -7.76
C PRO I 15 -28.67 -11.54 -8.09
N GLY I 16 -28.43 -10.36 -7.50
CA GLY I 16 -29.27 -9.21 -7.72
C GLY I 16 -30.44 -9.07 -6.77
N GLU I 17 -30.62 -10.02 -5.85
CA GLU I 17 -31.72 -9.99 -4.91
C GLU I 17 -31.32 -9.26 -3.64
N ARG I 18 -32.32 -8.80 -2.89
CA ARG I 18 -32.09 -8.19 -1.59
C ARG I 18 -31.79 -9.25 -0.56
N ALA I 19 -30.89 -8.92 0.37
CA ALA I 19 -30.59 -9.78 1.51
C ALA I 19 -30.86 -9.01 2.79
N THR I 20 -31.35 -9.71 3.80
CA THR I 20 -31.57 -9.13 5.12
C THR I 20 -31.20 -10.17 6.16
N LEU I 21 -30.19 -9.88 6.96
CA LEU I 21 -29.73 -10.76 8.02
C LEU I 21 -30.11 -10.18 9.37
N SER I 22 -30.67 -11.00 10.24
CA SER I 22 -31.00 -10.59 11.59
C SER I 22 -29.96 -11.11 12.57
N CYS I 23 -29.83 -10.40 13.69
CA CYS I 23 -28.92 -10.78 14.76
C CYS I 23 -29.56 -10.31 16.06
N ARG I 24 -30.03 -11.26 16.88
CA ARG I 24 -30.76 -10.95 18.10
C ARG I 24 -29.85 -11.10 19.31
N ALA I 25 -29.88 -10.12 20.20
CA ALA I 25 -29.03 -10.10 21.37
C ALA I 25 -29.80 -10.58 22.60
N SER I 26 -29.08 -11.27 23.50
CA SER I 26 -29.68 -11.70 24.75
C SER I 26 -29.95 -10.50 25.67
N GLN I 27 -29.14 -9.45 25.57
CA GLN I 27 -29.32 -8.23 26.34
C GLN I 27 -29.36 -7.04 25.39
N SER I 28 -29.95 -5.95 25.86
CA SER I 28 -29.95 -4.71 25.11
C SER I 28 -28.52 -4.26 24.83
N VAL I 29 -28.28 -3.78 23.61
CA VAL I 29 -27.00 -3.22 23.22
C VAL I 29 -27.23 -1.85 22.61
N HIS I 30 -26.42 -0.88 22.99
CA HIS I 30 -26.48 0.46 22.44
C HIS I 30 -26.42 0.39 20.91
N PRO I 31 -27.26 1.14 20.19
CA PRO I 31 -27.28 1.00 18.73
C PRO I 31 -25.98 1.36 18.04
N LYS I 32 -25.12 2.16 18.66
CA LYS I 32 -23.88 2.60 18.06
C LYS I 32 -22.67 1.78 18.54
N TYR I 33 -22.90 0.60 19.09
CA TYR I 33 -21.83 -0.27 19.57
C TYR I 33 -21.96 -1.65 18.95
N PHE I 34 -22.00 -1.69 17.61
CA PHE I 34 -22.25 -2.92 16.87
C PHE I 34 -21.38 -2.93 15.62
N ALA I 35 -21.10 -4.12 15.12
CA ALA I 35 -20.24 -4.25 13.94
C ALA I 35 -20.57 -5.56 13.22
N TRP I 36 -20.43 -5.54 11.90
CA TRP I 36 -20.60 -6.71 11.06
C TRP I 36 -19.30 -6.99 10.31
N TYR I 37 -19.13 -8.25 9.93
CA TYR I 37 -17.95 -8.67 9.16
C TYR I 37 -18.38 -9.59 8.04
N GLN I 38 -17.54 -9.66 7.02
CA GLN I 38 -17.66 -10.60 5.93
C GLN I 38 -16.43 -11.51 5.91
N GLN I 39 -16.64 -12.76 5.54
CA GLN I 39 -15.53 -13.70 5.43
C GLN I 39 -15.84 -14.71 4.34
N LYS I 40 -14.87 -14.95 3.47
CA LYS I 40 -14.95 -15.99 2.45
C LYS I 40 -14.01 -17.13 2.80
N PRO I 41 -14.28 -18.34 2.30
CA PRO I 41 -13.49 -19.50 2.73
C PRO I 41 -12.01 -19.31 2.42
N GLY I 42 -11.17 -19.53 3.43
CA GLY I 42 -9.74 -19.41 3.29
C GLY I 42 -9.18 -18.02 3.48
N GLN I 43 -10.02 -17.04 3.80
CA GLN I 43 -9.59 -15.66 3.99
C GLN I 43 -9.88 -15.20 5.41
N SER I 44 -9.26 -14.09 5.79
CA SER I 44 -9.57 -13.47 7.06
C SER I 44 -10.82 -12.62 6.95
N PRO I 45 -11.47 -12.32 8.08
CA PRO I 45 -12.69 -11.49 8.02
C PRO I 45 -12.40 -10.11 7.45
N ARG I 46 -13.46 -9.45 6.99
CA ARG I 46 -13.38 -8.11 6.43
C ARG I 46 -14.44 -7.24 7.09
N LEU I 47 -14.01 -6.17 7.75
CA LEU I 47 -14.93 -5.27 8.42
C LEU I 47 -15.86 -4.60 7.42
N LEU I 48 -17.17 -4.68 7.69
CA LEU I 48 -18.19 -4.07 6.83
C LEU I 48 -18.82 -2.86 7.51
N ILE I 49 -19.42 -3.05 8.68
CA ILE I 49 -20.12 -2.01 9.41
C ILE I 49 -19.46 -1.86 10.77
N TYR I 50 -19.36 -0.62 11.24
CA TYR I 50 -19.04 -0.36 12.64
C TYR I 50 -19.90 0.79 13.12
N SER I 51 -20.03 0.90 14.43
CA SER I 51 -20.84 1.95 15.06
C SER I 51 -22.30 1.82 14.62
N GLY I 52 -22.76 0.58 14.53
CA GLY I 52 -24.15 0.30 14.18
C GLY I 52 -24.53 0.36 12.72
N SER I 53 -24.10 1.41 12.02
CA SER I 53 -24.63 1.68 10.69
C SER I 53 -23.62 2.36 9.77
N THR I 54 -22.47 2.76 10.30
CA THR I 54 -21.45 3.41 9.49
C THR I 54 -20.73 2.38 8.63
N ARG I 55 -20.64 2.65 7.33
CA ARG I 55 -19.91 1.77 6.43
C ARG I 55 -18.41 2.01 6.56
N ALA I 56 -17.64 0.94 6.36
CA ALA I 56 -16.19 1.04 6.40
C ALA I 56 -15.65 1.52 5.06
N ALA I 57 -14.38 1.88 5.05
CA ALA I 57 -13.76 2.39 3.84
C ALA I 57 -13.66 1.28 2.80
N GLY I 58 -14.13 1.58 1.59
CA GLY I 58 -14.14 0.60 0.52
C GLY I 58 -15.36 -0.30 0.47
N ILE I 59 -16.39 0.00 1.25
CA ILE I 59 -17.62 -0.78 1.27
C ILE I 59 -18.70 0.08 0.60
N ALA I 60 -19.16 -0.37 -0.56
CA ALA I 60 -20.23 0.33 -1.26
C ALA I 60 -21.47 0.41 -0.38
N ASP I 61 -22.39 1.29 -0.77
CA ASP I 61 -23.63 1.47 -0.01
C ASP I 61 -24.68 0.41 -0.33
N ARG I 62 -24.32 -0.67 -1.00
CA ARG I 62 -25.19 -1.85 -1.01
C ARG I 62 -25.42 -2.33 0.42
N PHE I 63 -24.36 -2.35 1.22
CA PHE I 63 -24.44 -2.76 2.61
C PHE I 63 -24.96 -1.62 3.46
N SER I 64 -25.81 -1.95 4.42
CA SER I 64 -26.34 -0.97 5.36
C SER I 64 -26.65 -1.70 6.65
N GLY I 65 -26.14 -1.16 7.76
CA GLY I 65 -26.37 -1.75 9.06
C GLY I 65 -27.35 -0.94 9.88
N GLY I 66 -27.93 -1.54 10.91
CA GLY I 66 -28.92 -0.84 11.69
C GLY I 66 -29.42 -1.71 12.81
N GLY I 67 -30.30 -1.11 13.61
CA GLY I 67 -30.86 -1.80 14.75
C GLY I 67 -30.63 -1.05 16.05
N SER I 68 -31.40 -1.39 17.07
CA SER I 68 -31.23 -0.79 18.38
C SER I 68 -31.66 -1.80 19.44
N GLY I 69 -31.11 -1.66 20.63
CA GLY I 69 -31.47 -2.55 21.72
C GLY I 69 -31.21 -4.01 21.44
N ILE I 70 -32.21 -4.74 20.96
CA ILE I 70 -32.14 -6.20 20.90
C ILE I 70 -32.13 -6.74 19.47
N HIS I 71 -32.62 -5.99 18.49
CA HIS I 71 -32.66 -6.44 17.10
C HIS I 71 -31.72 -5.59 16.26
N PHE I 72 -30.70 -6.24 15.68
CA PHE I 72 -29.81 -5.61 14.71
C PHE I 72 -29.95 -6.32 13.38
N THR I 73 -29.63 -5.60 12.31
CA THR I 73 -29.98 -6.05 10.97
C THR I 73 -28.96 -5.54 9.97
N LEU I 74 -28.59 -6.40 9.02
CA LEU I 74 -27.69 -6.07 7.93
C LEU I 74 -28.40 -6.32 6.61
N THR I 75 -28.45 -5.29 5.76
CA THR I 75 -29.20 -5.34 4.51
C THR I 75 -28.23 -5.17 3.34
N ILE I 76 -28.29 -6.10 2.39
CA ILE I 76 -27.57 -5.98 1.12
C ILE I 76 -28.62 -5.72 0.06
N THR I 77 -28.62 -4.50 -0.50
CA THR I 77 -29.72 -4.07 -1.34
C THR I 77 -29.72 -4.78 -2.69
N ARG I 78 -28.56 -5.25 -3.15
CA ARG I 78 -28.47 -5.96 -4.42
C ARG I 78 -27.22 -6.85 -4.35
N VAL I 79 -27.43 -8.14 -4.04
CA VAL I 79 -26.31 -9.04 -3.82
C VAL I 79 -25.50 -9.18 -5.09
N GLU I 80 -24.17 -8.97 -4.98
CA GLU I 80 -23.26 -9.19 -6.09
C GLU I 80 -22.62 -10.56 -5.99
N PRO I 81 -22.18 -11.15 -7.10
CA PRO I 81 -21.51 -12.46 -7.02
C PRO I 81 -20.41 -12.52 -5.98
N GLU I 82 -19.66 -11.44 -5.80
CA GLU I 82 -18.61 -11.38 -4.79
C GLU I 82 -19.17 -11.26 -3.38
N ASP I 83 -20.49 -11.17 -3.21
CA ASP I 83 -21.08 -10.98 -1.90
C ASP I 83 -21.57 -12.27 -1.26
N PHE I 84 -21.54 -13.38 -1.98
CA PHE I 84 -21.86 -14.68 -1.39
C PHE I 84 -20.70 -15.10 -0.51
N ALA I 85 -20.88 -14.98 0.80
CA ALA I 85 -19.85 -15.27 1.77
C ALA I 85 -20.52 -15.53 3.11
N VAL I 86 -19.77 -15.44 4.19
CA VAL I 86 -20.30 -15.57 5.55
C VAL I 86 -20.29 -14.20 6.21
N TYR I 87 -21.37 -13.90 6.94
CA TYR I 87 -21.52 -12.60 7.59
C TYR I 87 -21.73 -12.80 9.08
N PHE I 88 -20.86 -12.17 9.88
CA PHE I 88 -20.94 -12.23 11.33
C PHE I 88 -21.41 -10.89 11.87
N CYS I 89 -22.23 -10.92 12.91
CA CYS I 89 -22.44 -9.74 13.73
C CYS I 89 -21.46 -9.76 14.90
N GLN I 90 -21.31 -8.61 15.54
CA GLN I 90 -20.40 -8.48 16.66
C GLN I 90 -20.83 -7.28 17.49
N GLN I 91 -20.86 -7.44 18.81
CA GLN I 91 -21.25 -6.37 19.71
C GLN I 91 -20.06 -5.96 20.56
N TYR I 92 -19.94 -4.65 20.81
CA TYR I 92 -18.95 -4.14 21.73
C TYR I 92 -19.57 -3.13 22.69
N GLY I 93 -20.86 -3.31 22.99
CA GLY I 93 -21.51 -2.53 24.02
C GLY I 93 -21.17 -2.97 25.43
N GLY I 94 -20.67 -4.20 25.60
CA GLY I 94 -20.25 -4.68 26.90
C GLY I 94 -19.31 -5.86 26.84
N SER I 95 -18.29 -5.86 27.69
CA SER I 95 -17.32 -6.94 27.69
C SER I 95 -17.83 -8.14 28.49
N PRO I 96 -17.44 -9.36 28.12
CA PRO I 96 -16.59 -9.70 26.96
C PRO I 96 -17.32 -9.52 25.62
N TYR I 97 -16.64 -8.92 24.66
CA TYR I 97 -17.23 -8.73 23.35
C TYR I 97 -17.42 -10.09 22.68
N THR I 98 -18.37 -10.16 21.74
CA THR I 98 -18.80 -11.45 21.22
C THR I 98 -19.25 -11.31 19.77
N PHE I 99 -19.22 -12.45 19.07
CA PHE I 99 -19.72 -12.59 17.72
C PHE I 99 -20.93 -13.51 17.70
N GLY I 100 -21.72 -13.42 16.62
CA GLY I 100 -22.69 -14.45 16.33
C GLY I 100 -22.02 -15.67 15.71
N GLN I 101 -22.81 -16.72 15.53
CA GLN I 101 -22.29 -17.92 14.88
C GLN I 101 -22.17 -17.77 13.38
N GLY I 102 -22.70 -16.69 12.82
CA GLY I 102 -22.55 -16.42 11.40
C GLY I 102 -23.76 -16.78 10.57
N THR I 103 -24.03 -15.96 9.57
CA THR I 103 -25.02 -16.26 8.55
C THR I 103 -24.31 -16.52 7.23
N LYS I 104 -24.71 -17.57 6.53
CA LYS I 104 -24.10 -17.97 5.27
C LYS I 104 -25.06 -17.66 4.13
N VAL I 105 -24.64 -16.76 3.25
CA VAL I 105 -25.40 -16.41 2.06
C VAL I 105 -24.87 -17.24 0.90
N GLU I 106 -25.60 -18.28 0.51
CA GLU I 106 -25.18 -19.16 -0.57
C GLU I 106 -25.87 -18.74 -1.87
N LEU I 107 -25.35 -19.27 -2.98
CA LEU I 107 -25.92 -19.03 -4.29
C LEU I 107 -27.03 -20.05 -4.53
N ARG I 108 -28.23 -19.55 -4.81
CA ARG I 108 -29.38 -20.42 -5.03
C ARG I 108 -29.39 -20.92 -6.47
N ARG I 109 -29.75 -22.18 -6.66
CA ARG I 109 -29.77 -22.78 -7.99
C ARG I 109 -30.87 -23.84 -8.03
N THR I 110 -31.16 -24.31 -9.23
CA THR I 110 -32.19 -25.32 -9.40
C THR I 110 -31.79 -26.63 -8.75
N VAL I 111 -32.77 -27.35 -8.22
CA VAL I 111 -32.49 -28.59 -7.49
C VAL I 111 -31.71 -29.54 -8.37
N ALA I 112 -30.74 -30.22 -7.76
CA ALA I 112 -29.85 -31.14 -8.47
C ALA I 112 -29.68 -32.39 -7.62
N ALA I 113 -30.11 -33.53 -8.15
CA ALA I 113 -30.01 -34.77 -7.42
C ALA I 113 -28.55 -35.24 -7.37
N PRO I 114 -28.14 -35.91 -6.29
CA PRO I 114 -26.78 -36.44 -6.23
C PRO I 114 -26.60 -37.64 -7.15
N SER I 115 -25.36 -37.87 -7.53
CA SER I 115 -24.93 -39.09 -8.19
C SER I 115 -24.25 -39.95 -7.12
N VAL I 116 -24.88 -41.06 -6.76
CA VAL I 116 -24.39 -41.85 -5.63
C VAL I 116 -23.39 -42.88 -6.12
N PHE I 117 -22.39 -43.13 -5.28
CA PHE I 117 -21.33 -44.08 -5.56
C PHE I 117 -20.91 -44.72 -4.25
N ILE I 118 -20.49 -45.98 -4.31
CA ILE I 118 -20.00 -46.68 -3.14
C ILE I 118 -18.67 -47.33 -3.49
N PHE I 119 -17.78 -47.39 -2.52
CA PHE I 119 -16.45 -47.94 -2.73
C PHE I 119 -16.16 -49.01 -1.67
N PRO I 120 -15.74 -50.21 -2.06
CA PRO I 120 -15.39 -51.23 -1.08
C PRO I 120 -13.98 -51.03 -0.57
N PRO I 121 -13.66 -51.52 0.62
CA PRO I 121 -12.31 -51.31 1.17
C PRO I 121 -11.23 -51.87 0.26
N SER I 122 -10.04 -51.30 0.40
CA SER I 122 -8.90 -51.71 -0.41
C SER I 122 -8.27 -52.97 0.15
N ASP I 123 -7.65 -53.76 -0.73
CA ASP I 123 -6.91 -54.94 -0.28
C ASP I 123 -5.74 -54.53 0.60
N GLU I 124 -5.02 -53.48 0.22
CA GLU I 124 -3.95 -52.95 1.07
C GLU I 124 -4.47 -52.67 2.48
N GLN I 125 -5.58 -51.95 2.58
CA GLN I 125 -6.10 -51.55 3.88
C GLN I 125 -6.57 -52.74 4.70
N LEU I 126 -7.03 -53.81 4.02
CA LEU I 126 -7.51 -54.99 4.75
C LEU I 126 -6.38 -55.64 5.52
N LYS I 127 -5.18 -55.67 4.96
CA LYS I 127 -4.03 -56.25 5.67
C LYS I 127 -3.77 -55.50 6.97
N SER I 128 -3.78 -54.16 6.93
CA SER I 128 -3.45 -53.37 8.11
C SER I 128 -4.37 -53.65 9.28
N GLY I 129 -5.54 -54.23 9.05
CA GLY I 129 -6.43 -54.64 10.11
C GLY I 129 -7.70 -53.83 10.26
N THR I 130 -7.93 -52.84 9.41
CA THR I 130 -9.14 -52.03 9.46
C THR I 130 -9.71 -51.89 8.06
N ALA I 131 -11.00 -51.57 8.01
CA ALA I 131 -11.72 -51.42 6.74
C ALA I 131 -12.52 -50.13 6.77
N SER I 132 -12.46 -49.38 5.67
CA SER I 132 -13.17 -48.11 5.54
C SER I 132 -13.98 -48.15 4.25
N VAL I 133 -15.30 -48.03 4.39
CA VAL I 133 -16.22 -47.98 3.25
C VAL I 133 -16.74 -46.55 3.14
N VAL I 134 -16.63 -45.96 1.96
CA VAL I 134 -16.97 -44.56 1.75
C VAL I 134 -18.11 -44.48 0.74
N CYS I 135 -19.08 -43.62 1.04
CA CYS I 135 -20.25 -43.40 0.19
C CYS I 135 -20.25 -41.95 -0.27
N LEU I 136 -20.31 -41.74 -1.58
CA LEU I 136 -20.13 -40.44 -2.19
C LEU I 136 -21.44 -39.92 -2.76
N LEU I 137 -21.73 -38.64 -2.48
CA LEU I 137 -22.87 -37.92 -3.05
C LEU I 137 -22.33 -36.74 -3.84
N ASN I 138 -22.25 -36.87 -5.16
CA ASN I 138 -21.58 -35.86 -5.97
C ASN I 138 -22.58 -34.89 -6.59
N ASN I 139 -22.31 -33.59 -6.45
CA ASN I 139 -23.00 -32.54 -7.18
C ASN I 139 -24.51 -32.59 -6.93
N PHE I 140 -24.90 -32.13 -5.74
CA PHE I 140 -26.30 -32.00 -5.38
C PHE I 140 -26.59 -30.63 -4.78
N TYR I 141 -27.76 -30.09 -5.11
CA TYR I 141 -28.28 -28.90 -4.44
C TYR I 141 -29.76 -29.16 -4.12
N PRO I 142 -30.23 -28.70 -2.95
CA PRO I 142 -29.57 -28.02 -1.83
C PRO I 142 -28.72 -28.94 -0.97
N ARG I 143 -28.12 -28.37 0.08
CA ARG I 143 -27.15 -29.12 0.88
C ARG I 143 -27.83 -30.15 1.77
N GLU I 144 -29.06 -29.89 2.21
CA GLU I 144 -29.74 -30.79 3.12
C GLU I 144 -29.90 -32.16 2.47
N ALA I 145 -29.39 -33.19 3.14
CA ALA I 145 -29.46 -34.55 2.62
C ALA I 145 -29.16 -35.52 3.75
N LYS I 146 -29.70 -36.73 3.63
CA LYS I 146 -29.51 -37.79 4.61
C LYS I 146 -28.80 -38.98 3.97
N VAL I 147 -27.85 -39.55 4.69
CA VAL I 147 -27.15 -40.76 4.28
C VAL I 147 -27.18 -41.73 5.46
N GLN I 148 -27.69 -42.93 5.23
CA GLN I 148 -27.74 -43.96 6.25
C GLN I 148 -26.97 -45.18 5.80
N TRP I 149 -26.39 -45.88 6.77
CA TRP I 149 -25.58 -47.06 6.53
C TRP I 149 -26.34 -48.31 6.98
N LYS I 150 -26.36 -49.33 6.12
CA LYS I 150 -27.05 -50.57 6.40
C LYS I 150 -26.09 -51.74 6.17
N VAL I 151 -25.92 -52.56 7.19
CA VAL I 151 -25.15 -53.80 7.10
C VAL I 151 -26.09 -54.94 7.49
N ASP I 152 -26.35 -55.84 6.54
CA ASP I 152 -27.33 -56.90 6.74
C ASP I 152 -28.66 -56.32 7.21
N ASN I 153 -29.09 -55.25 6.54
CA ASN I 153 -30.38 -54.61 6.82
C ASN I 153 -30.51 -54.20 8.28
N ALA I 154 -29.40 -53.80 8.90
CA ALA I 154 -29.39 -53.28 10.26
C ALA I 154 -28.66 -51.95 10.28
N LEU I 155 -29.32 -50.92 10.81
CA LEU I 155 -28.75 -49.58 10.83
C LEU I 155 -27.68 -49.46 11.91
N GLN I 156 -26.64 -48.68 11.63
CA GLN I 156 -25.56 -48.43 12.57
C GLN I 156 -25.59 -46.97 13.00
N SER I 157 -25.68 -46.75 14.31
CA SER I 157 -25.48 -45.43 14.88
C SER I 157 -24.01 -45.25 15.21
N GLY I 158 -23.47 -44.09 14.88
CA GLY I 158 -22.05 -43.86 15.03
C GLY I 158 -21.26 -44.72 14.07
N ASN I 159 -19.93 -44.65 14.22
CA ASN I 159 -18.99 -45.29 13.32
C ASN I 159 -19.08 -44.73 11.91
N SER I 160 -19.61 -43.51 11.76
CA SER I 160 -19.78 -42.88 10.47
C SER I 160 -19.49 -41.40 10.62
N GLN I 161 -18.60 -40.87 9.79
CA GLN I 161 -18.22 -39.47 9.81
C GLN I 161 -18.42 -38.89 8.42
N GLU I 162 -19.09 -37.74 8.36
CA GLU I 162 -19.42 -37.09 7.10
C GLU I 162 -18.60 -35.82 6.94
N SER I 163 -18.22 -35.54 5.69
CA SER I 163 -17.54 -34.31 5.33
C SER I 163 -18.15 -33.79 4.04
N VAL I 164 -18.29 -32.47 3.95
CA VAL I 164 -18.95 -31.84 2.81
C VAL I 164 -18.08 -30.71 2.32
N THR I 165 -18.00 -30.56 1.00
CA THR I 165 -17.21 -29.50 0.40
C THR I 165 -17.99 -28.19 0.43
N GLU I 166 -17.29 -27.10 0.10
CA GLU I 166 -17.95 -25.82 -0.08
C GLU I 166 -18.64 -25.79 -1.44
N GLN I 167 -19.75 -25.05 -1.50
CA GLN I 167 -20.49 -24.88 -2.74
C GLN I 167 -19.53 -24.63 -3.90
N ASP I 168 -19.64 -25.44 -4.94
CA ASP I 168 -18.70 -25.36 -6.05
C ASP I 168 -18.75 -23.98 -6.70
N SER I 169 -17.60 -23.56 -7.22
CA SER I 169 -17.52 -22.27 -7.90
C SER I 169 -18.13 -22.32 -9.30
N LYS I 170 -18.17 -23.49 -9.92
CA LYS I 170 -18.66 -23.63 -11.30
C LYS I 170 -20.17 -23.84 -11.32
N ASP I 171 -20.61 -25.01 -10.85
CA ASP I 171 -22.02 -25.40 -10.89
C ASP I 171 -22.79 -25.04 -9.63
N SER I 172 -22.10 -24.60 -8.57
CA SER I 172 -22.77 -24.16 -7.34
C SER I 172 -23.56 -25.30 -6.70
N THR I 173 -22.88 -26.44 -6.55
CA THR I 173 -23.47 -27.62 -5.93
C THR I 173 -22.55 -28.08 -4.80
N TYR I 174 -23.08 -28.96 -3.96
CA TYR I 174 -22.33 -29.55 -2.86
C TYR I 174 -21.99 -31.00 -3.18
N SER I 175 -21.03 -31.53 -2.44
CA SER I 175 -20.64 -32.94 -2.52
C SER I 175 -20.36 -33.42 -1.12
N LEU I 176 -20.83 -34.63 -0.81
CA LEU I 176 -20.73 -35.20 0.52
C LEU I 176 -20.04 -36.56 0.45
N SER I 177 -19.41 -36.95 1.55
CA SER I 177 -18.80 -38.27 1.66
C SER I 177 -18.99 -38.77 3.09
N SER I 178 -19.68 -39.89 3.25
CA SER I 178 -19.80 -40.57 4.53
C SER I 178 -18.92 -41.82 4.50
N THR I 179 -18.09 -41.97 5.52
CA THR I 179 -17.17 -43.09 5.62
C THR I 179 -17.57 -43.99 6.78
N LEU I 180 -17.67 -45.28 6.51
CA LEU I 180 -18.00 -46.29 7.52
C LEU I 180 -16.72 -47.02 7.89
N THR I 181 -16.27 -46.86 9.13
CA THR I 181 -14.97 -47.33 9.57
C THR I 181 -15.16 -48.55 10.46
N LEU I 182 -14.54 -49.67 10.08
CA LEU I 182 -14.73 -50.94 10.79
C LEU I 182 -13.41 -51.69 10.87
N SER I 183 -13.43 -52.74 11.70
CA SER I 183 -12.30 -53.65 11.84
C SER I 183 -12.51 -54.89 10.96
N LYS I 184 -11.42 -55.59 10.69
CA LYS I 184 -11.52 -56.84 9.92
C LYS I 184 -12.58 -57.74 10.51
N ALA I 185 -12.65 -57.84 11.83
CA ALA I 185 -13.58 -58.73 12.50
C ALA I 185 -15.01 -58.37 12.15
N ASP I 186 -15.46 -57.20 12.59
CA ASP I 186 -16.84 -56.77 12.34
C ASP I 186 -17.13 -56.63 10.85
N TYR I 187 -16.10 -56.51 10.01
CA TYR I 187 -16.32 -56.42 8.58
C TYR I 187 -16.53 -57.80 7.96
N GLU I 188 -15.72 -58.78 8.38
CA GLU I 188 -15.86 -60.13 7.85
C GLU I 188 -17.07 -60.87 8.42
N LYS I 189 -17.57 -60.44 9.59
CA LYS I 189 -18.76 -61.07 10.16
C LYS I 189 -19.95 -60.96 9.22
N HIS I 190 -20.00 -59.92 8.40
CA HIS I 190 -21.17 -59.62 7.59
C HIS I 190 -20.80 -59.66 6.11
N LYS I 191 -21.82 -59.52 5.25
CA LYS I 191 -21.67 -59.86 3.85
C LYS I 191 -22.09 -58.74 2.90
N VAL I 192 -23.10 -57.97 3.28
CA VAL I 192 -23.69 -56.95 2.42
C VAL I 192 -23.60 -55.59 3.11
N TYR I 193 -23.15 -54.59 2.36
CA TYR I 193 -23.04 -53.22 2.85
C TYR I 193 -23.72 -52.29 1.85
N ALA I 194 -24.63 -51.45 2.34
CA ALA I 194 -25.42 -50.59 1.48
C ALA I 194 -25.41 -49.16 2.00
N CYS I 195 -25.78 -48.24 1.11
CA CYS I 195 -25.80 -46.81 1.42
C CYS I 195 -27.09 -46.23 0.87
N GLU I 196 -27.89 -45.63 1.75
CA GLU I 196 -29.24 -45.17 1.41
C GLU I 196 -29.28 -43.65 1.43
N VAL I 197 -29.62 -43.05 0.29
CA VAL I 197 -29.53 -41.61 0.08
C VAL I 197 -30.93 -41.06 -0.17
N THR I 198 -31.26 -39.95 0.49
CA THR I 198 -32.51 -39.23 0.27
C THR I 198 -32.21 -37.76 0.03
N HIS I 199 -32.97 -37.14 -0.87
CA HIS I 199 -32.70 -35.75 -1.23
C HIS I 199 -33.89 -35.16 -1.96
N GLN I 200 -34.05 -33.83 -1.83
CA GLN I 200 -35.14 -33.13 -2.51
C GLN I 200 -35.24 -33.50 -3.98
N GLY I 201 -34.10 -33.79 -4.61
CA GLY I 201 -34.07 -34.14 -6.01
C GLY I 201 -34.28 -35.61 -6.32
N LEU I 202 -34.56 -36.41 -5.30
CA LEU I 202 -34.82 -37.84 -5.48
C LEU I 202 -36.29 -38.11 -5.17
N SER I 203 -37.01 -38.67 -6.16
CA SER I 203 -38.37 -39.10 -5.92
C SER I 203 -38.44 -40.10 -4.77
N SER I 204 -37.52 -41.07 -4.77
CA SER I 204 -37.47 -42.09 -3.74
C SER I 204 -36.00 -42.35 -3.39
N PRO I 205 -35.74 -42.86 -2.19
CA PRO I 205 -34.35 -43.14 -1.80
C PRO I 205 -33.65 -44.04 -2.81
N VAL I 206 -32.49 -43.60 -3.28
CA VAL I 206 -31.62 -44.43 -4.08
C VAL I 206 -30.66 -45.16 -3.14
N THR I 207 -30.16 -46.31 -3.58
CA THR I 207 -29.22 -47.08 -2.78
C THR I 207 -28.15 -47.69 -3.68
N LYS I 208 -26.91 -47.67 -3.19
CA LYS I 208 -25.79 -48.34 -3.82
C LYS I 208 -25.24 -49.38 -2.85
N SER I 209 -24.82 -50.53 -3.36
CA SER I 209 -24.44 -51.62 -2.48
C SER I 209 -23.59 -52.63 -3.24
N PHE I 210 -22.93 -53.49 -2.48
CA PHE I 210 -22.04 -54.51 -3.01
C PHE I 210 -21.94 -55.64 -1.99
N ASN I 211 -21.40 -56.77 -2.45
CA ASN I 211 -21.15 -57.93 -1.59
C ASN I 211 -19.66 -58.26 -1.66
N ARG I 212 -19.01 -58.33 -0.50
CA ARG I 212 -17.58 -58.61 -0.46
C ARG I 212 -17.26 -59.91 -1.16
N GLY I 213 -16.19 -59.89 -1.96
CA GLY I 213 -15.77 -61.04 -2.74
C GLY I 213 -15.60 -60.69 -4.21
N GLU I 214 -16.18 -59.58 -4.62
CA GLU I 214 -16.13 -59.15 -6.02
C GLU I 214 -14.78 -58.53 -6.34
#